data_3RRQ
# 
_entry.id   3RRQ 
# 
_audit_conform.dict_name       mmcif_pdbx.dic 
_audit_conform.dict_version    5.397 
_audit_conform.dict_location   http://mmcif.pdb.org/dictionaries/ascii/mmcif_pdbx.dic 
# 
loop_
_database_2.database_id 
_database_2.database_code 
_database_2.pdbx_database_accession 
_database_2.pdbx_DOI 
PDB   3RRQ         pdb_00003rrq 10.2210/pdb3rrq/pdb 
RCSB  RCSB065297   ?            ?                   
WWPDB D_1000065297 ?            ?                   
# 
loop_
_pdbx_audit_revision_history.ordinal 
_pdbx_audit_revision_history.data_content_type 
_pdbx_audit_revision_history.major_revision 
_pdbx_audit_revision_history.minor_revision 
_pdbx_audit_revision_history.revision_date 
1 'Structure model' 1 0 2012-05-16 
2 'Structure model' 1 1 2023-09-13 
3 'Structure model' 1 2 2024-10-16 
# 
_pdbx_audit_revision_details.ordinal             1 
_pdbx_audit_revision_details.revision_ordinal    1 
_pdbx_audit_revision_details.data_content_type   'Structure model' 
_pdbx_audit_revision_details.provider            repository 
_pdbx_audit_revision_details.type                'Initial release' 
_pdbx_audit_revision_details.description         ? 
_pdbx_audit_revision_details.details             ? 
# 
loop_
_pdbx_audit_revision_group.ordinal 
_pdbx_audit_revision_group.revision_ordinal 
_pdbx_audit_revision_group.data_content_type 
_pdbx_audit_revision_group.group 
1 2 'Structure model' 'Data collection'        
2 2 'Structure model' 'Database references'    
3 2 'Structure model' 'Refinement description' 
4 3 'Structure model' 'Structure summary'      
# 
loop_
_pdbx_audit_revision_category.ordinal 
_pdbx_audit_revision_category.revision_ordinal 
_pdbx_audit_revision_category.data_content_type 
_pdbx_audit_revision_category.category 
1 2 'Structure model' chem_comp_atom                
2 2 'Structure model' chem_comp_bond                
3 2 'Structure model' database_2                    
4 2 'Structure model' pdbx_initial_refinement_model 
5 2 'Structure model' struct_ref_seq_dif            
6 3 'Structure model' pdbx_entry_details            
7 3 'Structure model' pdbx_modification_feature     
# 
loop_
_pdbx_audit_revision_item.ordinal 
_pdbx_audit_revision_item.revision_ordinal 
_pdbx_audit_revision_item.data_content_type 
_pdbx_audit_revision_item.item 
1 2 'Structure model' '_database_2.pdbx_DOI'                
2 2 'Structure model' '_database_2.pdbx_database_accession' 
3 2 'Structure model' '_struct_ref_seq_dif.details'         
# 
_pdbx_database_status.entry_id                        3RRQ 
_pdbx_database_status.status_code                     REL 
_pdbx_database_status.deposit_site                    RCSB 
_pdbx_database_status.process_site                    RCSB 
_pdbx_database_status.recvd_initial_deposition_date   2011-04-29 
_pdbx_database_status.status_code_sf                  REL 
_pdbx_database_status.status_code_mr                  ? 
_pdbx_database_status.SG_entry                        ? 
_pdbx_database_status.status_code_cs                  ? 
_pdbx_database_status.methods_development_category    ? 
_pdbx_database_status.pdb_format_compatible           Y 
_pdbx_database_status.status_code_nmr_data            ? 
# 
loop_
_audit_author.name 
_audit_author.pdbx_ordinal 
'Lazar-Molnar, E.' 1 
'Ramagopal, U.A.'  2 
'Nathenson, S.G.'  3 
'Almo, S.C.'       4 
# 
_citation.id                        primary 
_citation.title                     'Crystal structure of the extracellular domain of human  PD-1' 
_citation.journal_abbrev            'To be Published' 
_citation.journal_volume            ? 
_citation.page_first                ? 
_citation.page_last                 ? 
_citation.year                      ? 
_citation.journal_id_ASTM           ? 
_citation.country                   ? 
_citation.journal_id_ISSN           ? 
_citation.journal_id_CSD            0353 
_citation.book_publisher            ? 
_citation.pdbx_database_id_PubMed   ? 
_citation.pdbx_database_id_DOI      ? 
# 
loop_
_citation_author.citation_id 
_citation_author.name 
_citation_author.ordinal 
_citation_author.identifier_ORCID 
primary 'Lazar-Molnar, E.' 1 ? 
primary 'Ramagopal, U.A.'  2 ? 
primary 'Nathenson, S.G.'  3 ? 
primary 'Almo, S.C.'       4 ? 
# 
loop_
_entity.id 
_entity.type 
_entity.src_method 
_entity.pdbx_description 
_entity.formula_weight 
_entity.pdbx_number_of_molecules 
_entity.pdbx_ec 
_entity.pdbx_mutation 
_entity.pdbx_fragment 
_entity.details 
1 polymer man 'Programmed cell death protein 1' 14445.148 1  ? A132L 'Residues 32-160' ? 
2 water   nat water                             18.015    35 ? ?     ?                 ? 
# 
_entity_name_com.entity_id   1 
_entity_name_com.name        'Protein PD-1' 
# 
_entity_poly.entity_id                      1 
_entity_poly.type                           'polypeptide(L)' 
_entity_poly.nstd_linkage                   no 
_entity_poly.nstd_monomer                   no 
_entity_poly.pdbx_seq_one_letter_code       
;WNPPTFSPALLVVTEGDNATFTCSFSNTSESFVLNWYRMSPSNQTDKLAAFPEDRSQPGQDCRFRVTQLPNGRDFHMSVV
RARRNDSGTYLCGAISLAPKLQIKESLRAELRVTERRAEVPTAHPSPSP
;
_entity_poly.pdbx_seq_one_letter_code_can   
;WNPPTFSPALLVVTEGDNATFTCSFSNTSESFVLNWYRMSPSNQTDKLAAFPEDRSQPGQDCRFRVTQLPNGRDFHMSVV
RARRNDSGTYLCGAISLAPKLQIKESLRAELRVTERRAEVPTAHPSPSP
;
_entity_poly.pdbx_strand_id                 A 
_entity_poly.pdbx_target_identifier         ? 
# 
_pdbx_entity_nonpoly.entity_id   2 
_pdbx_entity_nonpoly.name        water 
_pdbx_entity_nonpoly.comp_id     HOH 
# 
loop_
_entity_poly_seq.entity_id 
_entity_poly_seq.num 
_entity_poly_seq.mon_id 
_entity_poly_seq.hetero 
1 1   TRP n 
1 2   ASN n 
1 3   PRO n 
1 4   PRO n 
1 5   THR n 
1 6   PHE n 
1 7   SER n 
1 8   PRO n 
1 9   ALA n 
1 10  LEU n 
1 11  LEU n 
1 12  VAL n 
1 13  VAL n 
1 14  THR n 
1 15  GLU n 
1 16  GLY n 
1 17  ASP n 
1 18  ASN n 
1 19  ALA n 
1 20  THR n 
1 21  PHE n 
1 22  THR n 
1 23  CYS n 
1 24  SER n 
1 25  PHE n 
1 26  SER n 
1 27  ASN n 
1 28  THR n 
1 29  SER n 
1 30  GLU n 
1 31  SER n 
1 32  PHE n 
1 33  VAL n 
1 34  LEU n 
1 35  ASN n 
1 36  TRP n 
1 37  TYR n 
1 38  ARG n 
1 39  MET n 
1 40  SER n 
1 41  PRO n 
1 42  SER n 
1 43  ASN n 
1 44  GLN n 
1 45  THR n 
1 46  ASP n 
1 47  LYS n 
1 48  LEU n 
1 49  ALA n 
1 50  ALA n 
1 51  PHE n 
1 52  PRO n 
1 53  GLU n 
1 54  ASP n 
1 55  ARG n 
1 56  SER n 
1 57  GLN n 
1 58  PRO n 
1 59  GLY n 
1 60  GLN n 
1 61  ASP n 
1 62  CYS n 
1 63  ARG n 
1 64  PHE n 
1 65  ARG n 
1 66  VAL n 
1 67  THR n 
1 68  GLN n 
1 69  LEU n 
1 70  PRO n 
1 71  ASN n 
1 72  GLY n 
1 73  ARG n 
1 74  ASP n 
1 75  PHE n 
1 76  HIS n 
1 77  MET n 
1 78  SER n 
1 79  VAL n 
1 80  VAL n 
1 81  ARG n 
1 82  ALA n 
1 83  ARG n 
1 84  ARG n 
1 85  ASN n 
1 86  ASP n 
1 87  SER n 
1 88  GLY n 
1 89  THR n 
1 90  TYR n 
1 91  LEU n 
1 92  CYS n 
1 93  GLY n 
1 94  ALA n 
1 95  ILE n 
1 96  SER n 
1 97  LEU n 
1 98  ALA n 
1 99  PRO n 
1 100 LYS n 
1 101 LEU n 
1 102 GLN n 
1 103 ILE n 
1 104 LYS n 
1 105 GLU n 
1 106 SER n 
1 107 LEU n 
1 108 ARG n 
1 109 ALA n 
1 110 GLU n 
1 111 LEU n 
1 112 ARG n 
1 113 VAL n 
1 114 THR n 
1 115 GLU n 
1 116 ARG n 
1 117 ARG n 
1 118 ALA n 
1 119 GLU n 
1 120 VAL n 
1 121 PRO n 
1 122 THR n 
1 123 ALA n 
1 124 HIS n 
1 125 PRO n 
1 126 SER n 
1 127 PRO n 
1 128 SER n 
1 129 PRO n 
# 
_entity_src_gen.entity_id                          1 
_entity_src_gen.pdbx_src_id                        1 
_entity_src_gen.pdbx_alt_source_flag               sample 
_entity_src_gen.pdbx_seq_type                      ? 
_entity_src_gen.pdbx_beg_seq_num                   ? 
_entity_src_gen.pdbx_end_seq_num                   ? 
_entity_src_gen.gene_src_common_name               human 
_entity_src_gen.gene_src_genus                     ? 
_entity_src_gen.pdbx_gene_src_gene                 'PD-1, PD1, PDCD1' 
_entity_src_gen.gene_src_species                   ? 
_entity_src_gen.gene_src_strain                    ? 
_entity_src_gen.gene_src_tissue                    ? 
_entity_src_gen.gene_src_tissue_fraction           ? 
_entity_src_gen.gene_src_details                   ? 
_entity_src_gen.pdbx_gene_src_fragment             ? 
_entity_src_gen.pdbx_gene_src_scientific_name      'Homo sapiens' 
_entity_src_gen.pdbx_gene_src_ncbi_taxonomy_id     9606 
_entity_src_gen.pdbx_gene_src_variant              ? 
_entity_src_gen.pdbx_gene_src_cell_line            ? 
_entity_src_gen.pdbx_gene_src_atcc                 ? 
_entity_src_gen.pdbx_gene_src_organ                ? 
_entity_src_gen.pdbx_gene_src_organelle            ? 
_entity_src_gen.pdbx_gene_src_cell                 ? 
_entity_src_gen.pdbx_gene_src_cellular_location    ? 
_entity_src_gen.host_org_common_name               ? 
_entity_src_gen.pdbx_host_org_scientific_name      'Escherichia coli' 
_entity_src_gen.pdbx_host_org_ncbi_taxonomy_id     469008 
_entity_src_gen.host_org_genus                     ? 
_entity_src_gen.pdbx_host_org_gene                 ? 
_entity_src_gen.pdbx_host_org_organ                ? 
_entity_src_gen.host_org_species                   ? 
_entity_src_gen.pdbx_host_org_tissue               ? 
_entity_src_gen.pdbx_host_org_tissue_fraction      ? 
_entity_src_gen.pdbx_host_org_strain               'Rosetta (DE3) pLysS' 
_entity_src_gen.pdbx_host_org_variant              ? 
_entity_src_gen.pdbx_host_org_cell_line            ? 
_entity_src_gen.pdbx_host_org_atcc                 ? 
_entity_src_gen.pdbx_host_org_culture_collection   ? 
_entity_src_gen.pdbx_host_org_cell                 ? 
_entity_src_gen.pdbx_host_org_organelle            ? 
_entity_src_gen.pdbx_host_org_cellular_location    ? 
_entity_src_gen.pdbx_host_org_vector_type          plasmid 
_entity_src_gen.pdbx_host_org_vector               ? 
_entity_src_gen.host_org_details                   ? 
_entity_src_gen.expression_system_id               ? 
_entity_src_gen.plasmid_name                       pET-3a 
_entity_src_gen.plasmid_details                    ? 
_entity_src_gen.pdbx_description                   ? 
# 
loop_
_chem_comp.id 
_chem_comp.type 
_chem_comp.mon_nstd_flag 
_chem_comp.name 
_chem_comp.pdbx_synonyms 
_chem_comp.formula 
_chem_comp.formula_weight 
ALA 'L-peptide linking' y ALANINE         ? 'C3 H7 N O2'     89.093  
ARG 'L-peptide linking' y ARGININE        ? 'C6 H15 N4 O2 1' 175.209 
ASN 'L-peptide linking' y ASPARAGINE      ? 'C4 H8 N2 O3'    132.118 
ASP 'L-peptide linking' y 'ASPARTIC ACID' ? 'C4 H7 N O4'     133.103 
CYS 'L-peptide linking' y CYSTEINE        ? 'C3 H7 N O2 S'   121.158 
GLN 'L-peptide linking' y GLUTAMINE       ? 'C5 H10 N2 O3'   146.144 
GLU 'L-peptide linking' y 'GLUTAMIC ACID' ? 'C5 H9 N O4'     147.129 
GLY 'peptide linking'   y GLYCINE         ? 'C2 H5 N O2'     75.067  
HIS 'L-peptide linking' y HISTIDINE       ? 'C6 H10 N3 O2 1' 156.162 
HOH non-polymer         . WATER           ? 'H2 O'           18.015  
ILE 'L-peptide linking' y ISOLEUCINE      ? 'C6 H13 N O2'    131.173 
LEU 'L-peptide linking' y LEUCINE         ? 'C6 H13 N O2'    131.173 
LYS 'L-peptide linking' y LYSINE          ? 'C6 H15 N2 O2 1' 147.195 
MET 'L-peptide linking' y METHIONINE      ? 'C5 H11 N O2 S'  149.211 
PHE 'L-peptide linking' y PHENYLALANINE   ? 'C9 H11 N O2'    165.189 
PRO 'L-peptide linking' y PROLINE         ? 'C5 H9 N O2'     115.130 
SER 'L-peptide linking' y SERINE          ? 'C3 H7 N O3'     105.093 
THR 'L-peptide linking' y THREONINE       ? 'C4 H9 N O3'     119.119 
TRP 'L-peptide linking' y TRYPTOPHAN      ? 'C11 H12 N2 O2'  204.225 
TYR 'L-peptide linking' y TYROSINE        ? 'C9 H11 N O3'    181.189 
VAL 'L-peptide linking' y VALINE          ? 'C5 H11 N O2'    117.146 
# 
loop_
_pdbx_poly_seq_scheme.asym_id 
_pdbx_poly_seq_scheme.entity_id 
_pdbx_poly_seq_scheme.seq_id 
_pdbx_poly_seq_scheme.mon_id 
_pdbx_poly_seq_scheme.ndb_seq_num 
_pdbx_poly_seq_scheme.pdb_seq_num 
_pdbx_poly_seq_scheme.auth_seq_num 
_pdbx_poly_seq_scheme.pdb_mon_id 
_pdbx_poly_seq_scheme.auth_mon_id 
_pdbx_poly_seq_scheme.pdb_strand_id 
_pdbx_poly_seq_scheme.pdb_ins_code 
_pdbx_poly_seq_scheme.hetero 
A 1 1   TRP 1   32  ?   ?   ?   A . n 
A 1 2   ASN 2   33  33  ASN ASN A . n 
A 1 3   PRO 3   34  34  PRO PRO A . n 
A 1 4   PRO 4   35  35  PRO PRO A . n 
A 1 5   THR 5   36  36  THR THR A . n 
A 1 6   PHE 6   37  37  PHE PHE A . n 
A 1 7   SER 7   38  38  SER SER A . n 
A 1 8   PRO 8   39  39  PRO PRO A . n 
A 1 9   ALA 9   40  40  ALA ALA A . n 
A 1 10  LEU 10  41  41  LEU LEU A . n 
A 1 11  LEU 11  42  42  LEU LEU A . n 
A 1 12  VAL 12  43  43  VAL VAL A . n 
A 1 13  VAL 13  44  44  VAL VAL A . n 
A 1 14  THR 14  45  45  THR THR A . n 
A 1 15  GLU 15  46  46  GLU GLU A . n 
A 1 16  GLY 16  47  47  GLY GLY A . n 
A 1 17  ASP 17  48  48  ASP ASP A . n 
A 1 18  ASN 18  49  49  ASN ASN A . n 
A 1 19  ALA 19  50  50  ALA ALA A . n 
A 1 20  THR 20  51  51  THR THR A . n 
A 1 21  PHE 21  52  52  PHE PHE A . n 
A 1 22  THR 22  53  53  THR THR A . n 
A 1 23  CYS 23  54  54  CYS CYS A . n 
A 1 24  SER 24  55  55  SER SER A . n 
A 1 25  PHE 25  56  56  PHE PHE A . n 
A 1 26  SER 26  57  57  SER SER A . n 
A 1 27  ASN 27  58  58  ASN ASN A . n 
A 1 28  THR 28  59  59  THR THR A . n 
A 1 29  SER 29  60  60  SER SER A . n 
A 1 30  GLU 30  61  ?   ?   ?   A . n 
A 1 31  SER 31  62  62  SER SER A . n 
A 1 32  PHE 32  63  63  PHE PHE A . n 
A 1 33  VAL 33  64  64  VAL VAL A . n 
A 1 34  LEU 34  65  65  LEU LEU A . n 
A 1 35  ASN 35  66  66  ASN ASN A . n 
A 1 36  TRP 36  67  67  TRP TRP A . n 
A 1 37  TYR 37  68  68  TYR TYR A . n 
A 1 38  ARG 38  69  69  ARG ARG A . n 
A 1 39  MET 39  70  70  MET MET A . n 
A 1 40  SER 40  71  71  SER SER A . n 
A 1 41  PRO 41  72  72  PRO PRO A . n 
A 1 42  SER 42  73  73  SER SER A . n 
A 1 43  ASN 43  74  74  ASN ASN A . n 
A 1 44  GLN 44  75  75  GLN GLN A . n 
A 1 45  THR 45  76  76  THR THR A . n 
A 1 46  ASP 46  77  77  ASP ASP A . n 
A 1 47  LYS 47  78  78  LYS LYS A . n 
A 1 48  LEU 48  79  79  LEU LEU A . n 
A 1 49  ALA 49  80  80  ALA ALA A . n 
A 1 50  ALA 50  81  81  ALA ALA A . n 
A 1 51  PHE 51  82  82  PHE PHE A . n 
A 1 52  PRO 52  83  83  PRO PRO A . n 
A 1 53  GLU 53  84  84  GLU GLU A . n 
A 1 54  ASP 54  85  ?   ?   ?   A . n 
A 1 55  ARG 55  86  ?   ?   ?   A . n 
A 1 56  SER 56  87  ?   ?   ?   A . n 
A 1 57  GLN 57  88  ?   ?   ?   A . n 
A 1 58  PRO 58  89  ?   ?   ?   A . n 
A 1 59  GLY 59  90  ?   ?   ?   A . n 
A 1 60  GLN 60  91  ?   ?   ?   A . n 
A 1 61  ASP 61  92  ?   ?   ?   A . n 
A 1 62  CYS 62  93  93  CYS CYS A . n 
A 1 63  ARG 63  94  94  ARG ARG A . n 
A 1 64  PHE 64  95  95  PHE PHE A . n 
A 1 65  ARG 65  96  96  ARG ARG A . n 
A 1 66  VAL 66  97  97  VAL VAL A . n 
A 1 67  THR 67  98  98  THR THR A . n 
A 1 68  GLN 68  99  99  GLN GLN A . n 
A 1 69  LEU 69  100 100 LEU LEU A . n 
A 1 70  PRO 70  101 101 PRO PRO A . n 
A 1 71  ASN 71  102 102 ASN ASN A . n 
A 1 72  GLY 72  103 103 GLY GLY A . n 
A 1 73  ARG 73  104 104 ARG ARG A . n 
A 1 74  ASP 74  105 105 ASP ASP A . n 
A 1 75  PHE 75  106 106 PHE PHE A . n 
A 1 76  HIS 76  107 107 HIS HIS A . n 
A 1 77  MET 77  108 108 MET MET A . n 
A 1 78  SER 78  109 109 SER SER A . n 
A 1 79  VAL 79  110 110 VAL VAL A . n 
A 1 80  VAL 80  111 111 VAL VAL A . n 
A 1 81  ARG 81  112 112 ARG ARG A . n 
A 1 82  ALA 82  113 113 ALA ALA A . n 
A 1 83  ARG 83  114 114 ARG ARG A . n 
A 1 84  ARG 84  115 115 ARG ARG A . n 
A 1 85  ASN 85  116 116 ASN ASN A . n 
A 1 86  ASP 86  117 117 ASP ASP A . n 
A 1 87  SER 87  118 118 SER SER A . n 
A 1 88  GLY 88  119 119 GLY GLY A . n 
A 1 89  THR 89  120 120 THR THR A . n 
A 1 90  TYR 90  121 121 TYR TYR A . n 
A 1 91  LEU 91  122 122 LEU LEU A . n 
A 1 92  CYS 92  123 123 CYS CYS A . n 
A 1 93  GLY 93  124 124 GLY GLY A . n 
A 1 94  ALA 94  125 125 ALA ALA A . n 
A 1 95  ILE 95  126 126 ILE ILE A . n 
A 1 96  SER 96  127 127 SER SER A . n 
A 1 97  LEU 97  128 128 LEU LEU A . n 
A 1 98  ALA 98  129 129 ALA ALA A . n 
A 1 99  PRO 99  130 130 PRO PRO A . n 
A 1 100 LYS 100 131 131 LYS LYS A . n 
A 1 101 LEU 101 132 132 LEU LEU A . n 
A 1 102 GLN 102 133 133 GLN GLN A . n 
A 1 103 ILE 103 134 134 ILE ILE A . n 
A 1 104 LYS 104 135 135 LYS LYS A . n 
A 1 105 GLU 105 136 136 GLU GLU A . n 
A 1 106 SER 106 137 137 SER SER A . n 
A 1 107 LEU 107 138 138 LEU LEU A . n 
A 1 108 ARG 108 139 139 ARG ARG A . n 
A 1 109 ALA 109 140 140 ALA ALA A . n 
A 1 110 GLU 110 141 141 GLU GLU A . n 
A 1 111 LEU 111 142 142 LEU LEU A . n 
A 1 112 ARG 112 143 143 ARG ARG A . n 
A 1 113 VAL 113 144 144 VAL VAL A . n 
A 1 114 THR 114 145 145 THR THR A . n 
A 1 115 GLU 115 146 146 GLU GLU A . n 
A 1 116 ARG 116 147 147 ARG ARG A . n 
A 1 117 ARG 117 148 148 ARG ARG A . n 
A 1 118 ALA 118 149 149 ALA ALA A . n 
A 1 119 GLU 119 150 ?   ?   ?   A . n 
A 1 120 VAL 120 151 ?   ?   ?   A . n 
A 1 121 PRO 121 152 ?   ?   ?   A . n 
A 1 122 THR 122 153 ?   ?   ?   A . n 
A 1 123 ALA 123 154 ?   ?   ?   A . n 
A 1 124 HIS 124 155 ?   ?   ?   A . n 
A 1 125 PRO 125 156 ?   ?   ?   A . n 
A 1 126 SER 126 157 ?   ?   ?   A . n 
A 1 127 PRO 127 158 ?   ?   ?   A . n 
A 1 128 SER 128 159 ?   ?   ?   A . n 
A 1 129 PRO 129 160 ?   ?   ?   A . n 
# 
loop_
_pdbx_nonpoly_scheme.asym_id 
_pdbx_nonpoly_scheme.entity_id 
_pdbx_nonpoly_scheme.mon_id 
_pdbx_nonpoly_scheme.ndb_seq_num 
_pdbx_nonpoly_scheme.pdb_seq_num 
_pdbx_nonpoly_scheme.auth_seq_num 
_pdbx_nonpoly_scheme.pdb_mon_id 
_pdbx_nonpoly_scheme.auth_mon_id 
_pdbx_nonpoly_scheme.pdb_strand_id 
_pdbx_nonpoly_scheme.pdb_ins_code 
B 2 HOH 1  1   1  HOH HOH A . 
B 2 HOH 2  2   2  HOH HOH A . 
B 2 HOH 3  3   3  HOH HOH A . 
B 2 HOH 4  4   4  HOH HOH A . 
B 2 HOH 5  5   5  HOH HOH A . 
B 2 HOH 6  6   6  HOH HOH A . 
B 2 HOH 7  7   7  HOH HOH A . 
B 2 HOH 8  8   8  HOH HOH A . 
B 2 HOH 9  9   9  HOH HOH A . 
B 2 HOH 10 10  10 HOH HOH A . 
B 2 HOH 11 11  11 HOH HOH A . 
B 2 HOH 12 12  12 HOH HOH A . 
B 2 HOH 13 13  13 HOH HOH A . 
B 2 HOH 14 14  14 HOH HOH A . 
B 2 HOH 15 15  15 HOH HOH A . 
B 2 HOH 16 16  16 HOH HOH A . 
B 2 HOH 17 17  17 HOH HOH A . 
B 2 HOH 18 18  18 HOH HOH A . 
B 2 HOH 19 19  19 HOH HOH A . 
B 2 HOH 20 20  20 HOH HOH A . 
B 2 HOH 21 21  21 HOH HOH A . 
B 2 HOH 22 22  22 HOH HOH A . 
B 2 HOH 23 23  23 HOH HOH A . 
B 2 HOH 24 24  24 HOH HOH A . 
B 2 HOH 25 25  25 HOH HOH A . 
B 2 HOH 26 26  26 HOH HOH A . 
B 2 HOH 27 27  27 HOH HOH A . 
B 2 HOH 28 28  28 HOH HOH A . 
B 2 HOH 29 29  29 HOH HOH A . 
B 2 HOH 30 30  30 HOH HOH A . 
B 2 HOH 31 31  31 HOH HOH A . 
B 2 HOH 32 161 32 HOH HOH A . 
B 2 HOH 33 162 33 HOH HOH A . 
B 2 HOH 34 163 34 HOH HOH A . 
B 2 HOH 35 164 35 HOH HOH A . 
# 
loop_
_pdbx_unobs_or_zero_occ_atoms.id 
_pdbx_unobs_or_zero_occ_atoms.PDB_model_num 
_pdbx_unobs_or_zero_occ_atoms.polymer_flag 
_pdbx_unobs_or_zero_occ_atoms.occupancy_flag 
_pdbx_unobs_or_zero_occ_atoms.auth_asym_id 
_pdbx_unobs_or_zero_occ_atoms.auth_comp_id 
_pdbx_unobs_or_zero_occ_atoms.auth_seq_id 
_pdbx_unobs_or_zero_occ_atoms.PDB_ins_code 
_pdbx_unobs_or_zero_occ_atoms.auth_atom_id 
_pdbx_unobs_or_zero_occ_atoms.label_alt_id 
_pdbx_unobs_or_zero_occ_atoms.label_asym_id 
_pdbx_unobs_or_zero_occ_atoms.label_comp_id 
_pdbx_unobs_or_zero_occ_atoms.label_seq_id 
_pdbx_unobs_or_zero_occ_atoms.label_atom_id 
1 1 Y 1 A THR 59  ? OG1 ? A THR 28  OG1 
2 1 Y 1 A THR 59  ? CG2 ? A THR 28  CG2 
3 1 Y 1 A SER 60  ? OG  ? A SER 29  OG  
4 1 Y 1 A LYS 131 ? CD  ? A LYS 100 CD  
5 1 Y 1 A LYS 131 ? CE  ? A LYS 100 CE  
6 1 Y 1 A LYS 131 ? NZ  ? A LYS 100 NZ  
# 
loop_
_software.pdbx_ordinal 
_software.name 
_software.version 
_software.date 
_software.type 
_software.contact_author 
_software.contact_author_email 
_software.classification 
_software.location 
_software.language 
_software.citation_id 
1 SCALEPACK   .    ?               program 'Zbyszek Otwinowski' hkl@hkl-xray.com         'data scaling'    
http://www.hkl-xray.com/                     ?          ? 
2 REFMAC      .    ?               program 'Garib N. Murshudov' garib@ysbl.york.ac.uk    refinement        
http://www.ccp4.ac.uk/dist/html/refmac5.html Fortran_77 ? 
3 PDB_EXTRACT 3.10 'June 10, 2010' package PDB                  deposit@deposit.rcsb.org 'data extraction' 
http://sw-tools.pdb.org/apps/PDB_EXTRACT/    C++        ? 
4 CBASS       .    ?               ?       ?                    ?                        'data collection' ? ?          ? 
5 HKL-2000    .    ?               ?       ?                    ?                        'data reduction'  ? ?          ? 
6 MOLREP      .    ?               ?       ?                    ?                        phasing           ? ?          ? 
# 
_cell.length_a           46.020 
_cell.length_b           46.020 
_cell.length_c           187.395 
_cell.angle_alpha        90.000 
_cell.angle_beta         90.000 
_cell.angle_gamma        120.000 
_cell.entry_id           3RRQ 
_cell.pdbx_unique_axis   ? 
_cell.Z_PDB              12 
_cell.length_a_esd       ? 
_cell.length_b_esd       ? 
_cell.length_c_esd       ? 
_cell.angle_alpha_esd    ? 
_cell.angle_beta_esd     ? 
_cell.angle_gamma_esd    ? 
# 
_symmetry.space_group_name_H-M             'P 65 2 2' 
_symmetry.entry_id                         3RRQ 
_symmetry.Int_Tables_number                179 
_symmetry.pdbx_full_space_group_name_H-M   ? 
_symmetry.cell_setting                     ? 
_symmetry.space_group_name_Hall            ? 
# 
_exptl.entry_id          3RRQ 
_exptl.method            'X-RAY DIFFRACTION' 
_exptl.crystals_number   1 
# 
_exptl_crystal.id                    1 
_exptl_crystal.density_Matthews      1.98 
_exptl_crystal.density_meas          ? 
_exptl_crystal.density_percent_sol   37.97 
_exptl_crystal.description           ? 
_exptl_crystal.F_000                 ? 
_exptl_crystal.preparation           ? 
# 
_exptl_crystal_grow.crystal_id      1 
_exptl_crystal_grow.method          'VAPOR DIFFUSION, SITTING DROP' 
_exptl_crystal_grow.pH              8.5 
_exptl_crystal_grow.temp            298 
_exptl_crystal_grow.pdbx_details    
'3.5M Sodium formate, 0.1M Bis-Tris, pH 7.5, Vapor diffusion, Sitting drop, temperature 298K, VAPOR DIFFUSION, SITTING DROP' 
_exptl_crystal_grow.temp_details    ? 
_exptl_crystal_grow.pdbx_pH_range   ? 
# 
_diffrn.id                     1 
_diffrn.ambient_temp           100 
_diffrn.ambient_temp_details   ? 
_diffrn.crystal_id             1 
# 
_diffrn_detector.diffrn_id              1 
_diffrn_detector.detector               CCD 
_diffrn_detector.type                   'ADSC QUANTUM 315' 
_diffrn_detector.pdbx_collection_date   2008-01-01 
_diffrn_detector.details                ? 
# 
_diffrn_radiation.diffrn_id                        1 
_diffrn_radiation.pdbx_diffrn_protocol             'SINGLE WAVELENGTH' 
_diffrn_radiation.monochromator                    ? 
_diffrn_radiation.wavelength_id                    1 
_diffrn_radiation.pdbx_monochromatic_or_laue_m_l   M 
_diffrn_radiation.pdbx_scattering_type             x-ray 
# 
_diffrn_radiation_wavelength.id           1 
_diffrn_radiation_wavelength.wavelength   0.979 
_diffrn_radiation_wavelength.wt           1.0 
# 
_diffrn_source.diffrn_id                   1 
_diffrn_source.source                      SYNCHROTRON 
_diffrn_source.type                        'NSLS BEAMLINE X29A' 
_diffrn_source.pdbx_wavelength_list        0.979 
_diffrn_source.pdbx_wavelength             ? 
_diffrn_source.pdbx_synchrotron_site       NSLS 
_diffrn_source.pdbx_synchrotron_beamline   X29A 
# 
_reflns.entry_id                     3RRQ 
_reflns.d_resolution_high            2.100 
_reflns.d_resolution_low             50.000 
_reflns.number_obs                   7612 
_reflns.pdbx_Rmerge_I_obs            0.066 
_reflns.pdbx_netI_over_sigmaI        9.100 
_reflns.pdbx_chi_squared             1.012 
_reflns.pdbx_redundancy              17.400 
_reflns.percent_possible_obs         99.900 
_reflns.observed_criterion_sigma_F   ? 
_reflns.observed_criterion_sigma_I   ? 
_reflns.number_all                   7612 
_reflns.pdbx_Rsym_value              0.043 
_reflns.B_iso_Wilson_estimate        36.0 
_reflns.R_free_details               ? 
_reflns.limit_h_max                  ? 
_reflns.limit_h_min                  ? 
_reflns.limit_k_max                  ? 
_reflns.limit_k_min                  ? 
_reflns.limit_l_max                  ? 
_reflns.limit_l_min                  ? 
_reflns.observed_criterion_F_max     ? 
_reflns.observed_criterion_F_min     ? 
_reflns.pdbx_scaling_rejects         ? 
_reflns.pdbx_ordinal                 1 
_reflns.pdbx_diffrn_id               1 
# 
loop_
_reflns_shell.d_res_high 
_reflns_shell.d_res_low 
_reflns_shell.number_measured_obs 
_reflns_shell.number_measured_all 
_reflns_shell.number_unique_obs 
_reflns_shell.Rmerge_I_obs 
_reflns_shell.meanI_over_sigI_obs 
_reflns_shell.pdbx_Rsym_value 
_reflns_shell.pdbx_chi_squared 
_reflns_shell.pdbx_redundancy 
_reflns_shell.percent_possible_obs 
_reflns_shell.number_unique_all 
_reflns_shell.percent_possible_all 
_reflns_shell.pdbx_ordinal 
_reflns_shell.pdbx_diffrn_id 
2.100 2.180  ? ? ? 0.572 ? ? 0.958 18.300 ? 708 100.000 1  ? 
2.180 2.260  ? ? ? 0.477 ? ? 1.080 18.200 ? 725 100.000 2  ? 
2.260 2.370  ? ? ? 0.372 ? ? 0.998 18.100 ? 731 100.000 3  ? 
2.370 2.490  ? ? ? 0.293 ? ? 0.913 18.100 ? 737 100.000 4  ? 
2.490 2.650  ? ? ? 0.223 ? ? 0.976 18.000 ? 746 100.000 5  ? 
2.650 2.850  ? ? ? 0.137 ? ? 0.932 17.800 ? 751 100.000 6  ? 
2.850 3.140  ? ? ? 0.086 ? ? 1.048 17.600 ? 746 100.000 7  ? 
3.140 3.590  ? ? ? 0.066 ? ? 1.301 17.300 ? 777 100.000 8  ? 
3.590 4.520  ? ? ? 0.038 ? ? 0.953 16.500 ? 790 100.000 9  ? 
4.520 50.000 ? ? ? 0.026 ? ? 0.958 14.900 ? 901 99.300  10 ? 
# 
_refine.entry_id                                 3RRQ 
_refine.ls_d_res_high                            2.1000 
_refine.ls_d_res_low                             36.6900 
_refine.pdbx_ls_sigma_F                          0.000 
_refine.pdbx_data_cutoff_high_absF               ? 
_refine.pdbx_data_cutoff_low_absF                ? 
_refine.ls_percent_reflns_obs                    99.8500 
_refine.ls_number_reflns_obs                     7526 
_refine.ls_number_reflns_all                     ? 
_refine.pdbx_ls_cross_valid_method               THROUGHOUT 
_refine.pdbx_R_Free_selection_details            RANDOM 
_refine.details                                  'HYDROGENS HAVE BEEN ADDED IN THE RIDING POSITIONS U VALUES      : WITH TLS ADDED' 
_refine.ls_R_factor_all                          ? 
_refine.ls_R_factor_obs                          0.2159 
_refine.ls_R_factor_R_work                       0.2143 
_refine.ls_wR_factor_R_work                      0.2016 
_refine.ls_R_factor_R_free                       0.2488 
_refine.ls_wR_factor_R_free                      0.2339 
_refine.ls_percent_reflns_R_free                 4.7000 
_refine.ls_number_reflns_R_free                  350 
_refine.ls_R_factor_R_free_error                 ? 
_refine.B_iso_mean                               48.9633 
_refine.solvent_model_param_bsol                 ? 
_refine.solvent_model_param_ksol                 ? 
_refine.pdbx_isotropic_thermal_model             ? 
_refine.aniso_B[1][1]                            0.6700 
_refine.aniso_B[2][2]                            0.6700 
_refine.aniso_B[3][3]                            -1.0100 
_refine.aniso_B[1][2]                            0.3400 
_refine.aniso_B[1][3]                            0.0000 
_refine.aniso_B[2][3]                            0.0000 
_refine.correlation_coeff_Fo_to_Fc               0.9410 
_refine.correlation_coeff_Fo_to_Fc_free          0.9350 
_refine.overall_SU_R_Cruickshank_DPI             0.2301 
_refine.overall_SU_R_free                        0.1883 
_refine.pdbx_overall_ESU_R_Free                  0.1880 
_refine.overall_SU_ML                            0.1510 
_refine.overall_SU_B                             12.8690 
_refine.solvent_model_details                    'BABINET MODEL WITH MASK' 
_refine.pdbx_solvent_vdw_probe_radii             1.4000 
_refine.pdbx_solvent_ion_probe_radii             0.8000 
_refine.pdbx_solvent_shrinkage_radii             0.8000 
_refine.ls_number_parameters                     ? 
_refine.ls_number_restraints                     ? 
_refine.pdbx_starting_model                      1NPU 
_refine.pdbx_method_to_determine_struct          'MOLECULAR REPLACEMENT' 
_refine.pdbx_stereochemistry_target_values       'MAXIMUM LIKELIHOOD' 
_refine.pdbx_stereochem_target_val_spec_case     ? 
_refine.overall_FOM_work_R_set                   0.8019 
_refine.B_iso_max                                125.600 
_refine.B_iso_min                                20.330 
_refine.pdbx_overall_phase_error                 ? 
_refine.occupancy_max                            1.000 
_refine.occupancy_min                            0.500 
_refine.pdbx_ls_sigma_I                          ? 
_refine.ls_redundancy_reflns_obs                 ? 
_refine.ls_R_factor_R_free_error_details         ? 
_refine.pdbx_data_cutoff_high_rms_absF           ? 
_refine.overall_FOM_free_R_set                   ? 
_refine.pdbx_diffrn_id                           1 
_refine.pdbx_refine_id                           'X-RAY DIFFRACTION' 
_refine.pdbx_overall_ESU_R                       ? 
_refine.pdbx_TLS_residual_ADP_flag               ? 
_refine.pdbx_overall_SU_R_free_Cruickshank_DPI   ? 
_refine.pdbx_overall_SU_R_Blow_DPI               ? 
_refine.pdbx_overall_SU_R_free_Blow_DPI          ? 
# 
_refine_hist.pdbx_refine_id                   'X-RAY DIFFRACTION' 
_refine_hist.cycle_id                         LAST 
_refine_hist.pdbx_number_atoms_protein        845 
_refine_hist.pdbx_number_atoms_nucleic_acid   0 
_refine_hist.pdbx_number_atoms_ligand         0 
_refine_hist.number_atoms_solvent             35 
_refine_hist.number_atoms_total               880 
_refine_hist.d_res_high                       2.1000 
_refine_hist.d_res_low                        36.6900 
# 
loop_
_refine_ls_restr.type 
_refine_ls_restr.number 
_refine_ls_restr.dev_ideal 
_refine_ls_restr.dev_ideal_target 
_refine_ls_restr.weight 
_refine_ls_restr.pdbx_restraint_function 
_refine_ls_restr.pdbx_refine_id 
r_bond_refined_d       888  0.013  0.022  ? ? 'X-RAY DIFFRACTION' 
r_angle_refined_deg    1206 1.501  1.953  ? ? 'X-RAY DIFFRACTION' 
r_dihedral_angle_1_deg 111  7.361  5.000  ? ? 'X-RAY DIFFRACTION' 
r_dihedral_angle_2_deg 44   36.743 22.045 ? ? 'X-RAY DIFFRACTION' 
r_dihedral_angle_3_deg 145  16.183 15.000 ? ? 'X-RAY DIFFRACTION' 
r_dihedral_angle_4_deg 12   15.649 15.000 ? ? 'X-RAY DIFFRACTION' 
r_chiral_restr         134  0.111  0.200  ? ? 'X-RAY DIFFRACTION' 
r_gen_planes_refined   689  0.006  0.021  ? ? 'X-RAY DIFFRACTION' 
r_mcbond_it            552  2.019  2.000  ? ? 'X-RAY DIFFRACTION' 
r_mcangle_it           893  3.237  3.000  ? ? 'X-RAY DIFFRACTION' 
r_scbond_it            336  2.213  2.000  ? ? 'X-RAY DIFFRACTION' 
r_scangle_it           311  3.248  3.000  ? ? 'X-RAY DIFFRACTION' 
# 
_refine_ls_shell.d_res_high                       2.10 
_refine_ls_shell.d_res_low                        2.1530 
_refine_ls_shell.pdbx_total_number_of_bins_used   20 
_refine_ls_shell.percent_reflns_obs               99.8100 
_refine_ls_shell.number_reflns_R_work             493 
_refine_ls_shell.R_factor_all                     ? 
_refine_ls_shell.R_factor_R_work                  0.1970 
_refine_ls_shell.R_factor_R_free                  0.2390 
_refine_ls_shell.percent_reflns_R_free            ? 
_refine_ls_shell.number_reflns_R_free             20 
_refine_ls_shell.R_factor_R_free_error            ? 
_refine_ls_shell.number_reflns_all                513 
_refine_ls_shell.number_reflns_obs                ? 
_refine_ls_shell.redundancy_reflns_obs            ? 
_refine_ls_shell.pdbx_refine_id                   'X-RAY DIFFRACTION' 
# 
_struct.entry_id                  3RRQ 
_struct.title                     'Crystal structure of the extracellular domain of human PD-1' 
_struct.pdbx_model_details        ? 
_struct.pdbx_CASP_flag            ? 
_struct.pdbx_model_type_details   ? 
# 
_struct_keywords.entry_id        3RRQ 
_struct_keywords.text            'PD-1; Programmed death-1, costimulatory, IMMUNE SYSTEM' 
_struct_keywords.pdbx_keywords   'IMMUNE SYSTEM' 
# 
loop_
_struct_asym.id 
_struct_asym.pdbx_blank_PDB_chainid_flag 
_struct_asym.pdbx_modified 
_struct_asym.entity_id 
_struct_asym.details 
A N N 1 ? 
B N N 2 ? 
# 
_struct_ref.id                         1 
_struct_ref.db_name                    UNP 
_struct_ref.db_code                    PDCD1_HUMAN 
_struct_ref.pdbx_db_accession          Q15116 
_struct_ref.entity_id                  1 
_struct_ref.pdbx_seq_one_letter_code   
;WNPPTFSPALLVVTEGDNATFTCSFSNTSESFVLNWYRMSPSNQTDKLAAFPEDRSQPGQDCRFRVTQLPNGRDFHMSVV
RARRNDSGTYLCGAISLAPKAQIKESLRAELRVTERRAEVPTAHPSPSP
;
_struct_ref.pdbx_align_begin           32 
_struct_ref.pdbx_db_isoform            ? 
# 
_struct_ref_seq.align_id                      1 
_struct_ref_seq.ref_id                        1 
_struct_ref_seq.pdbx_PDB_id_code              3RRQ 
_struct_ref_seq.pdbx_strand_id                A 
_struct_ref_seq.seq_align_beg                 1 
_struct_ref_seq.pdbx_seq_align_beg_ins_code   ? 
_struct_ref_seq.seq_align_end                 129 
_struct_ref_seq.pdbx_seq_align_end_ins_code   ? 
_struct_ref_seq.pdbx_db_accession             Q15116 
_struct_ref_seq.db_align_beg                  32 
_struct_ref_seq.pdbx_db_align_beg_ins_code    ? 
_struct_ref_seq.db_align_end                  160 
_struct_ref_seq.pdbx_db_align_end_ins_code    ? 
_struct_ref_seq.pdbx_auth_seq_align_beg       32 
_struct_ref_seq.pdbx_auth_seq_align_end       160 
# 
_struct_ref_seq_dif.align_id                     1 
_struct_ref_seq_dif.pdbx_pdb_id_code             3RRQ 
_struct_ref_seq_dif.mon_id                       LEU 
_struct_ref_seq_dif.pdbx_pdb_strand_id           A 
_struct_ref_seq_dif.seq_num                      101 
_struct_ref_seq_dif.pdbx_pdb_ins_code            ? 
_struct_ref_seq_dif.pdbx_seq_db_name             UNP 
_struct_ref_seq_dif.pdbx_seq_db_accession_code   Q15116 
_struct_ref_seq_dif.db_mon_id                    ALA 
_struct_ref_seq_dif.pdbx_seq_db_seq_num          132 
_struct_ref_seq_dif.details                      'engineered mutation' 
_struct_ref_seq_dif.pdbx_auth_seq_num            132 
_struct_ref_seq_dif.pdbx_ordinal                 1 
# 
_pdbx_struct_assembly.id                   1 
_pdbx_struct_assembly.details              author_defined_assembly 
_pdbx_struct_assembly.method_details       ? 
_pdbx_struct_assembly.oligomeric_details   monomeric 
_pdbx_struct_assembly.oligomeric_count     1 
# 
_pdbx_struct_assembly_gen.assembly_id       1 
_pdbx_struct_assembly_gen.oper_expression   1 
_pdbx_struct_assembly_gen.asym_id_list      A,B 
# 
_pdbx_struct_oper_list.id                   1 
_pdbx_struct_oper_list.type                 'identity operation' 
_pdbx_struct_oper_list.name                 1_555 
_pdbx_struct_oper_list.symmetry_operation   x,y,z 
_pdbx_struct_oper_list.matrix[1][1]         1.0000000000 
_pdbx_struct_oper_list.matrix[1][2]         0.0000000000 
_pdbx_struct_oper_list.matrix[1][3]         0.0000000000 
_pdbx_struct_oper_list.vector[1]            0.0000000000 
_pdbx_struct_oper_list.matrix[2][1]         0.0000000000 
_pdbx_struct_oper_list.matrix[2][2]         1.0000000000 
_pdbx_struct_oper_list.matrix[2][3]         0.0000000000 
_pdbx_struct_oper_list.vector[2]            0.0000000000 
_pdbx_struct_oper_list.matrix[3][1]         0.0000000000 
_pdbx_struct_oper_list.matrix[3][2]         0.0000000000 
_pdbx_struct_oper_list.matrix[3][3]         1.0000000000 
_pdbx_struct_oper_list.vector[3]            0.0000000000 
# 
_struct_biol.id        1 
_struct_biol.details   monomer 
# 
loop_
_struct_conf.conf_type_id 
_struct_conf.id 
_struct_conf.pdbx_PDB_helix_id 
_struct_conf.beg_label_comp_id 
_struct_conf.beg_label_asym_id 
_struct_conf.beg_label_seq_id 
_struct_conf.pdbx_beg_PDB_ins_code 
_struct_conf.end_label_comp_id 
_struct_conf.end_label_asym_id 
_struct_conf.end_label_seq_id 
_struct_conf.pdbx_end_PDB_ins_code 
_struct_conf.beg_auth_comp_id 
_struct_conf.beg_auth_asym_id 
_struct_conf.beg_auth_seq_id 
_struct_conf.end_auth_comp_id 
_struct_conf.end_auth_asym_id 
_struct_conf.end_auth_seq_id 
_struct_conf.pdbx_PDB_helix_class 
_struct_conf.details 
_struct_conf.pdbx_PDB_helix_length 
HELX_P HELX_P1 1 ARG A 83 ? SER A 87  ? ARG A 114 SER A 118 5 ? 5 
HELX_P HELX_P2 2 ALA A 98 ? LEU A 101 ? ALA A 129 LEU A 132 5 ? 4 
# 
_struct_conf_type.id          HELX_P 
_struct_conf_type.criteria    ? 
_struct_conf_type.reference   ? 
# 
_struct_conn.id                            disulf1 
_struct_conn.conn_type_id                  disulf 
_struct_conn.pdbx_leaving_atom_flag        ? 
_struct_conn.pdbx_PDB_id                   ? 
_struct_conn.ptnr1_label_asym_id           A 
_struct_conn.ptnr1_label_comp_id           CYS 
_struct_conn.ptnr1_label_seq_id            23 
_struct_conn.ptnr1_label_atom_id           SG 
_struct_conn.pdbx_ptnr1_label_alt_id       ? 
_struct_conn.pdbx_ptnr1_PDB_ins_code       ? 
_struct_conn.pdbx_ptnr1_standard_comp_id   ? 
_struct_conn.ptnr1_symmetry                1_555 
_struct_conn.ptnr2_label_asym_id           A 
_struct_conn.ptnr2_label_comp_id           CYS 
_struct_conn.ptnr2_label_seq_id            92 
_struct_conn.ptnr2_label_atom_id           SG 
_struct_conn.pdbx_ptnr2_label_alt_id       ? 
_struct_conn.pdbx_ptnr2_PDB_ins_code       ? 
_struct_conn.ptnr1_auth_asym_id            A 
_struct_conn.ptnr1_auth_comp_id            CYS 
_struct_conn.ptnr1_auth_seq_id             54 
_struct_conn.ptnr2_auth_asym_id            A 
_struct_conn.ptnr2_auth_comp_id            CYS 
_struct_conn.ptnr2_auth_seq_id             123 
_struct_conn.ptnr2_symmetry                1_555 
_struct_conn.pdbx_ptnr3_label_atom_id      ? 
_struct_conn.pdbx_ptnr3_label_seq_id       ? 
_struct_conn.pdbx_ptnr3_label_comp_id      ? 
_struct_conn.pdbx_ptnr3_label_asym_id      ? 
_struct_conn.pdbx_ptnr3_label_alt_id       ? 
_struct_conn.pdbx_ptnr3_PDB_ins_code       ? 
_struct_conn.details                       ? 
_struct_conn.pdbx_dist_value               2.068 
_struct_conn.pdbx_value_order              ? 
_struct_conn.pdbx_role                     ? 
# 
_struct_conn_type.id          disulf 
_struct_conn_type.criteria    ? 
_struct_conn_type.reference   ? 
# 
_pdbx_modification_feature.ordinal                            1 
_pdbx_modification_feature.label_comp_id                      CYS 
_pdbx_modification_feature.label_asym_id                      A 
_pdbx_modification_feature.label_seq_id                       23 
_pdbx_modification_feature.label_alt_id                       ? 
_pdbx_modification_feature.modified_residue_label_comp_id     CYS 
_pdbx_modification_feature.modified_residue_label_asym_id     A 
_pdbx_modification_feature.modified_residue_label_seq_id      92 
_pdbx_modification_feature.modified_residue_label_alt_id      ? 
_pdbx_modification_feature.auth_comp_id                       CYS 
_pdbx_modification_feature.auth_asym_id                       A 
_pdbx_modification_feature.auth_seq_id                        54 
_pdbx_modification_feature.PDB_ins_code                       ? 
_pdbx_modification_feature.symmetry                           1_555 
_pdbx_modification_feature.modified_residue_auth_comp_id      CYS 
_pdbx_modification_feature.modified_residue_auth_asym_id      A 
_pdbx_modification_feature.modified_residue_auth_seq_id       123 
_pdbx_modification_feature.modified_residue_PDB_ins_code      ? 
_pdbx_modification_feature.modified_residue_symmetry          1_555 
_pdbx_modification_feature.comp_id_linking_atom               SG 
_pdbx_modification_feature.modified_residue_id_linking_atom   SG 
_pdbx_modification_feature.modified_residue_id                . 
_pdbx_modification_feature.ref_pcm_id                         . 
_pdbx_modification_feature.ref_comp_id                        . 
_pdbx_modification_feature.type                               None 
_pdbx_modification_feature.category                           'Disulfide bridge' 
# 
loop_
_struct_mon_prot_cis.pdbx_id 
_struct_mon_prot_cis.label_comp_id 
_struct_mon_prot_cis.label_seq_id 
_struct_mon_prot_cis.label_asym_id 
_struct_mon_prot_cis.label_alt_id 
_struct_mon_prot_cis.pdbx_PDB_ins_code 
_struct_mon_prot_cis.auth_comp_id 
_struct_mon_prot_cis.auth_seq_id 
_struct_mon_prot_cis.auth_asym_id 
_struct_mon_prot_cis.pdbx_label_comp_id_2 
_struct_mon_prot_cis.pdbx_label_seq_id_2 
_struct_mon_prot_cis.pdbx_label_asym_id_2 
_struct_mon_prot_cis.pdbx_PDB_ins_code_2 
_struct_mon_prot_cis.pdbx_auth_comp_id_2 
_struct_mon_prot_cis.pdbx_auth_seq_id_2 
_struct_mon_prot_cis.pdbx_auth_asym_id_2 
_struct_mon_prot_cis.pdbx_PDB_model_num 
_struct_mon_prot_cis.pdbx_omega_angle 
1 SER 7  A . ? SER 38  A PRO 8   A ? PRO 39  A 1 -2.51 
2 SER 40 A . ? SER 71  A PRO 41  A ? PRO 72  A 1 4.61  
3 PHE 51 A . ? PHE 82  A PRO 52  A ? PRO 83  A 1 -0.75 
4 PRO 99 A . ? PRO 130 A LYS 100 A ? LYS 131 A 1 -3.04 
# 
loop_
_struct_sheet.id 
_struct_sheet.type 
_struct_sheet.number_strands 
_struct_sheet.details 
A ? 4 ? 
B ? 5 ? 
C ? 4 ? 
# 
loop_
_struct_sheet_order.sheet_id 
_struct_sheet_order.range_id_1 
_struct_sheet_order.range_id_2 
_struct_sheet_order.offset 
_struct_sheet_order.sense 
A 1 2 ? anti-parallel 
A 2 3 ? anti-parallel 
A 3 4 ? anti-parallel 
B 1 2 ? parallel      
B 2 3 ? anti-parallel 
B 3 4 ? anti-parallel 
B 4 5 ? anti-parallel 
C 1 2 ? parallel      
C 2 3 ? anti-parallel 
C 3 4 ? anti-parallel 
# 
loop_
_struct_sheet_range.sheet_id 
_struct_sheet_range.id 
_struct_sheet_range.beg_label_comp_id 
_struct_sheet_range.beg_label_asym_id 
_struct_sheet_range.beg_label_seq_id 
_struct_sheet_range.pdbx_beg_PDB_ins_code 
_struct_sheet_range.end_label_comp_id 
_struct_sheet_range.end_label_asym_id 
_struct_sheet_range.end_label_seq_id 
_struct_sheet_range.pdbx_end_PDB_ins_code 
_struct_sheet_range.beg_auth_comp_id 
_struct_sheet_range.beg_auth_asym_id 
_struct_sheet_range.beg_auth_seq_id 
_struct_sheet_range.end_auth_comp_id 
_struct_sheet_range.end_auth_asym_id 
_struct_sheet_range.end_auth_seq_id 
A 1 THR A 5   ? SER A 7   ? THR A 36  SER A 38  
A 2 ALA A 19  ? SER A 24  ? ALA A 50  SER A 55  
A 3 ASP A 74  ? VAL A 79  ? ASP A 105 VAL A 110 
A 4 PHE A 64  ? GLN A 68  ? PHE A 95  GLN A 99  
B 1 LEU A 10  ? THR A 14  ? LEU A 41  THR A 45  
B 2 ALA A 109 ? THR A 114 ? ALA A 140 THR A 145 
B 3 GLY A 88  ? SER A 96  ? GLY A 119 SER A 127 
B 4 PHE A 32  ? SER A 40  ? PHE A 63  SER A 71  
B 5 ASP A 46  ? PHE A 51  ? ASP A 77  PHE A 82  
C 1 LEU A 10  ? THR A 14  ? LEU A 41  THR A 45  
C 2 ALA A 109 ? THR A 114 ? ALA A 140 THR A 145 
C 3 GLY A 88  ? SER A 96  ? GLY A 119 SER A 127 
C 4 GLN A 102 ? GLU A 105 ? GLN A 133 GLU A 136 
# 
loop_
_pdbx_struct_sheet_hbond.sheet_id 
_pdbx_struct_sheet_hbond.range_id_1 
_pdbx_struct_sheet_hbond.range_id_2 
_pdbx_struct_sheet_hbond.range_1_label_atom_id 
_pdbx_struct_sheet_hbond.range_1_label_comp_id 
_pdbx_struct_sheet_hbond.range_1_label_asym_id 
_pdbx_struct_sheet_hbond.range_1_label_seq_id 
_pdbx_struct_sheet_hbond.range_1_PDB_ins_code 
_pdbx_struct_sheet_hbond.range_1_auth_atom_id 
_pdbx_struct_sheet_hbond.range_1_auth_comp_id 
_pdbx_struct_sheet_hbond.range_1_auth_asym_id 
_pdbx_struct_sheet_hbond.range_1_auth_seq_id 
_pdbx_struct_sheet_hbond.range_2_label_atom_id 
_pdbx_struct_sheet_hbond.range_2_label_comp_id 
_pdbx_struct_sheet_hbond.range_2_label_asym_id 
_pdbx_struct_sheet_hbond.range_2_label_seq_id 
_pdbx_struct_sheet_hbond.range_2_PDB_ins_code 
_pdbx_struct_sheet_hbond.range_2_auth_atom_id 
_pdbx_struct_sheet_hbond.range_2_auth_comp_id 
_pdbx_struct_sheet_hbond.range_2_auth_asym_id 
_pdbx_struct_sheet_hbond.range_2_auth_seq_id 
A 1 2 N SER A 7   ? N SER A 38  O THR A 22  ? O THR A 53  
A 2 3 N PHE A 21  ? N PHE A 52  O MET A 77  ? O MET A 108 
A 3 4 O HIS A 76  ? O HIS A 107 N THR A 67  ? N THR A 98  
B 1 2 N LEU A 11  ? N LEU A 42  O GLU A 110 ? O GLU A 141 
B 2 3 O LEU A 111 ? O LEU A 142 N GLY A 88  ? N GLY A 119 
B 3 4 O ILE A 95  ? O ILE A 126 N VAL A 33  ? N VAL A 64  
B 4 5 N ARG A 38  ? N ARG A 69  O ASP A 46  ? O ASP A 77  
C 1 2 N LEU A 11  ? N LEU A 42  O GLU A 110 ? O GLU A 141 
C 2 3 O LEU A 111 ? O LEU A 142 N GLY A 88  ? N GLY A 119 
C 3 4 N ALA A 94  ? N ALA A 125 O LYS A 104 ? O LYS A 135 
# 
_pdbx_entry_details.entry_id                   3RRQ 
_pdbx_entry_details.compound_details           ? 
_pdbx_entry_details.source_details             ? 
_pdbx_entry_details.nonpolymer_details         ? 
_pdbx_entry_details.sequence_details           ? 
_pdbx_entry_details.has_ligand_of_interest     ? 
_pdbx_entry_details.has_protein_modification   Y 
# 
loop_
_pdbx_validate_torsion.id 
_pdbx_validate_torsion.PDB_model_num 
_pdbx_validate_torsion.auth_comp_id 
_pdbx_validate_torsion.auth_asym_id 
_pdbx_validate_torsion.auth_seq_id 
_pdbx_validate_torsion.PDB_ins_code 
_pdbx_validate_torsion.label_alt_id 
_pdbx_validate_torsion.phi 
_pdbx_validate_torsion.psi 
1 1 ARG A 112 ? ? 54.24   71.60  
2 1 PRO A 130 ? ? -28.18  94.89  
3 1 LYS A 131 ? ? -160.00 93.03  
4 1 LEU A 132 ? ? 65.75   114.63 
5 1 LEU A 132 ? ? 65.75   112.92 
# 
_pdbx_refine_tls.pdbx_refine_id   'X-RAY DIFFRACTION' 
_pdbx_refine_tls.id               1 
_pdbx_refine_tls.details          ? 
_pdbx_refine_tls.method           refined 
_pdbx_refine_tls.origin_x         -0.0586 
_pdbx_refine_tls.origin_y         -0.1965 
_pdbx_refine_tls.origin_z         -1.5081 
_pdbx_refine_tls.T[1][1]          0.1764 
_pdbx_refine_tls.T[2][2]          0.2920 
_pdbx_refine_tls.T[3][3]          0.2187 
_pdbx_refine_tls.T[1][2]          0.0147 
_pdbx_refine_tls.T[1][3]          0.0275 
_pdbx_refine_tls.T[2][3]          0.0416 
_pdbx_refine_tls.L[1][1]          5.1128 
_pdbx_refine_tls.L[2][2]          2.5423 
_pdbx_refine_tls.L[3][3]          5.1051 
_pdbx_refine_tls.L[1][2]          0.6485 
_pdbx_refine_tls.L[1][3]          -0.0904 
_pdbx_refine_tls.L[2][3]          0.2793 
_pdbx_refine_tls.S[1][1]          -0.0498 
_pdbx_refine_tls.S[2][2]          0.0597 
_pdbx_refine_tls.S[3][3]          -0.0099 
_pdbx_refine_tls.S[1][2]          -0.4237 
_pdbx_refine_tls.S[1][3]          -0.3781 
_pdbx_refine_tls.S[2][3]          -0.0293 
_pdbx_refine_tls.S[2][1]          0.1656 
_pdbx_refine_tls.S[3][1]          0.6498 
_pdbx_refine_tls.S[3][2]          0.3329 
# 
_pdbx_refine_tls_group.pdbx_refine_id      'X-RAY DIFFRACTION' 
_pdbx_refine_tls_group.id                  1 
_pdbx_refine_tls_group.refine_tls_id       1 
_pdbx_refine_tls_group.beg_auth_asym_id    A 
_pdbx_refine_tls_group.beg_auth_seq_id     33 
_pdbx_refine_tls_group.end_auth_asym_id    A 
_pdbx_refine_tls_group.end_auth_seq_id     149 
_pdbx_refine_tls_group.selection_details   ? 
_pdbx_refine_tls_group.beg_label_asym_id   . 
_pdbx_refine_tls_group.beg_label_seq_id    . 
_pdbx_refine_tls_group.end_label_asym_id   . 
_pdbx_refine_tls_group.end_label_seq_id    . 
_pdbx_refine_tls_group.selection           ? 
# 
loop_
_pdbx_unobs_or_zero_occ_residues.id 
_pdbx_unobs_or_zero_occ_residues.PDB_model_num 
_pdbx_unobs_or_zero_occ_residues.polymer_flag 
_pdbx_unobs_or_zero_occ_residues.occupancy_flag 
_pdbx_unobs_or_zero_occ_residues.auth_asym_id 
_pdbx_unobs_or_zero_occ_residues.auth_comp_id 
_pdbx_unobs_or_zero_occ_residues.auth_seq_id 
_pdbx_unobs_or_zero_occ_residues.PDB_ins_code 
_pdbx_unobs_or_zero_occ_residues.label_asym_id 
_pdbx_unobs_or_zero_occ_residues.label_comp_id 
_pdbx_unobs_or_zero_occ_residues.label_seq_id 
1  1 Y 1 A TRP 32  ? A TRP 1   
2  1 Y 1 A GLU 61  ? A GLU 30  
3  1 Y 1 A ASP 85  ? A ASP 54  
4  1 Y 1 A ARG 86  ? A ARG 55  
5  1 Y 1 A SER 87  ? A SER 56  
6  1 Y 1 A GLN 88  ? A GLN 57  
7  1 Y 1 A PRO 89  ? A PRO 58  
8  1 Y 1 A GLY 90  ? A GLY 59  
9  1 Y 1 A GLN 91  ? A GLN 60  
10 1 Y 1 A ASP 92  ? A ASP 61  
11 1 Y 1 A GLU 150 ? A GLU 119 
12 1 Y 1 A VAL 151 ? A VAL 120 
13 1 Y 1 A PRO 152 ? A PRO 121 
14 1 Y 1 A THR 153 ? A THR 122 
15 1 Y 1 A ALA 154 ? A ALA 123 
16 1 Y 1 A HIS 155 ? A HIS 124 
17 1 Y 1 A PRO 156 ? A PRO 125 
18 1 Y 1 A SER 157 ? A SER 126 
19 1 Y 1 A PRO 158 ? A PRO 127 
20 1 Y 1 A SER 159 ? A SER 128 
21 1 Y 1 A PRO 160 ? A PRO 129 
# 
loop_
_chem_comp_atom.comp_id 
_chem_comp_atom.atom_id 
_chem_comp_atom.type_symbol 
_chem_comp_atom.pdbx_aromatic_flag 
_chem_comp_atom.pdbx_stereo_config 
_chem_comp_atom.pdbx_ordinal 
ALA N    N N N 1   
ALA CA   C N S 2   
ALA C    C N N 3   
ALA O    O N N 4   
ALA CB   C N N 5   
ALA OXT  O N N 6   
ALA H    H N N 7   
ALA H2   H N N 8   
ALA HA   H N N 9   
ALA HB1  H N N 10  
ALA HB2  H N N 11  
ALA HB3  H N N 12  
ALA HXT  H N N 13  
ARG N    N N N 14  
ARG CA   C N S 15  
ARG C    C N N 16  
ARG O    O N N 17  
ARG CB   C N N 18  
ARG CG   C N N 19  
ARG CD   C N N 20  
ARG NE   N N N 21  
ARG CZ   C N N 22  
ARG NH1  N N N 23  
ARG NH2  N N N 24  
ARG OXT  O N N 25  
ARG H    H N N 26  
ARG H2   H N N 27  
ARG HA   H N N 28  
ARG HB2  H N N 29  
ARG HB3  H N N 30  
ARG HG2  H N N 31  
ARG HG3  H N N 32  
ARG HD2  H N N 33  
ARG HD3  H N N 34  
ARG HE   H N N 35  
ARG HH11 H N N 36  
ARG HH12 H N N 37  
ARG HH21 H N N 38  
ARG HH22 H N N 39  
ARG HXT  H N N 40  
ASN N    N N N 41  
ASN CA   C N S 42  
ASN C    C N N 43  
ASN O    O N N 44  
ASN CB   C N N 45  
ASN CG   C N N 46  
ASN OD1  O N N 47  
ASN ND2  N N N 48  
ASN OXT  O N N 49  
ASN H    H N N 50  
ASN H2   H N N 51  
ASN HA   H N N 52  
ASN HB2  H N N 53  
ASN HB3  H N N 54  
ASN HD21 H N N 55  
ASN HD22 H N N 56  
ASN HXT  H N N 57  
ASP N    N N N 58  
ASP CA   C N S 59  
ASP C    C N N 60  
ASP O    O N N 61  
ASP CB   C N N 62  
ASP CG   C N N 63  
ASP OD1  O N N 64  
ASP OD2  O N N 65  
ASP OXT  O N N 66  
ASP H    H N N 67  
ASP H2   H N N 68  
ASP HA   H N N 69  
ASP HB2  H N N 70  
ASP HB3  H N N 71  
ASP HD2  H N N 72  
ASP HXT  H N N 73  
CYS N    N N N 74  
CYS CA   C N R 75  
CYS C    C N N 76  
CYS O    O N N 77  
CYS CB   C N N 78  
CYS SG   S N N 79  
CYS OXT  O N N 80  
CYS H    H N N 81  
CYS H2   H N N 82  
CYS HA   H N N 83  
CYS HB2  H N N 84  
CYS HB3  H N N 85  
CYS HG   H N N 86  
CYS HXT  H N N 87  
GLN N    N N N 88  
GLN CA   C N S 89  
GLN C    C N N 90  
GLN O    O N N 91  
GLN CB   C N N 92  
GLN CG   C N N 93  
GLN CD   C N N 94  
GLN OE1  O N N 95  
GLN NE2  N N N 96  
GLN OXT  O N N 97  
GLN H    H N N 98  
GLN H2   H N N 99  
GLN HA   H N N 100 
GLN HB2  H N N 101 
GLN HB3  H N N 102 
GLN HG2  H N N 103 
GLN HG3  H N N 104 
GLN HE21 H N N 105 
GLN HE22 H N N 106 
GLN HXT  H N N 107 
GLU N    N N N 108 
GLU CA   C N S 109 
GLU C    C N N 110 
GLU O    O N N 111 
GLU CB   C N N 112 
GLU CG   C N N 113 
GLU CD   C N N 114 
GLU OE1  O N N 115 
GLU OE2  O N N 116 
GLU OXT  O N N 117 
GLU H    H N N 118 
GLU H2   H N N 119 
GLU HA   H N N 120 
GLU HB2  H N N 121 
GLU HB3  H N N 122 
GLU HG2  H N N 123 
GLU HG3  H N N 124 
GLU HE2  H N N 125 
GLU HXT  H N N 126 
GLY N    N N N 127 
GLY CA   C N N 128 
GLY C    C N N 129 
GLY O    O N N 130 
GLY OXT  O N N 131 
GLY H    H N N 132 
GLY H2   H N N 133 
GLY HA2  H N N 134 
GLY HA3  H N N 135 
GLY HXT  H N N 136 
HIS N    N N N 137 
HIS CA   C N S 138 
HIS C    C N N 139 
HIS O    O N N 140 
HIS CB   C N N 141 
HIS CG   C Y N 142 
HIS ND1  N Y N 143 
HIS CD2  C Y N 144 
HIS CE1  C Y N 145 
HIS NE2  N Y N 146 
HIS OXT  O N N 147 
HIS H    H N N 148 
HIS H2   H N N 149 
HIS HA   H N N 150 
HIS HB2  H N N 151 
HIS HB3  H N N 152 
HIS HD1  H N N 153 
HIS HD2  H N N 154 
HIS HE1  H N N 155 
HIS HE2  H N N 156 
HIS HXT  H N N 157 
HOH O    O N N 158 
HOH H1   H N N 159 
HOH H2   H N N 160 
ILE N    N N N 161 
ILE CA   C N S 162 
ILE C    C N N 163 
ILE O    O N N 164 
ILE CB   C N S 165 
ILE CG1  C N N 166 
ILE CG2  C N N 167 
ILE CD1  C N N 168 
ILE OXT  O N N 169 
ILE H    H N N 170 
ILE H2   H N N 171 
ILE HA   H N N 172 
ILE HB   H N N 173 
ILE HG12 H N N 174 
ILE HG13 H N N 175 
ILE HG21 H N N 176 
ILE HG22 H N N 177 
ILE HG23 H N N 178 
ILE HD11 H N N 179 
ILE HD12 H N N 180 
ILE HD13 H N N 181 
ILE HXT  H N N 182 
LEU N    N N N 183 
LEU CA   C N S 184 
LEU C    C N N 185 
LEU O    O N N 186 
LEU CB   C N N 187 
LEU CG   C N N 188 
LEU CD1  C N N 189 
LEU CD2  C N N 190 
LEU OXT  O N N 191 
LEU H    H N N 192 
LEU H2   H N N 193 
LEU HA   H N N 194 
LEU HB2  H N N 195 
LEU HB3  H N N 196 
LEU HG   H N N 197 
LEU HD11 H N N 198 
LEU HD12 H N N 199 
LEU HD13 H N N 200 
LEU HD21 H N N 201 
LEU HD22 H N N 202 
LEU HD23 H N N 203 
LEU HXT  H N N 204 
LYS N    N N N 205 
LYS CA   C N S 206 
LYS C    C N N 207 
LYS O    O N N 208 
LYS CB   C N N 209 
LYS CG   C N N 210 
LYS CD   C N N 211 
LYS CE   C N N 212 
LYS NZ   N N N 213 
LYS OXT  O N N 214 
LYS H    H N N 215 
LYS H2   H N N 216 
LYS HA   H N N 217 
LYS HB2  H N N 218 
LYS HB3  H N N 219 
LYS HG2  H N N 220 
LYS HG3  H N N 221 
LYS HD2  H N N 222 
LYS HD3  H N N 223 
LYS HE2  H N N 224 
LYS HE3  H N N 225 
LYS HZ1  H N N 226 
LYS HZ2  H N N 227 
LYS HZ3  H N N 228 
LYS HXT  H N N 229 
MET N    N N N 230 
MET CA   C N S 231 
MET C    C N N 232 
MET O    O N N 233 
MET CB   C N N 234 
MET CG   C N N 235 
MET SD   S N N 236 
MET CE   C N N 237 
MET OXT  O N N 238 
MET H    H N N 239 
MET H2   H N N 240 
MET HA   H N N 241 
MET HB2  H N N 242 
MET HB3  H N N 243 
MET HG2  H N N 244 
MET HG3  H N N 245 
MET HE1  H N N 246 
MET HE2  H N N 247 
MET HE3  H N N 248 
MET HXT  H N N 249 
PHE N    N N N 250 
PHE CA   C N S 251 
PHE C    C N N 252 
PHE O    O N N 253 
PHE CB   C N N 254 
PHE CG   C Y N 255 
PHE CD1  C Y N 256 
PHE CD2  C Y N 257 
PHE CE1  C Y N 258 
PHE CE2  C Y N 259 
PHE CZ   C Y N 260 
PHE OXT  O N N 261 
PHE H    H N N 262 
PHE H2   H N N 263 
PHE HA   H N N 264 
PHE HB2  H N N 265 
PHE HB3  H N N 266 
PHE HD1  H N N 267 
PHE HD2  H N N 268 
PHE HE1  H N N 269 
PHE HE2  H N N 270 
PHE HZ   H N N 271 
PHE HXT  H N N 272 
PRO N    N N N 273 
PRO CA   C N S 274 
PRO C    C N N 275 
PRO O    O N N 276 
PRO CB   C N N 277 
PRO CG   C N N 278 
PRO CD   C N N 279 
PRO OXT  O N N 280 
PRO H    H N N 281 
PRO HA   H N N 282 
PRO HB2  H N N 283 
PRO HB3  H N N 284 
PRO HG2  H N N 285 
PRO HG3  H N N 286 
PRO HD2  H N N 287 
PRO HD3  H N N 288 
PRO HXT  H N N 289 
SER N    N N N 290 
SER CA   C N S 291 
SER C    C N N 292 
SER O    O N N 293 
SER CB   C N N 294 
SER OG   O N N 295 
SER OXT  O N N 296 
SER H    H N N 297 
SER H2   H N N 298 
SER HA   H N N 299 
SER HB2  H N N 300 
SER HB3  H N N 301 
SER HG   H N N 302 
SER HXT  H N N 303 
THR N    N N N 304 
THR CA   C N S 305 
THR C    C N N 306 
THR O    O N N 307 
THR CB   C N R 308 
THR OG1  O N N 309 
THR CG2  C N N 310 
THR OXT  O N N 311 
THR H    H N N 312 
THR H2   H N N 313 
THR HA   H N N 314 
THR HB   H N N 315 
THR HG1  H N N 316 
THR HG21 H N N 317 
THR HG22 H N N 318 
THR HG23 H N N 319 
THR HXT  H N N 320 
TRP N    N N N 321 
TRP CA   C N S 322 
TRP C    C N N 323 
TRP O    O N N 324 
TRP CB   C N N 325 
TRP CG   C Y N 326 
TRP CD1  C Y N 327 
TRP CD2  C Y N 328 
TRP NE1  N Y N 329 
TRP CE2  C Y N 330 
TRP CE3  C Y N 331 
TRP CZ2  C Y N 332 
TRP CZ3  C Y N 333 
TRP CH2  C Y N 334 
TRP OXT  O N N 335 
TRP H    H N N 336 
TRP H2   H N N 337 
TRP HA   H N N 338 
TRP HB2  H N N 339 
TRP HB3  H N N 340 
TRP HD1  H N N 341 
TRP HE1  H N N 342 
TRP HE3  H N N 343 
TRP HZ2  H N N 344 
TRP HZ3  H N N 345 
TRP HH2  H N N 346 
TRP HXT  H N N 347 
TYR N    N N N 348 
TYR CA   C N S 349 
TYR C    C N N 350 
TYR O    O N N 351 
TYR CB   C N N 352 
TYR CG   C Y N 353 
TYR CD1  C Y N 354 
TYR CD2  C Y N 355 
TYR CE1  C Y N 356 
TYR CE2  C Y N 357 
TYR CZ   C Y N 358 
TYR OH   O N N 359 
TYR OXT  O N N 360 
TYR H    H N N 361 
TYR H2   H N N 362 
TYR HA   H N N 363 
TYR HB2  H N N 364 
TYR HB3  H N N 365 
TYR HD1  H N N 366 
TYR HD2  H N N 367 
TYR HE1  H N N 368 
TYR HE2  H N N 369 
TYR HH   H N N 370 
TYR HXT  H N N 371 
VAL N    N N N 372 
VAL CA   C N S 373 
VAL C    C N N 374 
VAL O    O N N 375 
VAL CB   C N N 376 
VAL CG1  C N N 377 
VAL CG2  C N N 378 
VAL OXT  O N N 379 
VAL H    H N N 380 
VAL H2   H N N 381 
VAL HA   H N N 382 
VAL HB   H N N 383 
VAL HG11 H N N 384 
VAL HG12 H N N 385 
VAL HG13 H N N 386 
VAL HG21 H N N 387 
VAL HG22 H N N 388 
VAL HG23 H N N 389 
VAL HXT  H N N 390 
# 
loop_
_chem_comp_bond.comp_id 
_chem_comp_bond.atom_id_1 
_chem_comp_bond.atom_id_2 
_chem_comp_bond.value_order 
_chem_comp_bond.pdbx_aromatic_flag 
_chem_comp_bond.pdbx_stereo_config 
_chem_comp_bond.pdbx_ordinal 
ALA N   CA   sing N N 1   
ALA N   H    sing N N 2   
ALA N   H2   sing N N 3   
ALA CA  C    sing N N 4   
ALA CA  CB   sing N N 5   
ALA CA  HA   sing N N 6   
ALA C   O    doub N N 7   
ALA C   OXT  sing N N 8   
ALA CB  HB1  sing N N 9   
ALA CB  HB2  sing N N 10  
ALA CB  HB3  sing N N 11  
ALA OXT HXT  sing N N 12  
ARG N   CA   sing N N 13  
ARG N   H    sing N N 14  
ARG N   H2   sing N N 15  
ARG CA  C    sing N N 16  
ARG CA  CB   sing N N 17  
ARG CA  HA   sing N N 18  
ARG C   O    doub N N 19  
ARG C   OXT  sing N N 20  
ARG CB  CG   sing N N 21  
ARG CB  HB2  sing N N 22  
ARG CB  HB3  sing N N 23  
ARG CG  CD   sing N N 24  
ARG CG  HG2  sing N N 25  
ARG CG  HG3  sing N N 26  
ARG CD  NE   sing N N 27  
ARG CD  HD2  sing N N 28  
ARG CD  HD3  sing N N 29  
ARG NE  CZ   sing N N 30  
ARG NE  HE   sing N N 31  
ARG CZ  NH1  sing N N 32  
ARG CZ  NH2  doub N N 33  
ARG NH1 HH11 sing N N 34  
ARG NH1 HH12 sing N N 35  
ARG NH2 HH21 sing N N 36  
ARG NH2 HH22 sing N N 37  
ARG OXT HXT  sing N N 38  
ASN N   CA   sing N N 39  
ASN N   H    sing N N 40  
ASN N   H2   sing N N 41  
ASN CA  C    sing N N 42  
ASN CA  CB   sing N N 43  
ASN CA  HA   sing N N 44  
ASN C   O    doub N N 45  
ASN C   OXT  sing N N 46  
ASN CB  CG   sing N N 47  
ASN CB  HB2  sing N N 48  
ASN CB  HB3  sing N N 49  
ASN CG  OD1  doub N N 50  
ASN CG  ND2  sing N N 51  
ASN ND2 HD21 sing N N 52  
ASN ND2 HD22 sing N N 53  
ASN OXT HXT  sing N N 54  
ASP N   CA   sing N N 55  
ASP N   H    sing N N 56  
ASP N   H2   sing N N 57  
ASP CA  C    sing N N 58  
ASP CA  CB   sing N N 59  
ASP CA  HA   sing N N 60  
ASP C   O    doub N N 61  
ASP C   OXT  sing N N 62  
ASP CB  CG   sing N N 63  
ASP CB  HB2  sing N N 64  
ASP CB  HB3  sing N N 65  
ASP CG  OD1  doub N N 66  
ASP CG  OD2  sing N N 67  
ASP OD2 HD2  sing N N 68  
ASP OXT HXT  sing N N 69  
CYS N   CA   sing N N 70  
CYS N   H    sing N N 71  
CYS N   H2   sing N N 72  
CYS CA  C    sing N N 73  
CYS CA  CB   sing N N 74  
CYS CA  HA   sing N N 75  
CYS C   O    doub N N 76  
CYS C   OXT  sing N N 77  
CYS CB  SG   sing N N 78  
CYS CB  HB2  sing N N 79  
CYS CB  HB3  sing N N 80  
CYS SG  HG   sing N N 81  
CYS OXT HXT  sing N N 82  
GLN N   CA   sing N N 83  
GLN N   H    sing N N 84  
GLN N   H2   sing N N 85  
GLN CA  C    sing N N 86  
GLN CA  CB   sing N N 87  
GLN CA  HA   sing N N 88  
GLN C   O    doub N N 89  
GLN C   OXT  sing N N 90  
GLN CB  CG   sing N N 91  
GLN CB  HB2  sing N N 92  
GLN CB  HB3  sing N N 93  
GLN CG  CD   sing N N 94  
GLN CG  HG2  sing N N 95  
GLN CG  HG3  sing N N 96  
GLN CD  OE1  doub N N 97  
GLN CD  NE2  sing N N 98  
GLN NE2 HE21 sing N N 99  
GLN NE2 HE22 sing N N 100 
GLN OXT HXT  sing N N 101 
GLU N   CA   sing N N 102 
GLU N   H    sing N N 103 
GLU N   H2   sing N N 104 
GLU CA  C    sing N N 105 
GLU CA  CB   sing N N 106 
GLU CA  HA   sing N N 107 
GLU C   O    doub N N 108 
GLU C   OXT  sing N N 109 
GLU CB  CG   sing N N 110 
GLU CB  HB2  sing N N 111 
GLU CB  HB3  sing N N 112 
GLU CG  CD   sing N N 113 
GLU CG  HG2  sing N N 114 
GLU CG  HG3  sing N N 115 
GLU CD  OE1  doub N N 116 
GLU CD  OE2  sing N N 117 
GLU OE2 HE2  sing N N 118 
GLU OXT HXT  sing N N 119 
GLY N   CA   sing N N 120 
GLY N   H    sing N N 121 
GLY N   H2   sing N N 122 
GLY CA  C    sing N N 123 
GLY CA  HA2  sing N N 124 
GLY CA  HA3  sing N N 125 
GLY C   O    doub N N 126 
GLY C   OXT  sing N N 127 
GLY OXT HXT  sing N N 128 
HIS N   CA   sing N N 129 
HIS N   H    sing N N 130 
HIS N   H2   sing N N 131 
HIS CA  C    sing N N 132 
HIS CA  CB   sing N N 133 
HIS CA  HA   sing N N 134 
HIS C   O    doub N N 135 
HIS C   OXT  sing N N 136 
HIS CB  CG   sing N N 137 
HIS CB  HB2  sing N N 138 
HIS CB  HB3  sing N N 139 
HIS CG  ND1  sing Y N 140 
HIS CG  CD2  doub Y N 141 
HIS ND1 CE1  doub Y N 142 
HIS ND1 HD1  sing N N 143 
HIS CD2 NE2  sing Y N 144 
HIS CD2 HD2  sing N N 145 
HIS CE1 NE2  sing Y N 146 
HIS CE1 HE1  sing N N 147 
HIS NE2 HE2  sing N N 148 
HIS OXT HXT  sing N N 149 
HOH O   H1   sing N N 150 
HOH O   H2   sing N N 151 
ILE N   CA   sing N N 152 
ILE N   H    sing N N 153 
ILE N   H2   sing N N 154 
ILE CA  C    sing N N 155 
ILE CA  CB   sing N N 156 
ILE CA  HA   sing N N 157 
ILE C   O    doub N N 158 
ILE C   OXT  sing N N 159 
ILE CB  CG1  sing N N 160 
ILE CB  CG2  sing N N 161 
ILE CB  HB   sing N N 162 
ILE CG1 CD1  sing N N 163 
ILE CG1 HG12 sing N N 164 
ILE CG1 HG13 sing N N 165 
ILE CG2 HG21 sing N N 166 
ILE CG2 HG22 sing N N 167 
ILE CG2 HG23 sing N N 168 
ILE CD1 HD11 sing N N 169 
ILE CD1 HD12 sing N N 170 
ILE CD1 HD13 sing N N 171 
ILE OXT HXT  sing N N 172 
LEU N   CA   sing N N 173 
LEU N   H    sing N N 174 
LEU N   H2   sing N N 175 
LEU CA  C    sing N N 176 
LEU CA  CB   sing N N 177 
LEU CA  HA   sing N N 178 
LEU C   O    doub N N 179 
LEU C   OXT  sing N N 180 
LEU CB  CG   sing N N 181 
LEU CB  HB2  sing N N 182 
LEU CB  HB3  sing N N 183 
LEU CG  CD1  sing N N 184 
LEU CG  CD2  sing N N 185 
LEU CG  HG   sing N N 186 
LEU CD1 HD11 sing N N 187 
LEU CD1 HD12 sing N N 188 
LEU CD1 HD13 sing N N 189 
LEU CD2 HD21 sing N N 190 
LEU CD2 HD22 sing N N 191 
LEU CD2 HD23 sing N N 192 
LEU OXT HXT  sing N N 193 
LYS N   CA   sing N N 194 
LYS N   H    sing N N 195 
LYS N   H2   sing N N 196 
LYS CA  C    sing N N 197 
LYS CA  CB   sing N N 198 
LYS CA  HA   sing N N 199 
LYS C   O    doub N N 200 
LYS C   OXT  sing N N 201 
LYS CB  CG   sing N N 202 
LYS CB  HB2  sing N N 203 
LYS CB  HB3  sing N N 204 
LYS CG  CD   sing N N 205 
LYS CG  HG2  sing N N 206 
LYS CG  HG3  sing N N 207 
LYS CD  CE   sing N N 208 
LYS CD  HD2  sing N N 209 
LYS CD  HD3  sing N N 210 
LYS CE  NZ   sing N N 211 
LYS CE  HE2  sing N N 212 
LYS CE  HE3  sing N N 213 
LYS NZ  HZ1  sing N N 214 
LYS NZ  HZ2  sing N N 215 
LYS NZ  HZ3  sing N N 216 
LYS OXT HXT  sing N N 217 
MET N   CA   sing N N 218 
MET N   H    sing N N 219 
MET N   H2   sing N N 220 
MET CA  C    sing N N 221 
MET CA  CB   sing N N 222 
MET CA  HA   sing N N 223 
MET C   O    doub N N 224 
MET C   OXT  sing N N 225 
MET CB  CG   sing N N 226 
MET CB  HB2  sing N N 227 
MET CB  HB3  sing N N 228 
MET CG  SD   sing N N 229 
MET CG  HG2  sing N N 230 
MET CG  HG3  sing N N 231 
MET SD  CE   sing N N 232 
MET CE  HE1  sing N N 233 
MET CE  HE2  sing N N 234 
MET CE  HE3  sing N N 235 
MET OXT HXT  sing N N 236 
PHE N   CA   sing N N 237 
PHE N   H    sing N N 238 
PHE N   H2   sing N N 239 
PHE CA  C    sing N N 240 
PHE CA  CB   sing N N 241 
PHE CA  HA   sing N N 242 
PHE C   O    doub N N 243 
PHE C   OXT  sing N N 244 
PHE CB  CG   sing N N 245 
PHE CB  HB2  sing N N 246 
PHE CB  HB3  sing N N 247 
PHE CG  CD1  doub Y N 248 
PHE CG  CD2  sing Y N 249 
PHE CD1 CE1  sing Y N 250 
PHE CD1 HD1  sing N N 251 
PHE CD2 CE2  doub Y N 252 
PHE CD2 HD2  sing N N 253 
PHE CE1 CZ   doub Y N 254 
PHE CE1 HE1  sing N N 255 
PHE CE2 CZ   sing Y N 256 
PHE CE2 HE2  sing N N 257 
PHE CZ  HZ   sing N N 258 
PHE OXT HXT  sing N N 259 
PRO N   CA   sing N N 260 
PRO N   CD   sing N N 261 
PRO N   H    sing N N 262 
PRO CA  C    sing N N 263 
PRO CA  CB   sing N N 264 
PRO CA  HA   sing N N 265 
PRO C   O    doub N N 266 
PRO C   OXT  sing N N 267 
PRO CB  CG   sing N N 268 
PRO CB  HB2  sing N N 269 
PRO CB  HB3  sing N N 270 
PRO CG  CD   sing N N 271 
PRO CG  HG2  sing N N 272 
PRO CG  HG3  sing N N 273 
PRO CD  HD2  sing N N 274 
PRO CD  HD3  sing N N 275 
PRO OXT HXT  sing N N 276 
SER N   CA   sing N N 277 
SER N   H    sing N N 278 
SER N   H2   sing N N 279 
SER CA  C    sing N N 280 
SER CA  CB   sing N N 281 
SER CA  HA   sing N N 282 
SER C   O    doub N N 283 
SER C   OXT  sing N N 284 
SER CB  OG   sing N N 285 
SER CB  HB2  sing N N 286 
SER CB  HB3  sing N N 287 
SER OG  HG   sing N N 288 
SER OXT HXT  sing N N 289 
THR N   CA   sing N N 290 
THR N   H    sing N N 291 
THR N   H2   sing N N 292 
THR CA  C    sing N N 293 
THR CA  CB   sing N N 294 
THR CA  HA   sing N N 295 
THR C   O    doub N N 296 
THR C   OXT  sing N N 297 
THR CB  OG1  sing N N 298 
THR CB  CG2  sing N N 299 
THR CB  HB   sing N N 300 
THR OG1 HG1  sing N N 301 
THR CG2 HG21 sing N N 302 
THR CG2 HG22 sing N N 303 
THR CG2 HG23 sing N N 304 
THR OXT HXT  sing N N 305 
TRP N   CA   sing N N 306 
TRP N   H    sing N N 307 
TRP N   H2   sing N N 308 
TRP CA  C    sing N N 309 
TRP CA  CB   sing N N 310 
TRP CA  HA   sing N N 311 
TRP C   O    doub N N 312 
TRP C   OXT  sing N N 313 
TRP CB  CG   sing N N 314 
TRP CB  HB2  sing N N 315 
TRP CB  HB3  sing N N 316 
TRP CG  CD1  doub Y N 317 
TRP CG  CD2  sing Y N 318 
TRP CD1 NE1  sing Y N 319 
TRP CD1 HD1  sing N N 320 
TRP CD2 CE2  doub Y N 321 
TRP CD2 CE3  sing Y N 322 
TRP NE1 CE2  sing Y N 323 
TRP NE1 HE1  sing N N 324 
TRP CE2 CZ2  sing Y N 325 
TRP CE3 CZ3  doub Y N 326 
TRP CE3 HE3  sing N N 327 
TRP CZ2 CH2  doub Y N 328 
TRP CZ2 HZ2  sing N N 329 
TRP CZ3 CH2  sing Y N 330 
TRP CZ3 HZ3  sing N N 331 
TRP CH2 HH2  sing N N 332 
TRP OXT HXT  sing N N 333 
TYR N   CA   sing N N 334 
TYR N   H    sing N N 335 
TYR N   H2   sing N N 336 
TYR CA  C    sing N N 337 
TYR CA  CB   sing N N 338 
TYR CA  HA   sing N N 339 
TYR C   O    doub N N 340 
TYR C   OXT  sing N N 341 
TYR CB  CG   sing N N 342 
TYR CB  HB2  sing N N 343 
TYR CB  HB3  sing N N 344 
TYR CG  CD1  doub Y N 345 
TYR CG  CD2  sing Y N 346 
TYR CD1 CE1  sing Y N 347 
TYR CD1 HD1  sing N N 348 
TYR CD2 CE2  doub Y N 349 
TYR CD2 HD2  sing N N 350 
TYR CE1 CZ   doub Y N 351 
TYR CE1 HE1  sing N N 352 
TYR CE2 CZ   sing Y N 353 
TYR CE2 HE2  sing N N 354 
TYR CZ  OH   sing N N 355 
TYR OH  HH   sing N N 356 
TYR OXT HXT  sing N N 357 
VAL N   CA   sing N N 358 
VAL N   H    sing N N 359 
VAL N   H2   sing N N 360 
VAL CA  C    sing N N 361 
VAL CA  CB   sing N N 362 
VAL CA  HA   sing N N 363 
VAL C   O    doub N N 364 
VAL C   OXT  sing N N 365 
VAL CB  CG1  sing N N 366 
VAL CB  CG2  sing N N 367 
VAL CB  HB   sing N N 368 
VAL CG1 HG11 sing N N 369 
VAL CG1 HG12 sing N N 370 
VAL CG1 HG13 sing N N 371 
VAL CG2 HG21 sing N N 372 
VAL CG2 HG22 sing N N 373 
VAL CG2 HG23 sing N N 374 
VAL OXT HXT  sing N N 375 
# 
_pdbx_initial_refinement_model.id               1 
_pdbx_initial_refinement_model.entity_id_list   ? 
_pdbx_initial_refinement_model.type             'experimental model' 
_pdbx_initial_refinement_model.source_name      PDB 
_pdbx_initial_refinement_model.accession_code   1NPU 
_pdbx_initial_refinement_model.details          ? 
# 
_atom_sites.entry_id                    3RRQ 
_atom_sites.fract_transf_matrix[1][1]   0.01971036 
_atom_sites.fract_transf_matrix[1][2]   0.01550888 
_atom_sites.fract_transf_matrix[1][3]   -0.00075601 
_atom_sites.fract_transf_matrix[2][1]   -0.00181587 
_atom_sites.fract_transf_matrix[2][2]   0.02307720 
_atom_sites.fract_transf_matrix[2][3]   0.00968007 
_atom_sites.fract_transf_matrix[3][1]   0.00164000 
_atom_sites.fract_transf_matrix[3][2]   -0.00185385 
_atom_sites.fract_transf_matrix[3][3]   0.00472721 
_atom_sites.fract_transf_vector[1]      -0.192083 
_atom_sites.fract_transf_vector[2]      0.425602 
_atom_sites.fract_transf_vector[3]      0.017794 
# 
loop_
_atom_type.symbol 
C 
N 
O 
S 
# 
loop_
_atom_site.group_PDB 
_atom_site.id 
_atom_site.type_symbol 
_atom_site.label_atom_id 
_atom_site.label_alt_id 
_atom_site.label_comp_id 
_atom_site.label_asym_id 
_atom_site.label_entity_id 
_atom_site.label_seq_id 
_atom_site.pdbx_PDB_ins_code 
_atom_site.Cartn_x 
_atom_site.Cartn_y 
_atom_site.Cartn_z 
_atom_site.occupancy 
_atom_site.B_iso_or_equiv 
_atom_site.pdbx_formal_charge 
_atom_site.auth_seq_id 
_atom_site.auth_comp_id 
_atom_site.auth_asym_id 
_atom_site.auth_atom_id 
_atom_site.pdbx_PDB_model_num 
ATOM   1   N N   . ASN A 1 2   ? -5.695  8.003   15.044  1.00 65.55  ? 33  ASN A N   1 
ATOM   2   C CA  . ASN A 1 2   ? -6.033  8.164   13.588  1.00 62.97  ? 33  ASN A CA  1 
ATOM   3   C C   . ASN A 1 2   ? -5.484  7.087   12.659  1.00 57.86  ? 33  ASN A C   1 
ATOM   4   O O   . ASN A 1 2   ? -4.304  6.712   12.742  1.00 57.70  ? 33  ASN A O   1 
ATOM   5   C CB  . ASN A 1 2   ? -5.634  9.538   13.053  1.00 64.30  ? 33  ASN A CB  1 
ATOM   6   C CG  . ASN A 1 2   ? -6.395  10.655  13.718  1.00 69.56  ? 33  ASN A CG  1 
ATOM   7   O OD1 . ASN A 1 2   ? -7.584  10.522  14.046  1.00 73.67  ? 33  ASN A OD1 1 
ATOM   8   N ND2 . ASN A 1 2   ? -5.713  11.766  13.935  1.00 71.09  ? 33  ASN A ND2 1 
ATOM   9   N N   . PRO A 1 3   ? -6.353  6.593   11.763  1.00 52.88  ? 34  PRO A N   1 
ATOM   10  C CA  . PRO A 1 3   ? -5.981  5.572   10.790  1.00 46.84  ? 34  PRO A CA  1 
ATOM   11  C C   . PRO A 1 3   ? -5.041  6.161   9.756   1.00 42.06  ? 34  PRO A C   1 
ATOM   12  O O   . PRO A 1 3   ? -5.037  7.371   9.558   1.00 42.41  ? 34  PRO A O   1 
ATOM   13  C CB  . PRO A 1 3   ? -7.325  5.191   10.152  1.00 47.95  ? 34  PRO A CB  1 
ATOM   14  C CG  . PRO A 1 3   ? -8.223  6.358   10.408  1.00 50.12  ? 34  PRO A CG  1 
ATOM   15  C CD  . PRO A 1 3   ? -7.795  6.919   11.717  1.00 53.58  ? 34  PRO A CD  1 
ATOM   16  N N   . PRO A 1 4   ? -4.229  5.315   9.118   1.00 37.37  ? 35  PRO A N   1 
ATOM   17  C CA  . PRO A 1 4   ? -3.434  5.699   7.973   1.00 33.30  ? 35  PRO A CA  1 
ATOM   18  C C   . PRO A 1 4   ? -4.308  6.234   6.835   1.00 33.71  ? 35  PRO A C   1 
ATOM   19  O O   . PRO A 1 4   ? -5.483  5.855   6.708   1.00 34.77  ? 35  PRO A O   1 
ATOM   20  C CB  . PRO A 1 4   ? -2.756  4.389   7.551   1.00 31.75  ? 35  PRO A CB  1 
ATOM   21  C CG  . PRO A 1 4   ? -3.435  3.332   8.270   1.00 34.30  ? 35  PRO A CG  1 
ATOM   22  C CD  . PRO A 1 4   ? -4.050  3.906   9.483   1.00 37.00  ? 35  PRO A CD  1 
ATOM   23  N N   . THR A 1 5   ? -3.779  7.134   6.033   1.00 33.52  ? 36  THR A N   1 
ATOM   24  C CA  . THR A 1 5   ? -4.464  7.455   4.791   1.00 34.87  ? 36  THR A CA  1 
ATOM   25  C C   . THR A 1 5   ? -3.583  6.882   3.700   1.00 32.37  ? 36  THR A C   1 
ATOM   26  O O   . THR A 1 5   ? -2.386  6.678   3.928   1.00 31.51  ? 36  THR A O   1 
ATOM   27  C CB  . THR A 1 5   ? -4.605  8.963   4.594   1.00 37.82  ? 36  THR A CB  1 
ATOM   28  O OG1 . THR A 1 5   ? -3.300  9.528   4.670   1.00 41.09  ? 36  THR A OG1 1 
ATOM   29  C CG2 . THR A 1 5   ? -5.480  9.555   5.698   1.00 41.11  ? 36  THR A CG2 1 
ATOM   30  N N   . PHE A 1 6   ? -4.179  6.592   2.532   1.00 28.05  ? 37  PHE A N   1 
ATOM   31  C CA  . PHE A 1 6   ? -3.491  5.863   1.478   1.00 27.62  ? 37  PHE A CA  1 
ATOM   32  C C   . PHE A 1 6   ? -3.864  6.577   0.189   1.00 26.67  ? 37  PHE A C   1 
ATOM   33  O O   . PHE A 1 6   ? -5.046  6.721   -0.113  1.00 26.33  ? 37  PHE A O   1 
ATOM   34  C CB  . PHE A 1 6   ? -3.950  4.396   1.502   1.00 27.02  ? 37  PHE A CB  1 
ATOM   35  C CG  . PHE A 1 6   ? -3.057  3.416   0.751   1.00 27.58  ? 37  PHE A CG  1 
ATOM   36  C CD1 . PHE A 1 6   ? -3.611  2.458   -0.063  1.00 28.61  ? 37  PHE A CD1 1 
ATOM   37  C CD2 . PHE A 1 6   ? -1.695  3.419   0.911   1.00 28.42  ? 37  PHE A CD2 1 
ATOM   38  C CE1 . PHE A 1 6   ? -2.791  1.529   -0.740  1.00 28.38  ? 37  PHE A CE1 1 
ATOM   39  C CE2 . PHE A 1 6   ? -0.882  2.481   0.272   1.00 29.77  ? 37  PHE A CE2 1 
ATOM   40  C CZ  . PHE A 1 6   ? -1.435  1.552   -0.563  1.00 30.84  ? 37  PHE A CZ  1 
ATOM   41  N N   . SER A 1 7   ? -2.866  7.084   -0.536  1.00 24.81  ? 38  SER A N   1 
ATOM   42  C CA  . SER A 1 7   ? -3.149  7.912   -1.694  1.00 28.49  ? 38  SER A CA  1 
ATOM   43  C C   . SER A 1 7   ? -2.146  7.650   -2.774  1.00 28.00  ? 38  SER A C   1 
ATOM   44  O O   . SER A 1 7   ? -1.088  7.095   -2.494  1.00 31.20  ? 38  SER A O   1 
ATOM   45  C CB  . SER A 1 7   ? -3.083  9.399   -1.354  1.00 31.00  ? 38  SER A CB  1 
ATOM   46  O OG  . SER A 1 7   ? -1.783  9.733   -0.961  1.00 38.56  ? 38  SER A OG  1 
ATOM   47  N N   . PRO A 1 8   ? -2.487  8.049   -4.021  1.00 27.87  ? 39  PRO A N   1 
ATOM   48  C CA  . PRO A 1 8   ? -3.804  8.668   -4.360  1.00 23.98  ? 39  PRO A CA  1 
ATOM   49  C C   . PRO A 1 8   ? -4.953  7.660   -4.368  1.00 25.39  ? 39  PRO A C   1 
ATOM   50  O O   . PRO A 1 8   ? -4.714  6.466   -4.559  1.00 29.35  ? 39  PRO A O   1 
ATOM   51  C CB  . PRO A 1 8   ? -3.598  9.176   -5.795  1.00 26.91  ? 39  PRO A CB  1 
ATOM   52  C CG  . PRO A 1 8   ? -2.606  8.209   -6.377  1.00 27.88  ? 39  PRO A CG  1 
ATOM   53  C CD  . PRO A 1 8   ? -1.620  7.899   -5.206  1.00 25.54  ? 39  PRO A CD  1 
ATOM   54  N N   . ALA A 1 9   ? -6.193  8.121   -4.186  1.00 21.14  ? 40  ALA A N   1 
ATOM   55  C CA  . ALA A 1 9   ? -7.311  7.196   -4.142  1.00 22.26  ? 40  ALA A CA  1 
ATOM   56  C C   . ALA A 1 9   ? -7.451  6.406   -5.465  1.00 25.17  ? 40  ALA A C   1 
ATOM   57  O O   . ALA A 1 9   ? -8.027  5.296   -5.490  1.00 25.21  ? 40  ALA A O   1 
ATOM   58  C CB  . ALA A 1 9   ? -8.645  7.965   -3.785  1.00 26.21  ? 40  ALA A CB  1 
ATOM   59  N N   . LEU A 1 10  ? -6.986  6.993   -6.578  1.00 22.37  ? 41  LEU A N   1 
ATOM   60  C CA  . LEU A 1 10  ? -7.075  6.303   -7.870  1.00 24.94  ? 41  LEU A CA  1 
ATOM   61  C C   . LEU A 1 10  ? -5.767  6.635   -8.561  1.00 24.04  ? 41  LEU A C   1 
ATOM   62  O O   . LEU A 1 10  ? -5.474  7.814   -8.804  1.00 25.28  ? 41  LEU A O   1 
ATOM   63  C CB  . LEU A 1 10  ? -8.280  6.798   -8.717  1.00 25.60  ? 41  LEU A CB  1 
ATOM   64  C CG  . LEU A 1 10  ? -8.325  6.292   -10.183 1.00 24.98  ? 41  LEU A CG  1 
ATOM   65  C CD1 . LEU A 1 10  ? -8.212  4.767   -10.318 1.00 20.33  ? 41  LEU A CD1 1 
ATOM   66  C CD2 . LEU A 1 10  ? -9.596  6.803   -10.844 1.00 26.45  ? 41  LEU A CD2 1 
ATOM   67  N N   . LEU A 1 11  ? -4.968  5.609   -8.801  1.00 22.50  ? 42  LEU A N   1 
ATOM   68  C CA  . LEU A 1 11  ? -3.704  5.751   -9.498  1.00 20.96  ? 42  LEU A CA  1 
ATOM   69  C C   . LEU A 1 11  ? -3.788  4.929   -10.779 1.00 24.05  ? 42  LEU A C   1 
ATOM   70  O O   . LEU A 1 11  ? -4.144  3.762   -10.784 1.00 22.89  ? 42  LEU A O   1 
ATOM   71  C CB  . LEU A 1 11  ? -2.600  5.224   -8.602  1.00 22.65  ? 42  LEU A CB  1 
ATOM   72  C CG  . LEU A 1 11  ? -1.202  5.082   -9.191  1.00 25.49  ? 42  LEU A CG  1 
ATOM   73  C CD1 . LEU A 1 11  ? -0.645  6.437   -9.609  1.00 24.99  ? 42  LEU A CD1 1 
ATOM   74  C CD2 . LEU A 1 11  ? -0.416  4.483   -8.067  1.00 27.91  ? 42  LEU A CD2 1 
ATOM   75  N N   . VAL A 1 12  ? -3.514  5.559   -11.888 1.00 25.68  ? 43  VAL A N   1 
ATOM   76  C CA  . VAL A 1 12  ? -3.585  4.881   -13.173 1.00 28.55  ? 43  VAL A CA  1 
ATOM   77  C C   . VAL A 1 12  ? -2.169  4.955   -13.721 1.00 30.52  ? 43  VAL A C   1 
ATOM   78  O O   . VAL A 1 12  ? -1.574  6.027   -13.734 1.00 27.58  ? 43  VAL A O   1 
ATOM   79  C CB  . VAL A 1 12  ? -4.504  5.677   -14.117 1.00 31.24  ? 43  VAL A CB  1 
ATOM   80  C CG1 . VAL A 1 12  ? -4.483  5.090   -15.539 1.00 30.67  ? 43  VAL A CG1 1 
ATOM   81  C CG2 . VAL A 1 12  ? -5.903  5.720   -13.540 1.00 26.76  ? 43  VAL A CG2 1 
ATOM   82  N N   . VAL A 1 13  ? -1.626  3.832   -14.164 1.00 27.52  ? 44  VAL A N   1 
ATOM   83  C CA  . VAL A 1 13  ? -0.346  3.871   -14.833 1.00 27.71  ? 44  VAL A CA  1 
ATOM   84  C C   . VAL A 1 13  ? -0.423  2.874   -15.983 1.00 30.91  ? 44  VAL A C   1 
ATOM   85  O O   . VAL A 1 13  ? -1.382  2.108   -16.080 1.00 29.17  ? 44  VAL A O   1 
ATOM   86  C CB  . VAL A 1 13  ? 0.801   3.463   -13.878 1.00 29.02  ? 44  VAL A CB  1 
ATOM   87  C CG1 . VAL A 1 13  ? 0.803   4.329   -12.574 1.00 27.85  ? 44  VAL A CG1 1 
ATOM   88  C CG2 . VAL A 1 13  ? 0.667   1.998   -13.519 1.00 29.73  ? 44  VAL A CG2 1 
ATOM   89  N N   . THR A 1 14  ? 0.579   2.900   -16.851 1.00 28.76  ? 45  THR A N   1 
ATOM   90  C CA  . THR A 1 14  ? 0.659   2.045   -18.036 1.00 34.48  ? 45  THR A CA  1 
ATOM   91  C C   . THR A 1 14  ? 1.486   0.840   -17.673 1.00 34.41  ? 45  THR A C   1 
ATOM   92  O O   . THR A 1 14  ? 2.426   0.960   -16.876 1.00 32.63  ? 45  THR A O   1 
ATOM   93  C CB  . THR A 1 14  ? 1.376   2.801   -19.119 1.00 38.60  ? 45  THR A CB  1 
ATOM   94  O OG1 . THR A 1 14  ? 0.591   3.959   -19.407 1.00 42.66  ? 45  THR A OG1 1 
ATOM   95  C CG2 . THR A 1 14  ? 1.554   1.950   -20.393 1.00 41.76  ? 45  THR A CG2 1 
ATOM   96  N N   . GLU A 1 15  ? 1.140   -0.319  -18.205 1.00 33.24  ? 46  GLU A N   1 
ATOM   97  C CA  . GLU A 1 15  ? 1.883   -1.531  -17.862 1.00 36.55  ? 46  GLU A CA  1 
ATOM   98  C C   . GLU A 1 15  ? 3.361   -1.315  -18.153 1.00 37.59  ? 46  GLU A C   1 
ATOM   99  O O   . GLU A 1 15  ? 3.744   -0.704  -19.164 1.00 38.23  ? 46  GLU A O   1 
ATOM   100 C CB  . GLU A 1 15  ? 1.332   -2.774  -18.595 1.00 38.18  ? 46  GLU A CB  1 
ATOM   101 C CG  . GLU A 1 15  ? 1.592   -2.798  -20.055 1.00 46.31  ? 46  GLU A CG  1 
ATOM   102 C CD  . GLU A 1 15  ? 0.964   -4.005  -20.743 1.00 51.06  ? 46  GLU A CD  1 
ATOM   103 O OE1 . GLU A 1 15  ? 0.563   -3.889  -21.920 1.00 53.96  ? 46  GLU A OE1 1 
ATOM   104 O OE2 . GLU A 1 15  ? 0.870   -5.064  -20.095 1.00 54.41  ? 46  GLU A OE2 1 
ATOM   105 N N   . GLY A 1 16  ? 4.211   -1.783  -17.253 1.00 39.17  ? 47  GLY A N   1 
ATOM   106 C CA  . GLY A 1 16  ? 5.640   -1.556  -17.424 1.00 36.75  ? 47  GLY A CA  1 
ATOM   107 C C   . GLY A 1 16  ? 6.129   -0.442  -16.530 1.00 36.87  ? 47  GLY A C   1 
ATOM   108 O O   . GLY A 1 16  ? 7.290   -0.449  -16.135 1.00 35.95  ? 47  GLY A O   1 
ATOM   109 N N   . ASP A 1 17  ? 5.257   0.514   -16.212 1.00 31.23  ? 48  ASP A N   1 
ATOM   110 C CA  . ASP A 1 17  ? 5.651   1.619   -15.359 1.00 35.54  ? 48  ASP A CA  1 
ATOM   111 C C   . ASP A 1 17  ? 5.637   1.225   -13.891 1.00 34.54  ? 48  ASP A C   1 
ATOM   112 O O   . ASP A 1 17  ? 5.127   0.167   -13.527 1.00 36.23  ? 48  ASP A O   1 
ATOM   113 C CB  . ASP A 1 17  ? 4.772   2.855   -15.605 1.00 39.31  ? 48  ASP A CB  1 
ATOM   114 C CG  . ASP A 1 17  ? 5.077   3.498   -16.953 1.00 45.73  ? 48  ASP A CG  1 
ATOM   115 O OD1 . ASP A 1 17  ? 4.360   4.409   -17.407 1.00 49.02  ? 48  ASP A OD1 1 
ATOM   116 O OD2 . ASP A 1 17  ? 6.058   3.050   -17.572 1.00 52.29  ? 48  ASP A OD2 1 
ATOM   117 N N   . ASN A 1 18  ? 6.212   2.067   -13.043 1.00 34.30  ? 49  ASN A N   1 
ATOM   118 C CA  . ASN A 1 18  ? 6.137   1.817   -11.614 1.00 33.26  ? 49  ASN A CA  1 
ATOM   119 C C   . ASN A 1 18  ? 4.881   2.486   -11.108 1.00 34.06  ? 49  ASN A C   1 
ATOM   120 O O   . ASN A 1 18  ? 4.365   3.409   -11.733 1.00 31.17  ? 49  ASN A O   1 
ATOM   121 C CB  . ASN A 1 18  ? 7.308   2.425   -10.867 1.00 34.59  ? 49  ASN A CB  1 
ATOM   122 C CG  . ASN A 1 18  ? 8.618   1.959   -11.388 1.00 37.72  ? 49  ASN A CG  1 
ATOM   123 O OD1 . ASN A 1 18  ? 8.828   0.765   -11.594 1.00 38.18  ? 49  ASN A OD1 1 
ATOM   124 N ND2 . ASN A 1 18  ? 9.522   2.895   -11.603 1.00 37.96  ? 49  ASN A ND2 1 
ATOM   125 N N   . ALA A 1 19  ? 4.389   2.023   -9.967  1.00 30.69  ? 50  ALA A N   1 
ATOM   126 C CA  . ALA A 1 19  ? 3.189   2.587   -9.425  1.00 30.01  ? 50  ALA A CA  1 
ATOM   127 C C   . ALA A 1 19  ? 3.459   2.814   -7.930  1.00 29.75  ? 50  ALA A C   1 
ATOM   128 O O   . ALA A 1 19  ? 3.796   1.873   -7.229  1.00 30.46  ? 50  ALA A O   1 
ATOM   129 C CB  . ALA A 1 19  ? 2.067   1.629   -9.611  1.00 28.78  ? 50  ALA A CB  1 
ATOM   130 N N   . THR A 1 20  ? 3.302   4.047   -7.445  1.00 28.55  ? 51  THR A N   1 
ATOM   131 C CA  . THR A 1 20  ? 3.636   4.312   -6.067  1.00 25.63  ? 51  THR A CA  1 
ATOM   132 C C   . THR A 1 20  ? 2.453   4.908   -5.322  1.00 27.95  ? 51  THR A C   1 
ATOM   133 O O   . THR A 1 20  ? 1.913   5.963   -5.724  1.00 25.83  ? 51  THR A O   1 
ATOM   134 C CB  . THR A 1 20  ? 4.873   5.205   -6.022  1.00 27.26  ? 51  THR A CB  1 
ATOM   135 O OG1 . THR A 1 20  ? 5.982   4.411   -6.460  1.00 27.81  ? 51  THR A OG1 1 
ATOM   136 C CG2 . THR A 1 20  ? 5.157   5.723   -4.603  1.00 24.16  ? 51  THR A CG2 1 
ATOM   137 N N   . PHE A 1 21  ? 2.018   4.223   -4.262  1.00 25.37  ? 52  PHE A N   1 
ATOM   138 C CA  . PHE A 1 21  ? 1.102   4.858   -3.310  1.00 25.16  ? 52  PHE A CA  1 
ATOM   139 C C   . PHE A 1 21  ? 1.884   5.348   -2.117  1.00 24.13  ? 52  PHE A C   1 
ATOM   140 O O   . PHE A 1 21  ? 2.955   4.833   -1.806  1.00 26.39  ? 52  PHE A O   1 
ATOM   141 C CB  . PHE A 1 21  ? 0.071   3.862   -2.785  1.00 25.24  ? 52  PHE A CB  1 
ATOM   142 C CG  . PHE A 1 21  ? -0.835  3.314   -3.830  1.00 25.76  ? 52  PHE A CG  1 
ATOM   143 C CD1 . PHE A 1 21  ? -0.600  2.078   -4.388  1.00 27.78  ? 52  PHE A CD1 1 
ATOM   144 C CD2 . PHE A 1 21  ? -1.959  4.034   -4.224  1.00 26.56  ? 52  PHE A CD2 1 
ATOM   145 C CE1 . PHE A 1 21  ? -1.492  1.554   -5.360  1.00 32.49  ? 52  PHE A CE1 1 
ATOM   146 C CE2 . PHE A 1 21  ? -2.839  3.546   -5.175  1.00 29.15  ? 52  PHE A CE2 1 
ATOM   147 C CZ  . PHE A 1 21  ? -2.623  2.299   -5.741  1.00 30.54  ? 52  PHE A CZ  1 
ATOM   148 N N   . THR A 1 22  ? 1.291   6.280   -1.399  1.00 24.43  ? 53  THR A N   1 
ATOM   149 C CA  . THR A 1 22  ? 1.825   6.758   -0.153  1.00 26.36  ? 53  THR A CA  1 
ATOM   150 C C   . THR A 1 22  ? 0.864   6.471   0.994   1.00 29.01  ? 53  THR A C   1 
ATOM   151 O O   . THR A 1 22  ? -0.302  6.852   0.951   1.00 27.07  ? 53  THR A O   1 
ATOM   152 C CB  . THR A 1 22  ? 2.048   8.271   -0.237  1.00 28.17  ? 53  THR A CB  1 
ATOM   153 O OG1 . THR A 1 22  ? 2.914   8.525   -1.347  1.00 30.61  ? 53  THR A OG1 1 
ATOM   154 C CG2 . THR A 1 22  ? 2.681   8.824   1.079   1.00 27.77  ? 53  THR A CG2 1 
ATOM   155 N N   . CYS A 1 23  ? 1.372   5.799   2.020   1.00 29.50  ? 54  CYS A N   1 
ATOM   156 C CA  . CYS A 1 23  ? 0.608   5.551   3.215   1.00 32.77  ? 54  CYS A CA  1 
ATOM   157 C C   . CYS A 1 23  ? 1.128   6.532   4.264   1.00 35.75  ? 54  CYS A C   1 
ATOM   158 O O   . CYS A 1 23  ? 2.333   6.549   4.525   1.00 36.16  ? 54  CYS A O   1 
ATOM   159 C CB  . CYS A 1 23  ? 0.820   4.088   3.673   1.00 32.24  ? 54  CYS A CB  1 
ATOM   160 S SG  . CYS A 1 23  ? -0.001  3.643   5.252   1.00 34.91  ? 54  CYS A SG  1 
ATOM   161 N N   . SER A 1 24  ? 0.248   7.362   4.833   1.00 34.96  ? 55  SER A N   1 
ATOM   162 C CA  . SER A 1 24  ? 0.638   8.282   5.892   1.00 37.66  ? 55  SER A CA  1 
ATOM   163 C C   . SER A 1 24  ? 0.022   7.905   7.199   1.00 42.22  ? 55  SER A C   1 
ATOM   164 O O   . SER A 1 24  ? -1.206  7.768   7.299   1.00 41.95  ? 55  SER A O   1 
ATOM   165 C CB  . SER A 1 24  ? 0.232   9.703   5.564   1.00 38.38  ? 55  SER A CB  1 
ATOM   166 O OG  . SER A 1 24  ? 0.752   10.007  4.290   1.00 43.25  ? 55  SER A OG  1 
ATOM   167 N N   . PHE A 1 25  ? 0.876   7.746   8.206   1.00 45.70  ? 56  PHE A N   1 
ATOM   168 C CA  . PHE A 1 25  ? 0.450   7.280   9.516   1.00 49.31  ? 56  PHE A CA  1 
ATOM   169 C C   . PHE A 1 25  ? 1.401   7.794   10.562  1.00 55.64  ? 56  PHE A C   1 
ATOM   170 O O   . PHE A 1 25  ? 2.606   7.568   10.439  1.00 52.38  ? 56  PHE A O   1 
ATOM   171 C CB  . PHE A 1 25  ? 0.514   5.760   9.573   1.00 49.10  ? 56  PHE A CB  1 
ATOM   172 C CG  . PHE A 1 25  ? 0.083   5.209   10.893  1.00 55.40  ? 56  PHE A CG  1 
ATOM   173 C CD1 . PHE A 1 25  ? -1.224  5.381   11.330  1.00 56.91  ? 56  PHE A CD1 1 
ATOM   174 C CD2 . PHE A 1 25  ? 0.984   4.563   11.725  1.00 58.58  ? 56  PHE A CD2 1 
ATOM   175 C CE1 . PHE A 1 25  ? -1.641  4.893   12.573  1.00 60.68  ? 56  PHE A CE1 1 
ATOM   176 C CE2 . PHE A 1 25  ? 0.585   4.072   12.967  1.00 62.41  ? 56  PHE A CE2 1 
ATOM   177 C CZ  . PHE A 1 25  ? -0.734  4.237   13.394  1.00 63.13  ? 56  PHE A CZ  1 
ATOM   178 N N   . SER A 1 26  ? 0.898   8.456   11.603  1.00 62.79  ? 57  SER A N   1 
ATOM   179 C CA  . SER A 1 26  ? 1.771   8.806   12.756  1.00 71.34  ? 57  SER A CA  1 
ATOM   180 C C   . SER A 1 26  ? 1.245   8.293   14.115  1.00 77.85  ? 57  SER A C   1 
ATOM   181 O O   . SER A 1 26  ? 0.074   8.483   14.452  1.00 77.55  ? 57  SER A O   1 
ATOM   182 C CB  . SER A 1 26  ? 2.140   10.311  12.796  1.00 71.52  ? 57  SER A CB  1 
ATOM   183 O OG  . SER A 1 26  ? 1.014   11.162  12.657  1.00 70.28  ? 57  SER A OG  1 
ATOM   184 N N   . ASN A 1 27  ? 2.116   7.625   14.876  1.00 85.34  ? 58  ASN A N   1 
ATOM   185 C CA  . ASN A 1 27  ? 1.721   7.024   16.159  1.00 93.47  ? 58  ASN A CA  1 
ATOM   186 C C   . ASN A 1 27  ? 2.810   7.083   17.230  1.00 99.47  ? 58  ASN A C   1 
ATOM   187 O O   . ASN A 1 27  ? 3.825   6.384   17.143  1.00 100.60 ? 58  ASN A O   1 
ATOM   188 C CB  . ASN A 1 27  ? 1.275   5.573   15.945  1.00 94.51  ? 58  ASN A CB  1 
ATOM   189 C CG  . ASN A 1 27  ? 0.863   4.875   17.234  1.00 99.20  ? 58  ASN A CG  1 
ATOM   190 O OD1 . ASN A 1 27  ? 0.519   5.518   18.232  1.00 102.52 ? 58  ASN A OD1 1 
ATOM   191 N ND2 . ASN A 1 27  ? 0.890   3.543   17.213  1.00 99.98  ? 58  ASN A ND2 1 
ATOM   192 N N   . THR A 1 28  ? 2.578   7.910   18.249  1.00 105.19 ? 59  THR A N   1 
ATOM   193 C CA  . THR A 1 28  ? 3.528   8.087   19.349  1.00 111.59 ? 59  THR A CA  1 
ATOM   194 C C   . THR A 1 28  ? 3.485   6.923   20.356  1.00 116.35 ? 59  THR A C   1 
ATOM   195 O O   . THR A 1 28  ? 2.688   6.937   21.304  1.00 119.57 ? 59  THR A O   1 
ATOM   196 C CB  . THR A 1 28  ? 3.289   9.430   20.092  1.00 113.74 ? 59  THR A CB  1 
ATOM   197 N N   . SER A 1 29  ? 4.356   5.931   20.140  1.00 117.52 ? 60  SER A N   1 
ATOM   198 C CA  . SER A 1 29  ? 4.458   4.732   20.988  1.00 121.08 ? 60  SER A CA  1 
ATOM   199 C C   . SER A 1 29  ? 3.480   3.632   20.565  1.00 119.55 ? 60  SER A C   1 
ATOM   200 O O   . SER A 1 29  ? 3.555   3.123   19.444  1.00 115.92 ? 60  SER A O   1 
ATOM   201 C CB  . SER A 1 29  ? 4.293   5.067   22.479  1.00 125.60 ? 60  SER A CB  1 
ATOM   202 N N   . SER A 1 31  ? 5.179   1.372   19.258  1.00 90.75  ? 62  SER A N   1 
ATOM   203 C CA  . SER A 1 31  ? 5.648   0.765   18.010  1.00 88.80  ? 62  SER A CA  1 
ATOM   204 C C   . SER A 1 31  ? 4.515   0.253   17.121  1.00 84.88  ? 62  SER A C   1 
ATOM   205 O O   . SER A 1 31  ? 3.384   0.043   17.577  1.00 86.50  ? 62  SER A O   1 
ATOM   206 C CB  . SER A 1 31  ? 6.613   -0.383  18.302  1.00 91.72  ? 62  SER A CB  1 
ATOM   207 O OG  . SER A 1 31  ? 7.943   0.085   18.379  1.00 93.61  ? 62  SER A OG  1 
ATOM   208 N N   . PHE A 1 32  ? 4.830   0.033   15.851  1.00 80.81  ? 63  PHE A N   1 
ATOM   209 C CA  . PHE A 1 32  ? 3.836   -0.472  14.910  1.00 75.87  ? 63  PHE A CA  1 
ATOM   210 C C   . PHE A 1 32  ? 4.425   -1.270  13.726  1.00 71.31  ? 63  PHE A C   1 
ATOM   211 O O   . PHE A 1 32  ? 5.565   -1.041  13.307  1.00 69.77  ? 63  PHE A O   1 
ATOM   212 C CB  . PHE A 1 32  ? 2.925   0.673   14.421  1.00 75.45  ? 63  PHE A CB  1 
ATOM   213 C CG  . PHE A 1 32  ? 3.643   1.752   13.626  1.00 76.12  ? 63  PHE A CG  1 
ATOM   214 C CD1 . PHE A 1 32  ? 4.077   1.517   12.322  1.00 73.16  ? 63  PHE A CD1 1 
ATOM   215 C CD2 . PHE A 1 32  ? 3.855   3.014   14.171  1.00 77.99  ? 63  PHE A CD2 1 
ATOM   216 C CE1 . PHE A 1 32  ? 4.733   2.507   11.591  1.00 73.00  ? 63  PHE A CE1 1 
ATOM   217 C CE2 . PHE A 1 32  ? 4.508   4.016   13.435  1.00 77.28  ? 63  PHE A CE2 1 
ATOM   218 C CZ  . PHE A 1 32  ? 4.947   3.756   12.147  1.00 73.67  ? 63  PHE A CZ  1 
ATOM   219 N N   . VAL A 1 33  ? 3.642   -2.221  13.216  1.00 66.29  ? 64  VAL A N   1 
ATOM   220 C CA  . VAL A 1 33  ? 3.901   -2.842  11.915  1.00 60.31  ? 64  VAL A CA  1 
ATOM   221 C C   . VAL A 1 33  ? 2.920   -2.234  10.918  1.00 55.89  ? 64  VAL A C   1 
ATOM   222 O O   . VAL A 1 33  ? 1.732   -2.048  11.234  1.00 52.03  ? 64  VAL A O   1 
ATOM   223 C CB  . VAL A 1 33  ? 3.694   -4.377  11.935  1.00 63.22  ? 64  VAL A CB  1 
ATOM   224 C CG1 . VAL A 1 33  ? 3.967   -4.983  10.560  1.00 59.91  ? 64  VAL A CG1 1 
ATOM   225 C CG2 . VAL A 1 33  ? 4.580   -5.041  13.001  1.00 69.10  ? 64  VAL A CG2 1 
ATOM   226 N N   . LEU A 1 34  ? 3.416   -1.938  9.718   1.00 51.34  ? 65  LEU A N   1 
ATOM   227 C CA  . LEU A 1 34  ? 2.637   -1.255  8.706   1.00 50.76  ? 65  LEU A CA  1 
ATOM   228 C C   . LEU A 1 34  ? 2.552   -2.156  7.490   1.00 50.37  ? 65  LEU A C   1 
ATOM   229 O O   . LEU A 1 34  ? 3.545   -2.306  6.780   1.00 51.06  ? 65  LEU A O   1 
ATOM   230 C CB  . LEU A 1 34  ? 3.340   0.047   8.306   1.00 51.03  ? 65  LEU A CB  1 
ATOM   231 C CG  . LEU A 1 34  ? 2.468   1.289   8.127   1.00 52.86  ? 65  LEU A CG  1 
ATOM   232 C CD1 . LEU A 1 34  ? 3.001   2.184   7.008   1.00 50.21  ? 65  LEU A CD1 1 
ATOM   233 C CD2 . LEU A 1 34  ? 1.049   0.905   7.817   1.00 52.22  ? 65  LEU A CD2 1 
ATOM   234 N N   . ASN A 1 35  ? 1.370   -2.735  7.247   1.00 46.57  ? 66  ASN A N   1 
ATOM   235 C CA  . ASN A 1 35  ? 1.165   -3.708  6.183   1.00 42.43  ? 66  ASN A CA  1 
ATOM   236 C C   . ASN A 1 35  ? 0.463   -3.180  4.935   1.00 37.74  ? 66  ASN A C   1 
ATOM   237 O O   . ASN A 1 35  ? -0.404  -2.328  5.026   1.00 36.06  ? 66  ASN A O   1 
ATOM   238 C CB  . ASN A 1 35  ? 0.398   -4.876  6.737   1.00 46.65  ? 66  ASN A CB  1 
ATOM   239 C CG  . ASN A 1 35  ? 1.226   -5.686  7.715   1.00 54.83  ? 66  ASN A CG  1 
ATOM   240 O OD1 . ASN A 1 35  ? 2.436   -5.457  7.861   1.00 56.75  ? 66  ASN A OD1 1 
ATOM   241 N ND2 . ASN A 1 35  ? 0.590   -6.650  8.374   1.00 57.51  ? 66  ASN A ND2 1 
ATOM   242 N N   . TRP A 1 36  ? 0.844   -3.691  3.772   1.00 32.60  ? 67  TRP A N   1 
ATOM   243 C CA  . TRP A 1 36  ? 0.259   -3.249  2.519   1.00 34.10  ? 67  TRP A CA  1 
ATOM   244 C C   . TRP A 1 36  ? -0.480  -4.480  2.008   1.00 36.20  ? 67  TRP A C   1 
ATOM   245 O O   . TRP A 1 36  ? 0.127   -5.540  1.799   1.00 37.81  ? 67  TRP A O   1 
ATOM   246 C CB  . TRP A 1 36  ? 1.365   -2.775  1.548   1.00 33.82  ? 67  TRP A CB  1 
ATOM   247 C CG  . TRP A 1 36  ? 0.932   -2.342  0.135   1.00 29.90  ? 67  TRP A CG  1 
ATOM   248 C CD1 . TRP A 1 36  ? -0.317  -1.948  -0.264  1.00 29.87  ? 67  TRP A CD1 1 
ATOM   249 C CD2 . TRP A 1 36  ? 1.778   -2.230  -1.030  1.00 31.18  ? 67  TRP A CD2 1 
ATOM   250 N NE1 . TRP A 1 36  ? -0.303  -1.615  -1.602  1.00 32.01  ? 67  TRP A NE1 1 
ATOM   251 C CE2 . TRP A 1 36  ? 0.971   -1.780  -2.093  1.00 30.25  ? 67  TRP A CE2 1 
ATOM   252 C CE3 . TRP A 1 36  ? 3.143   -2.488  -1.278  1.00 33.76  ? 67  TRP A CE3 1 
ATOM   253 C CZ2 . TRP A 1 36  ? 1.473   -1.587  -3.388  1.00 29.16  ? 67  TRP A CZ2 1 
ATOM   254 C CZ3 . TRP A 1 36  ? 3.644   -2.281  -2.554  1.00 31.23  ? 67  TRP A CZ3 1 
ATOM   255 C CH2 . TRP A 1 36  ? 2.812   -1.828  -3.592  1.00 31.36  ? 67  TRP A CH2 1 
ATOM   256 N N   . TYR A 1 37  ? -1.788  -4.355  1.868   1.00 32.20  ? 68  TYR A N   1 
ATOM   257 C CA  . TYR A 1 37  ? -2.597  -5.475  1.442   1.00 32.92  ? 68  TYR A CA  1 
ATOM   258 C C   . TYR A 1 37  ? -3.188  -5.191  0.067   1.00 33.20  ? 68  TYR A C   1 
ATOM   259 O O   . TYR A 1 37  ? -3.548  -4.049  -0.230  1.00 30.57  ? 68  TYR A O   1 
ATOM   260 C CB  . TYR A 1 37  ? -3.741  -5.693  2.435   1.00 34.50  ? 68  TYR A CB  1 
ATOM   261 C CG  . TYR A 1 37  ? -3.267  -6.075  3.816   1.00 38.45  ? 68  TYR A CG  1 
ATOM   262 C CD1 . TYR A 1 37  ? -2.874  -7.372  4.095   1.00 41.92  ? 68  TYR A CD1 1 
ATOM   263 C CD2 . TYR A 1 37  ? -3.208  -5.141  4.842   1.00 39.96  ? 68  TYR A CD2 1 
ATOM   264 C CE1 . TYR A 1 37  ? -2.449  -7.750  5.385   1.00 45.57  ? 68  TYR A CE1 1 
ATOM   265 C CE2 . TYR A 1 37  ? -2.776  -5.501  6.133   1.00 42.52  ? 68  TYR A CE2 1 
ATOM   266 C CZ  . TYR A 1 37  ? -2.395  -6.807  6.388   1.00 45.11  ? 68  TYR A CZ  1 
ATOM   267 O OH  . TYR A 1 37  ? -1.964  -7.179  7.652   1.00 49.92  ? 68  TYR A OH  1 
ATOM   268 N N   . ARG A 1 38  ? -3.291  -6.225  -0.761  1.00 34.54  ? 69  ARG A N   1 
ATOM   269 C CA  . ARG A 1 38  ? -4.170  -6.179  -1.926  1.00 37.21  ? 69  ARG A CA  1 
ATOM   270 C C   . ARG A 1 38  ? -5.561  -6.733  -1.538  1.00 40.83  ? 69  ARG A C   1 
ATOM   271 O O   . ARG A 1 38  ? -5.646  -7.821  -0.973  1.00 40.63  ? 69  ARG A O   1 
ATOM   272 C CB  . ARG A 1 38  ? -3.577  -7.028  -3.048  1.00 41.04  ? 69  ARG A CB  1 
ATOM   273 C CG  . ARG A 1 38  ? -4.402  -6.979  -4.289  1.00 43.50  ? 69  ARG A CG  1 
ATOM   274 C CD  . ARG A 1 38  ? -3.679  -7.531  -5.480  1.00 44.06  ? 69  ARG A CD  1 
ATOM   275 N NE  . ARG A 1 38  ? -4.480  -7.340  -6.682  1.00 42.77  ? 69  ARG A NE  1 
ATOM   276 C CZ  . ARG A 1 38  ? -4.080  -7.738  -7.884  1.00 45.95  ? 69  ARG A CZ  1 
ATOM   277 N NH1 . ARG A 1 38  ? -2.888  -8.351  -8.016  1.00 45.35  ? 69  ARG A NH1 1 
ATOM   278 N NH2 . ARG A 1 38  ? -4.859  -7.526  -8.940  1.00 44.86  ? 69  ARG A NH2 1 
ATOM   279 N N   . MET A 1 39  ? -6.646  -6.003  -1.831  1.00 40.43  ? 70  MET A N   1 
ATOM   280 C CA  . MET A 1 39  ? -7.971  -6.429  -1.331  1.00 44.39  ? 70  MET A CA  1 
ATOM   281 C C   . MET A 1 39  ? -8.851  -6.956  -2.424  1.00 45.58  ? 70  MET A C   1 
ATOM   282 O O   . MET A 1 39  ? -9.858  -7.554  -2.156  1.00 51.99  ? 70  MET A O   1 
ATOM   283 C CB  . MET A 1 39  ? -8.710  -5.272  -0.656  1.00 43.08  ? 70  MET A CB  1 
ATOM   284 C CG  . MET A 1 39  ? -7.935  -4.588  0.449   1.00 41.68  ? 70  MET A CG  1 
ATOM   285 S SD  . MET A 1 39  ? -7.639  -5.707  1.821   1.00 45.43  ? 70  MET A SD  1 
ATOM   286 C CE  . MET A 1 39  ? -9.313  -6.069  2.410   1.00 47.36  ? 70  MET A CE  1 
ATOM   287 N N   . SER A 1 40  ? -8.504  -6.691  -3.665  1.00 47.34  ? 71  SER A N   1 
ATOM   288 C CA  . SER A 1 40  ? -9.306  -7.153  -4.787  1.00 48.94  ? 71  SER A CA  1 
ATOM   289 C C   . SER A 1 40  ? -8.407  -7.226  -6.017  1.00 50.02  ? 71  SER A C   1 
ATOM   290 O O   . SER A 1 40  ? -7.447  -6.450  -6.122  1.00 46.82  ? 71  SER A O   1 
ATOM   291 C CB  . SER A 1 40  ? -10.548 -6.253  -5.023  1.00 47.56  ? 71  SER A CB  1 
ATOM   292 O OG  . SER A 1 40  ? -10.253 -5.114  -5.827  1.00 46.00  ? 71  SER A OG  1 
ATOM   293 N N   . PRO A 1 41  ? -8.717  -8.151  -6.954  1.00 53.17  ? 72  PRO A N   1 
ATOM   294 C CA  . PRO A 1 41  ? -9.907  -9.022  -6.922  1.00 58.32  ? 72  PRO A CA  1 
ATOM   295 C C   . PRO A 1 41  ? -9.878  -10.053 -5.793  1.00 63.95  ? 72  PRO A C   1 
ATOM   296 O O   . PRO A 1 41  ? -8.798  -10.368 -5.286  1.00 63.50  ? 72  PRO A O   1 
ATOM   297 C CB  . PRO A 1 41  ? -9.879  -9.720  -8.289  1.00 58.72  ? 72  PRO A CB  1 
ATOM   298 C CG  . PRO A 1 41  ? -9.092  -8.800  -9.153  1.00 56.50  ? 72  PRO A CG  1 
ATOM   299 C CD  . PRO A 1 41  ? -8.022  -8.227  -8.250  1.00 53.43  ? 72  PRO A CD  1 
ATOM   300 N N   . SER A 1 42  ? -11.062 -10.563 -5.429  1.00 69.96  ? 73  SER A N   1 
ATOM   301 C CA  . SER A 1 42  ? -11.277 -11.409 -4.233  1.00 77.10  ? 73  SER A CA  1 
ATOM   302 C C   . SER A 1 42  ? -10.337 -12.607 -4.133  1.00 80.57  ? 73  SER A C   1 
ATOM   303 O O   . SER A 1 42  ? -9.967  -13.043 -3.035  1.00 82.28  ? 73  SER A O   1 
ATOM   304 C CB  . SER A 1 42  ? -12.727 -11.920 -4.182  1.00 81.40  ? 73  SER A CB  1 
ATOM   305 O OG  . SER A 1 42  ? -13.653 -10.846 -4.232  1.00 83.11  ? 73  SER A OG  1 
ATOM   306 N N   . ASN A 1 43  ? -9.982  -13.146 -5.289  1.00 82.40  ? 74  ASN A N   1 
ATOM   307 C CA  . ASN A 1 43  ? -9.092  -14.278 -5.373  1.00 85.64  ? 74  ASN A CA  1 
ATOM   308 C C   . ASN A 1 43  ? -7.664  -13.840 -5.081  1.00 82.69  ? 74  ASN A C   1 
ATOM   309 O O   . ASN A 1 43  ? -6.885  -14.597 -4.504  1.00 84.91  ? 74  ASN A O   1 
ATOM   310 C CB  . ASN A 1 43  ? -9.171  -14.866 -6.776  1.00 89.38  ? 74  ASN A CB  1 
ATOM   311 C CG  . ASN A 1 43  ? -9.082  -13.796 -7.858  1.00 87.94  ? 74  ASN A CG  1 
ATOM   312 O OD1 . ASN A 1 43  ? -8.012  -13.560 -8.429  1.00 87.47  ? 74  ASN A OD1 1 
ATOM   313 N ND2 . ASN A 1 43  ? -10.205 -13.123 -8.126  1.00 86.75  ? 74  ASN A ND2 1 
ATOM   314 N N   . GLN A 1 44  ? -7.335  -12.609 -5.470  1.00 77.18  ? 75  GLN A N   1 
ATOM   315 C CA  . GLN A 1 44  ? -5.952  -12.125 -5.416  1.00 74.77  ? 75  GLN A CA  1 
ATOM   316 C C   . GLN A 1 44  ? -5.564  -11.421 -4.112  1.00 72.27  ? 75  GLN A C   1 
ATOM   317 O O   . GLN A 1 44  ? -4.444  -10.888 -3.986  1.00 71.05  ? 75  GLN A O   1 
ATOM   318 C CB  . GLN A 1 44  ? -5.658  -11.201 -6.598  1.00 72.60  ? 75  GLN A CB  1 
ATOM   319 C CG  . GLN A 1 44  ? -5.921  -11.838 -7.945  1.00 76.34  ? 75  GLN A CG  1 
ATOM   320 C CD  . GLN A 1 44  ? -4.817  -11.544 -8.941  1.00 76.29  ? 75  GLN A CD  1 
ATOM   321 O OE1 . GLN A 1 44  ? -3.649  -11.871 -8.702  1.00 77.28  ? 75  GLN A OE1 1 
ATOM   322 N NE2 . GLN A 1 44  ? -5.179  -10.934 -10.070 1.00 75.39  ? 75  GLN A NE2 1 
ATOM   323 N N   . THR A 1 45  ? -6.470  -11.416 -3.139  1.00 70.64  ? 76  THR A N   1 
ATOM   324 C CA  . THR A 1 45  ? -6.170  -10.688 -1.918  1.00 67.34  ? 76  THR A CA  1 
ATOM   325 C C   . THR A 1 45  ? -4.946  -11.325 -1.283  1.00 67.51  ? 76  THR A C   1 
ATOM   326 O O   . THR A 1 45  ? -4.771  -12.536 -1.348  1.00 71.69  ? 76  THR A O   1 
ATOM   327 C CB  . THR A 1 45  ? -7.356  -10.618 -0.955  1.00 66.48  ? 76  THR A CB  1 
ATOM   328 O OG1 . THR A 1 45  ? -7.451  -11.843 -0.227  1.00 71.55  ? 76  THR A OG1 1 
ATOM   329 C CG2 . THR A 1 45  ? -8.632  -10.369 -1.722  1.00 65.16  ? 76  THR A CG2 1 
ATOM   330 N N   . ASP A 1 46  ? -4.080  -10.501 -0.708  1.00 64.32  ? 77  ASP A N   1 
ATOM   331 C CA  . ASP A 1 46  ? -2.800  -10.972 -0.207  1.00 63.98  ? 77  ASP A CA  1 
ATOM   332 C C   . ASP A 1 46  ? -2.126  -9.825  0.545   1.00 59.18  ? 77  ASP A C   1 
ATOM   333 O O   . ASP A 1 46  ? -2.377  -8.647  0.247   1.00 53.47  ? 77  ASP A O   1 
ATOM   334 C CB  . ASP A 1 46  ? -1.931  -11.416 -1.395  1.00 66.07  ? 77  ASP A CB  1 
ATOM   335 C CG  . ASP A 1 46  ? -0.830  -12.398 -0.997  1.00 70.60  ? 77  ASP A CG  1 
ATOM   336 O OD1 . ASP A 1 46  ? -1.125  -13.472 -0.416  1.00 73.65  ? 77  ASP A OD1 1 
ATOM   337 O OD2 . ASP A 1 46  ? 0.340   -12.100 -1.303  1.00 71.05  ? 77  ASP A OD2 1 
ATOM   338 N N   . LYS A 1 47  ? -1.293  -10.159 1.528   1.00 56.78  ? 78  LYS A N   1 
ATOM   339 C CA  . LYS A 1 47  ? -0.378  -9.159  2.068   1.00 55.11  ? 78  LYS A CA  1 
ATOM   340 C C   . LYS A 1 47  ? 0.807   -9.072  1.119   1.00 55.01  ? 78  LYS A C   1 
ATOM   341 O O   . LYS A 1 47  ? 1.423   -10.093 0.811   1.00 59.00  ? 78  LYS A O   1 
ATOM   342 C CB  . LYS A 1 47  ? 0.114   -9.497  3.482   1.00 56.21  ? 78  LYS A CB  1 
ATOM   343 C CG  . LYS A 1 47  ? 1.286   -8.606  3.896   1.00 54.60  ? 78  LYS A CG  1 
ATOM   344 C CD  . LYS A 1 47  ? 1.671   -8.771  5.347   1.00 56.89  ? 78  LYS A CD  1 
ATOM   345 C CE  . LYS A 1 47  ? 2.463   -10.033 5.570   1.00 61.71  ? 78  LYS A CE  1 
ATOM   346 N NZ  . LYS A 1 47  ? 2.684   -10.254 7.016   1.00 65.14  ? 78  LYS A NZ  1 
ATOM   347 N N   . LEU A 1 48  ? 1.119   -7.862  0.662   1.00 51.04  ? 79  LEU A N   1 
ATOM   348 C CA  . LEU A 1 48  ? 2.146   -7.657  -0.340  1.00 51.83  ? 79  LEU A CA  1 
ATOM   349 C C   . LEU A 1 48  ? 3.518   -7.466  0.269   1.00 54.53  ? 79  LEU A C   1 
ATOM   350 O O   . LEU A 1 48  ? 4.495   -8.058  -0.187  1.00 54.98  ? 79  LEU A O   1 
ATOM   351 C CB  . LEU A 1 48  ? 1.843   -6.419  -1.174  1.00 45.97  ? 79  LEU A CB  1 
ATOM   352 C CG  . LEU A 1 48  ? 0.495   -6.466  -1.866  1.00 46.00  ? 79  LEU A CG  1 
ATOM   353 C CD1 . LEU A 1 48  ? 0.289   -5.168  -2.586  1.00 43.46  ? 79  LEU A CD1 1 
ATOM   354 C CD2 . LEU A 1 48  ? 0.420   -7.641  -2.849  1.00 47.36  ? 79  LEU A CD2 1 
ATOM   355 N N   . ALA A 1 49  ? 3.590   -6.602  1.274   1.00 54.86  ? 80  ALA A N   1 
ATOM   356 C CA  . ALA A 1 49  ? 4.864   -6.070  1.744   1.00 57.06  ? 80  ALA A CA  1 
ATOM   357 C C   . ALA A 1 49  ? 4.637   -5.351  3.059   1.00 58.39  ? 80  ALA A C   1 
ATOM   358 O O   . ALA A 1 49  ? 3.505   -4.986  3.386   1.00 59.91  ? 80  ALA A O   1 
ATOM   359 C CB  . ALA A 1 49  ? 5.455   -5.107  0.702   1.00 54.87  ? 80  ALA A CB  1 
ATOM   360 N N   . ALA A 1 50  ? 5.703   -5.149  3.818   1.00 59.40  ? 81  ALA A N   1 
ATOM   361 C CA  . ALA A 1 50  ? 5.573   -4.624  5.173   1.00 59.94  ? 81  ALA A CA  1 
ATOM   362 C C   . ALA A 1 50  ? 6.756   -3.747  5.593   1.00 61.76  ? 81  ALA A C   1 
ATOM   363 O O   . ALA A 1 50  ? 7.852   -3.766  4.987   1.00 63.25  ? 81  ALA A O   1 
ATOM   364 C CB  . ALA A 1 50  ? 5.371   -5.758  6.177   1.00 60.91  ? 81  ALA A CB  1 
ATOM   365 N N   . PHE A 1 51  ? 6.507   -2.960  6.630   1.00 60.41  ? 82  PHE A N   1 
ATOM   366 C CA  . PHE A 1 51  ? 7.541   -2.207  7.284   1.00 60.25  ? 82  PHE A CA  1 
ATOM   367 C C   . PHE A 1 51  ? 7.425   -2.509  8.775   1.00 63.17  ? 82  PHE A C   1 
ATOM   368 O O   . PHE A 1 51  ? 6.325   -2.456  9.332   1.00 57.98  ? 82  PHE A O   1 
ATOM   369 C CB  . PHE A 1 51  ? 7.380   -0.720  7.024   1.00 57.02  ? 82  PHE A CB  1 
ATOM   370 C CG  . PHE A 1 51  ? 8.295   0.103   7.834   1.00 58.16  ? 82  PHE A CG  1 
ATOM   371 C CD1 . PHE A 1 51  ? 9.510   0.505   7.322   1.00 58.92  ? 82  PHE A CD1 1 
ATOM   372 C CD2 . PHE A 1 51  ? 7.964   0.446   9.136   1.00 59.98  ? 82  PHE A CD2 1 
ATOM   373 C CE1 . PHE A 1 51  ? 10.395  1.259   8.103   1.00 61.51  ? 82  PHE A CE1 1 
ATOM   374 C CE2 . PHE A 1 51  ? 8.835   1.197   9.913   1.00 62.11  ? 82  PHE A CE2 1 
ATOM   375 C CZ  . PHE A 1 51  ? 10.047  1.605   9.394   1.00 61.82  ? 82  PHE A CZ  1 
ATOM   376 N N   . PRO A 1 52  ? 8.558   -2.862  9.414   1.00 68.72  ? 83  PRO A N   1 
ATOM   377 C CA  . PRO A 1 52  ? 9.839   -2.972  8.720   1.00 72.60  ? 83  PRO A CA  1 
ATOM   378 C C   . PRO A 1 52  ? 10.081  -4.368  8.153   1.00 77.94  ? 83  PRO A C   1 
ATOM   379 O O   . PRO A 1 52  ? 10.039  -5.349  8.895   1.00 82.31  ? 83  PRO A O   1 
ATOM   380 C CB  . PRO A 1 52  ? 10.859  -2.666  9.822   1.00 74.08  ? 83  PRO A CB  1 
ATOM   381 C CG  . PRO A 1 52  ? 10.202  -3.137  11.076  1.00 75.86  ? 83  PRO A CG  1 
ATOM   382 C CD  . PRO A 1 52  ? 8.692   -3.118  10.857  1.00 71.67  ? 83  PRO A CD  1 
ATOM   383 N N   . GLU A 1 53  ? 10.311  -4.450  6.844   1.00 79.94  ? 84  GLU A N   1 
ATOM   384 C CA  . GLU A 1 53  ? 10.810  -5.680  6.228   1.00 85.97  ? 84  GLU A CA  1 
ATOM   385 C C   . GLU A 1 53  ? 11.248  -5.461  4.785   1.00 85.11  ? 84  GLU A C   1 
ATOM   386 O O   . GLU A 1 53  ? 12.429  -5.609  4.469   1.00 87.75  ? 84  GLU A O   1 
ATOM   387 C CB  . GLU A 1 53  ? 9.792   -6.819  6.306   1.00 88.48  ? 84  GLU A CB  1 
ATOM   388 C CG  . GLU A 1 53  ? 10.448  -8.194  6.196   1.00 95.53  ? 84  GLU A CG  1 
ATOM   389 C CD  . GLU A 1 53  ? 9.636   -9.300  6.851   1.00 99.50  ? 84  GLU A CD  1 
ATOM   390 O OE1 . GLU A 1 53  ? 10.244  -10.304 7.290   1.00 104.43 ? 84  GLU A OE1 1 
ATOM   391 O OE2 . GLU A 1 53  ? 8.392   -9.161  6.930   1.00 98.77  ? 84  GLU A OE2 1 
ATOM   392 N N   . CYS A 1 62  ? 10.736  -8.934  -4.112  1.00 73.75  ? 93  CYS A N   1 
ATOM   393 C CA  . CYS A 1 62  ? 10.169  -8.943  -5.447  1.00 70.72  ? 93  CYS A CA  1 
ATOM   394 C C   . CYS A 1 62  ? 9.732   -7.535  -5.841  1.00 62.66  ? 93  CYS A C   1 
ATOM   395 O O   . CYS A 1 62  ? 10.385  -6.553  -5.474  1.00 59.08  ? 93  CYS A O   1 
ATOM   396 C CB  . CYS A 1 62  ? 8.999   -9.954  -5.575  1.00 74.38  ? 93  CYS A CB  1 
ATOM   397 S SG  . CYS A 1 62  ? 7.564   -9.804  -4.401  1.00 75.17  ? 93  CYS A SG  1 
ATOM   398 N N   . ARG A 1 63  ? 8.618   -7.458  -6.571  1.00 56.19  ? 94  ARG A N   1 
ATOM   399 C CA  . ARG A 1 63  ? 8.149   -6.220  -7.191  1.00 50.24  ? 94  ARG A CA  1 
ATOM   400 C C   . ARG A 1 63  ? 7.399   -5.273  -6.252  1.00 45.31  ? 94  ARG A C   1 
ATOM   401 O O   . ARG A 1 63  ? 6.929   -4.235  -6.691  1.00 44.15  ? 94  ARG A O   1 
ATOM   402 C CB  . ARG A 1 63  ? 7.235   -6.535  -8.394  1.00 49.83  ? 94  ARG A CB  1 
ATOM   403 C CG  . ARG A 1 63  ? 7.922   -7.179  -9.601  1.00 52.68  ? 94  ARG A CG  1 
ATOM   404 C CD  . ARG A 1 63  ? 6.951   -7.367  -10.793 1.00 51.60  ? 94  ARG A CD  1 
ATOM   405 N NE  . ARG A 1 63  ? 5.641   -7.863  -10.357 1.00 49.12  ? 94  ARG A NE  1 
ATOM   406 C CZ  . ARG A 1 63  ? 4.494   -7.185  -10.461 1.00 45.89  ? 94  ARG A CZ  1 
ATOM   407 N NH1 . ARG A 1 63  ? 4.468   -5.991  -11.029 1.00 44.21  ? 94  ARG A NH1 1 
ATOM   408 N NH2 . ARG A 1 63  ? 3.367   -7.718  -10.024 1.00 45.25  ? 94  ARG A NH2 1 
ATOM   409 N N   . PHE A 1 64  ? 7.230   -5.623  -4.984  1.00 44.67  ? 95  PHE A N   1 
ATOM   410 C CA  . PHE A 1 64  ? 6.481   -4.734  -4.076  1.00 43.34  ? 95  PHE A CA  1 
ATOM   411 C C   . PHE A 1 64  ? 7.428   -4.223  -3.022  1.00 42.80  ? 95  PHE A C   1 
ATOM   412 O O   . PHE A 1 64  ? 8.086   -5.008  -2.357  1.00 45.84  ? 95  PHE A O   1 
ATOM   413 C CB  . PHE A 1 64  ? 5.314   -5.459  -3.420  1.00 45.26  ? 95  PHE A CB  1 
ATOM   414 C CG  . PHE A 1 64  ? 4.367   -6.055  -4.394  1.00 46.97  ? 95  PHE A CG  1 
ATOM   415 C CD1 . PHE A 1 64  ? 4.335   -7.417  -4.592  1.00 52.46  ? 95  PHE A CD1 1 
ATOM   416 C CD2 . PHE A 1 64  ? 3.531   -5.250  -5.132  1.00 46.93  ? 95  PHE A CD2 1 
ATOM   417 C CE1 . PHE A 1 64  ? 3.464   -7.979  -5.506  1.00 54.28  ? 95  PHE A CE1 1 
ATOM   418 C CE2 . PHE A 1 64  ? 2.656   -5.789  -6.057  1.00 48.40  ? 95  PHE A CE2 1 
ATOM   419 C CZ  . PHE A 1 64  ? 2.621   -7.160  -6.247  1.00 52.64  ? 95  PHE A CZ  1 
ATOM   420 N N   . ARG A 1 65  ? 7.511   -2.914  -2.870  1.00 38.10  ? 96  ARG A N   1 
ATOM   421 C CA  . ARG A 1 65  ? 8.483   -2.342  -1.951  1.00 39.54  ? 96  ARG A CA  1 
ATOM   422 C C   . ARG A 1 65  ? 7.787   -1.378  -1.001  1.00 35.52  ? 96  ARG A C   1 
ATOM   423 O O   . ARG A 1 65  ? 6.872   -0.645  -1.411  1.00 31.85  ? 96  ARG A O   1 
ATOM   424 C CB  . ARG A 1 65  ? 9.564   -1.617  -2.748  1.00 41.78  ? 96  ARG A CB  1 
ATOM   425 C CG  . ARG A 1 65  ? 10.148  -2.484  -3.879  1.00 50.79  ? 96  ARG A CG  1 
ATOM   426 C CD  . ARG A 1 65  ? 11.071  -1.722  -4.868  1.00 54.36  ? 96  ARG A CD  1 
ATOM   427 N NE  . ARG A 1 65  ? 12.449  -1.622  -4.393  1.00 60.60  ? 96  ARG A NE  1 
ATOM   428 C CZ  . ARG A 1 65  ? 12.921  -0.582  -3.716  1.00 61.79  ? 96  ARG A CZ  1 
ATOM   429 N NH1 . ARG A 1 65  ? 12.117  0.439   -3.448  1.00 60.95  ? 96  ARG A NH1 1 
ATOM   430 N NH2 . ARG A 1 65  ? 14.182  -0.568  -3.297  1.00 64.27  ? 96  ARG A NH2 1 
ATOM   431 N N   . VAL A 1 66  ? 8.200   -1.367  0.265   1.00 33.64  ? 97  VAL A N   1 
ATOM   432 C CA  . VAL A 1 66  ? 7.652   -0.367  1.201   1.00 32.70  ? 97  VAL A CA  1 
ATOM   433 C C   . VAL A 1 66  ? 8.820   0.405   1.768   1.00 30.97  ? 97  VAL A C   1 
ATOM   434 O O   . VAL A 1 66  ? 9.731   -0.185  2.344   1.00 32.71  ? 97  VAL A O   1 
ATOM   435 C CB  . VAL A 1 66  ? 6.893   -1.030  2.361   1.00 36.02  ? 97  VAL A CB  1 
ATOM   436 C CG1 . VAL A 1 66  ? 6.506   0.004   3.385   1.00 34.37  ? 97  VAL A CG1 1 
ATOM   437 C CG2 . VAL A 1 66  ? 5.633   -1.767  1.836   1.00 35.29  ? 97  VAL A CG2 1 
ATOM   438 N N   . THR A 1 67  ? 8.834   1.719   1.588   1.00 28.48  ? 98  THR A N   1 
ATOM   439 C CA  . THR A 1 67  ? 9.967   2.492   2.100   1.00 30.12  ? 98  THR A CA  1 
ATOM   440 C C   . THR A 1 67  ? 9.509   3.625   2.970   1.00 31.58  ? 98  THR A C   1 
ATOM   441 O O   . THR A 1 67  ? 8.678   4.426   2.569   1.00 28.70  ? 98  THR A O   1 
ATOM   442 C CB  . THR A 1 67  ? 10.814  3.057   0.976   1.00 30.10  ? 98  THR A CB  1 
ATOM   443 O OG1 . THR A 1 67  ? 11.221  1.970   0.138   1.00 31.44  ? 98  THR A OG1 1 
ATOM   444 C CG2 . THR A 1 67  ? 12.118  3.764   1.554   1.00 32.50  ? 98  THR A CG2 1 
ATOM   445 N N   . GLN A 1 68  ? 10.067  3.718   4.162   1.00 32.90  ? 99  GLN A N   1 
ATOM   446 C CA  . GLN A 1 68  ? 9.684   4.795   5.059   1.00 32.67  ? 99  GLN A CA  1 
ATOM   447 C C   . GLN A 1 68  ? 10.367  6.077   4.599   1.00 34.63  ? 99  GLN A C   1 
ATOM   448 O O   . GLN A 1 68  ? 11.587  6.085   4.425   1.00 34.23  ? 99  GLN A O   1 
ATOM   449 C CB  . GLN A 1 68  ? 10.150  4.468   6.478   1.00 36.56  ? 99  GLN A CB  1 
ATOM   450 C CG  . GLN A 1 68  ? 9.905   5.605   7.454   1.00 39.52  ? 99  GLN A CG  1 
ATOM   451 C CD  . GLN A 1 68  ? 10.188  5.233   8.879   1.00 45.28  ? 99  GLN A CD  1 
ATOM   452 O OE1 . GLN A 1 68  ? 11.233  4.693   9.191   1.00 46.90  ? 99  GLN A OE1 1 
ATOM   453 N NE2 . GLN A 1 68  ? 9.242   5.520   9.761   1.00 47.13  ? 99  GLN A NE2 1 
ATOM   454 N N   . LEU A 1 69  ? 9.618   7.161   4.418   1.00 32.52  ? 100 LEU A N   1 
ATOM   455 C CA  . LEU A 1 69  ? 10.274  8.419   4.011   1.00 32.84  ? 100 LEU A CA  1 
ATOM   456 C C   . LEU A 1 69  ? 10.935  9.058   5.208   1.00 34.86  ? 100 LEU A C   1 
ATOM   457 O O   . LEU A 1 69  ? 10.626  8.680   6.329   1.00 39.07  ? 100 LEU A O   1 
ATOM   458 C CB  . LEU A 1 69  ? 9.287   9.373   3.351   1.00 32.48  ? 100 LEU A CB  1 
ATOM   459 C CG  . LEU A 1 69  ? 8.690   8.736   2.083   1.00 31.83  ? 100 LEU A CG  1 
ATOM   460 C CD1 . LEU A 1 69  ? 7.732   9.678   1.392   1.00 34.36  ? 100 LEU A CD1 1 
ATOM   461 C CD2 . LEU A 1 69  ? 9.798   8.319   1.113   1.00 32.98  ? 100 LEU A CD2 1 
ATOM   462 N N   . PRO A 1 70  ? 11.859  10.024  4.987   1.00 37.42  ? 101 PRO A N   1 
ATOM   463 C CA  . PRO A 1 70  ? 12.618  10.580  6.100   1.00 40.31  ? 101 PRO A CA  1 
ATOM   464 C C   . PRO A 1 70  ? 11.764  11.299  7.154   1.00 42.01  ? 101 PRO A C   1 
ATOM   465 O O   . PRO A 1 70  ? 12.160  11.334  8.297   1.00 43.00  ? 101 PRO A O   1 
ATOM   466 C CB  . PRO A 1 70  ? 13.619  11.543  5.420   1.00 42.38  ? 101 PRO A CB  1 
ATOM   467 C CG  . PRO A 1 70  ? 13.789  10.997  4.008   1.00 41.26  ? 101 PRO A CG  1 
ATOM   468 C CD  . PRO A 1 70  ? 12.386  10.474  3.676   1.00 38.38  ? 101 PRO A CD  1 
ATOM   469 N N   . ASN A 1 71  ? 10.594  11.836  6.806   1.00 44.10  ? 102 ASN A N   1 
ATOM   470 C CA  . ASN A 1 71  ? 9.775   12.499  7.854   1.00 49.87  ? 102 ASN A CA  1 
ATOM   471 C C   . ASN A 1 71  ? 9.218   11.498  8.874   1.00 50.57  ? 102 ASN A C   1 
ATOM   472 O O   . ASN A 1 71  ? 8.775   11.872  9.966   1.00 51.63  ? 102 ASN A O   1 
ATOM   473 C CB  . ASN A 1 71  ? 8.654   13.389  7.282   1.00 49.77  ? 102 ASN A CB  1 
ATOM   474 C CG  . ASN A 1 71  ? 7.597   12.606  6.549   1.00 45.15  ? 102 ASN A CG  1 
ATOM   475 O OD1 . ASN A 1 71  ? 7.444   11.407  6.746   1.00 44.20  ? 102 ASN A OD1 1 
ATOM   476 N ND2 . ASN A 1 71  ? 6.882   13.274  5.657   1.00 46.38  ? 102 ASN A ND2 1 
ATOM   477 N N   . GLY A 1 72  ? 9.260   10.219  8.514   1.00 49.45  ? 103 GLY A N   1 
ATOM   478 C CA  . GLY A 1 72  ? 8.925   9.164   9.461   1.00 49.58  ? 103 GLY A CA  1 
ATOM   479 C C   . GLY A 1 72  ? 7.440   8.822   9.449   1.00 45.94  ? 103 GLY A C   1 
ATOM   480 O O   . GLY A 1 72  ? 7.052   7.774   9.957   1.00 44.96  ? 103 GLY A O   1 
ATOM   481 N N   . ARG A 1 73  ? 6.618   9.677   8.841   1.00 43.04  ? 104 ARG A N   1 
ATOM   482 C CA  A ARG A 1 73  ? 5.167   9.483   8.841   0.50 41.97  ? 104 ARG A CA  1 
ATOM   483 C CA  B ARG A 1 73  ? 5.176   9.432   8.853   0.50 41.41  ? 104 ARG A CA  1 
ATOM   484 C C   . ARG A 1 73  ? 4.641   8.982   7.503   1.00 38.23  ? 104 ARG A C   1 
ATOM   485 O O   . ARG A 1 73  ? 3.579   8.385   7.434   1.00 37.42  ? 104 ARG A O   1 
ATOM   486 C CB  A ARG A 1 73  ? 4.465   10.778  9.241   0.50 43.87  ? 104 ARG A CB  1 
ATOM   487 C CB  B ARG A 1 73  ? 4.407   10.644  9.379   0.50 42.34  ? 104 ARG A CB  1 
ATOM   488 C CG  A ARG A 1 73  ? 5.043   11.418  10.498  0.50 49.30  ? 104 ARG A CG  1 
ATOM   489 C CG  B ARG A 1 73  ? 4.445   11.829  8.465   0.50 42.98  ? 104 ARG A CG  1 
ATOM   490 C CD  A ARG A 1 73  ? 4.327   12.721  10.821  0.50 51.37  ? 104 ARG A CD  1 
ATOM   491 C CD  B ARG A 1 73  ? 3.798   13.049  9.085   0.50 44.42  ? 104 ARG A CD  1 
ATOM   492 N NE  A ARG A 1 73  ? 4.386   13.635  9.687   0.50 50.48  ? 104 ARG A NE  1 
ATOM   493 N NE  B ARG A 1 73  ? 3.824   14.133  8.117   0.50 44.91  ? 104 ARG A NE  1 
ATOM   494 C CZ  A ARG A 1 73  ? 5.264   14.627  9.574   0.50 51.30  ? 104 ARG A CZ  1 
ATOM   495 C CZ  B ARG A 1 73  ? 3.133   14.096  6.988   0.50 44.55  ? 104 ARG A CZ  1 
ATOM   496 N NH1 A ARG A 1 73  ? 6.150   14.848  10.539  0.50 53.43  ? 104 ARG A NH1 1 
ATOM   497 N NH1 B ARG A 1 73  ? 2.378   13.033  6.731   0.50 40.79  ? 104 ARG A NH1 1 
ATOM   498 N NH2 A ARG A 1 73  ? 5.243   15.400  8.501   0.50 49.85  ? 104 ARG A NH2 1 
ATOM   499 N NH2 B ARG A 1 73  ? 3.196   15.099  6.124   0.50 45.02  ? 104 ARG A NH2 1 
ATOM   500 N N   . ASP A 1 74  ? 5.387   9.254   6.439   1.00 35.52  ? 105 ASP A N   1 
ATOM   501 C CA  . ASP A 1 74  ? 5.026   8.782   5.108   1.00 35.57  ? 105 ASP A CA  1 
ATOM   502 C C   . ASP A 1 74  ? 5.846   7.549   4.704   1.00 33.26  ? 105 ASP A C   1 
ATOM   503 O O   . ASP A 1 74  ? 7.025   7.445   5.022   1.00 35.17  ? 105 ASP A O   1 
ATOM   504 C CB  . ASP A 1 74  ? 5.162   9.902   4.083   1.00 35.18  ? 105 ASP A CB  1 
ATOM   505 C CG  . ASP A 1 74  ? 4.281   11.100  4.417   1.00 41.76  ? 105 ASP A CG  1 
ATOM   506 O OD1 . ASP A 1 74  ? 3.181   10.915  5.008   1.00 45.15  ? 105 ASP A OD1 1 
ATOM   507 O OD2 . ASP A 1 74  ? 4.674   12.236  4.090   1.00 43.17  ? 105 ASP A OD2 1 
ATOM   508 N N   . PHE A 1 75  ? 5.188   6.631   4.013   1.00 29.72  ? 106 PHE A N   1 
ATOM   509 C CA  . PHE A 1 75  ? 5.805   5.430   3.464   1.00 33.35  ? 106 PHE A CA  1 
ATOM   510 C C   . PHE A 1 75  ? 5.409   5.325   2.017   1.00 30.02  ? 106 PHE A C   1 
ATOM   511 O O   . PHE A 1 75  ? 4.243   5.519   1.692   1.00 30.08  ? 106 PHE A O   1 
ATOM   512 C CB  . PHE A 1 75  ? 5.270   4.196   4.194   1.00 31.60  ? 106 PHE A CB  1 
ATOM   513 C CG  . PHE A 1 75  ? 5.484   4.258   5.667   1.00 34.33  ? 106 PHE A CG  1 
ATOM   514 C CD1 . PHE A 1 75  ? 4.727   5.115   6.454   1.00 33.67  ? 106 PHE A CD1 1 
ATOM   515 C CD2 . PHE A 1 75  ? 6.519   3.540   6.257   1.00 37.42  ? 106 PHE A CD2 1 
ATOM   516 C CE1 . PHE A 1 75  ? 4.960   5.218   7.822   1.00 36.86  ? 106 PHE A CE1 1 
ATOM   517 C CE2 . PHE A 1 75  ? 6.737   3.618   7.630   1.00 38.40  ? 106 PHE A CE2 1 
ATOM   518 C CZ  . PHE A 1 75  ? 5.968   4.464   8.405   1.00 39.05  ? 106 PHE A CZ  1 
ATOM   519 N N   . HIS A 1 76  ? 6.347   4.960   1.154   1.00 29.51  ? 107 HIS A N   1 
ATOM   520 C CA  . HIS A 1 76  ? 5.998   4.632   -0.236  1.00 29.55  ? 107 HIS A CA  1 
ATOM   521 C C   . HIS A 1 76  ? 5.755   3.155   -0.390  1.00 27.67  ? 107 HIS A C   1 
ATOM   522 O O   . HIS A 1 76  ? 6.592   2.345   -0.018  1.00 29.31  ? 107 HIS A O   1 
ATOM   523 C CB  . HIS A 1 76  ? 7.119   5.034   -1.206  1.00 32.10  ? 107 HIS A CB  1 
ATOM   524 C CG  . HIS A 1 76  ? 7.062   6.472   -1.600  1.00 34.06  ? 107 HIS A CG  1 
ATOM   525 N ND1 . HIS A 1 76  ? 8.090   7.116   -2.255  1.00 36.20  ? 107 HIS A ND1 1 
ATOM   526 C CD2 . HIS A 1 76  ? 6.109   7.405   -1.368  1.00 34.06  ? 107 HIS A CD2 1 
ATOM   527 C CE1 . HIS A 1 76  ? 7.751   8.382   -2.438  1.00 39.02  ? 107 HIS A CE1 1 
ATOM   528 N NE2 . HIS A 1 76  ? 6.560   8.583   -1.894  1.00 36.09  ? 107 HIS A NE2 1 
ATOM   529 N N   . MET A 1 77  ? 4.622   2.816   -0.987  1.00 25.90  ? 108 MET A N   1 
ATOM   530 C CA  . MET A 1 77  ? 4.319   1.453   -1.338  1.00 25.53  ? 108 MET A CA  1 
ATOM   531 C C   . MET A 1 77  ? 4.361   1.410   -2.836  1.00 25.97  ? 108 MET A C   1 
ATOM   532 O O   . MET A 1 77  ? 3.476   1.963   -3.468  1.00 28.10  ? 108 MET A O   1 
ATOM   533 C CB  . MET A 1 77  ? 2.897   1.145   -0.871  1.00 24.91  ? 108 MET A CB  1 
ATOM   534 C CG  . MET A 1 77  ? 2.850   0.561   0.485   1.00 34.52  ? 108 MET A CG  1 
ATOM   535 S SD  . MET A 1 77  ? 3.081   1.808   1.728   1.00 42.23  ? 108 MET A SD  1 
ATOM   536 C CE  . MET A 1 77  ? 2.558   0.847   3.189   1.00 40.02  ? 108 MET A CE  1 
ATOM   537 N N   . SER A 1 78  ? 5.382   0.782   -3.417  1.00 28.42  ? 109 SER A N   1 
ATOM   538 C CA  . SER A 1 78  ? 5.574   0.828   -4.870  1.00 26.66  ? 109 SER A CA  1 
ATOM   539 C C   . SER A 1 78  ? 5.508   -0.549  -5.475  1.00 28.40  ? 109 SER A C   1 
ATOM   540 O O   . SER A 1 78  ? 6.148   -1.470  -4.960  1.00 31.81  ? 109 SER A O   1 
ATOM   541 C CB  . SER A 1 78  ? 6.991   1.350   -5.181  1.00 27.37  ? 109 SER A CB  1 
ATOM   542 O OG  . SER A 1 78  ? 7.081   2.710   -4.827  1.00 29.63  ? 109 SER A OG  1 
ATOM   543 N N   . VAL A 1 79  ? 4.798   -0.664  -6.593  1.00 28.65  ? 110 VAL A N   1 
ATOM   544 C CA  . VAL A 1 79  ? 4.867   -1.826  -7.478  1.00 30.79  ? 110 VAL A CA  1 
ATOM   545 C C   . VAL A 1 79  ? 5.910   -1.555  -8.547  1.00 33.90  ? 110 VAL A C   1 
ATOM   546 O O   . VAL A 1 79  ? 5.843   -0.538  -9.270  1.00 32.53  ? 110 VAL A O   1 
ATOM   547 C CB  . VAL A 1 79  ? 3.522   -2.025  -8.213  1.00 31.45  ? 110 VAL A CB  1 
ATOM   548 C CG1 . VAL A 1 79  ? 3.511   -3.354  -8.972  1.00 36.66  ? 110 VAL A CG1 1 
ATOM   549 C CG2 . VAL A 1 79  ? 2.406   -2.003  -7.224  1.00 33.82  ? 110 VAL A CG2 1 
ATOM   550 N N   . VAL A 1 80  ? 6.864   -2.464  -8.700  1.00 36.42  ? 111 VAL A N   1 
ATOM   551 C CA  . VAL A 1 80  ? 7.884   -2.248  -9.695  1.00 37.68  ? 111 VAL A CA  1 
ATOM   552 C C   . VAL A 1 80  ? 7.435   -2.856  -11.005 1.00 38.59  ? 111 VAL A C   1 
ATOM   553 O O   . VAL A 1 80  ? 7.109   -4.029  -11.064 1.00 38.10  ? 111 VAL A O   1 
ATOM   554 C CB  . VAL A 1 80  ? 9.188   -2.874  -9.252  1.00 41.66  ? 111 VAL A CB  1 
ATOM   555 C CG1 . VAL A 1 80  ? 10.212  -2.787  -10.354 1.00 42.53  ? 111 VAL A CG1 1 
ATOM   556 C CG2 . VAL A 1 80  ? 9.676   -2.191  -7.975  1.00 42.68  ? 111 VAL A CG2 1 
ATOM   557 N N   . ARG A 1 81  ? 7.411   -2.056  -12.060 1.00 37.63  ? 112 ARG A N   1 
ATOM   558 C CA  . ARG A 1 81  ? 7.002   -2.575  -13.378 1.00 42.58  ? 112 ARG A CA  1 
ATOM   559 C C   . ARG A 1 81  ? 5.629   -3.264  -13.358 1.00 38.18  ? 112 ARG A C   1 
ATOM   560 O O   . ARG A 1 81  ? 5.495   -4.479  -13.502 1.00 39.53  ? 112 ARG A O   1 
ATOM   561 C CB  . ARG A 1 81  ? 8.103   -3.429  -14.028 1.00 47.60  ? 112 ARG A CB  1 
ATOM   562 C CG  . ARG A 1 81  ? 9.278   -2.574  -14.568 1.00 54.50  ? 112 ARG A CG  1 
ATOM   563 C CD  . ARG A 1 81  ? 10.472  -3.464  -14.894 1.00 62.35  ? 112 ARG A CD  1 
ATOM   564 N NE  . ARG A 1 81  ? 10.520  -4.585  -13.948 1.00 68.81  ? 112 ARG A NE  1 
ATOM   565 C CZ  . ARG A 1 81  ? 11.466  -4.772  -13.024 1.00 72.46  ? 112 ARG A CZ  1 
ATOM   566 N NH1 . ARG A 1 81  ? 12.486  -3.924  -12.928 1.00 73.46  ? 112 ARG A NH1 1 
ATOM   567 N NH2 . ARG A 1 81  ? 11.396  -5.819  -12.194 1.00 74.35  ? 112 ARG A NH2 1 
ATOM   568 N N   . ALA A 1 82  ? 4.615   -2.433  -13.215 1.00 33.09  ? 113 ALA A N   1 
ATOM   569 C CA  . ALA A 1 82  ? 3.227   -2.860  -13.028 1.00 32.49  ? 113 ALA A CA  1 
ATOM   570 C C   . ALA A 1 82  ? 2.738   -3.689  -14.202 1.00 35.35  ? 113 ALA A C   1 
ATOM   571 O O   . ALA A 1 82  ? 3.113   -3.426  -15.340 1.00 37.62  ? 113 ALA A O   1 
ATOM   572 C CB  . ALA A 1 82  ? 2.344   -1.623  -12.847 1.00 28.56  ? 113 ALA A CB  1 
ATOM   573 N N   . ARG A 1 83  ? 1.896   -4.679  -13.916 1.00 36.01  ? 114 ARG A N   1 
ATOM   574 C CA  . ARG A 1 83  ? 1.341   -5.574  -14.922 1.00 38.59  ? 114 ARG A CA  1 
ATOM   575 C C   . ARG A 1 83  ? -0.123  -5.389  -14.932 1.00 38.64  ? 114 ARG A C   1 
ATOM   576 O O   . ARG A 1 83  ? -0.705  -4.872  -13.970 1.00 33.18  ? 114 ARG A O   1 
ATOM   577 C CB  . ARG A 1 83  ? 1.603   -7.013  -14.545 1.00 41.57  ? 114 ARG A CB  1 
ATOM   578 C CG  . ARG A 1 83  ? 3.046   -7.336  -14.622 1.00 47.11  ? 114 ARG A CG  1 
ATOM   579 C CD  . ARG A 1 83  ? 3.316   -8.510  -13.770 1.00 51.79  ? 114 ARG A CD  1 
ATOM   580 N NE  . ARG A 1 83  ? 4.728   -8.843  -13.808 1.00 56.64  ? 114 ARG A NE  1 
ATOM   581 C CZ  . ARG A 1 83  ? 5.227   -9.883  -13.167 1.00 61.89  ? 114 ARG A CZ  1 
ATOM   582 N NH1 . ARG A 1 83  ? 4.403   -10.653 -12.456 1.00 63.93  ? 114 ARG A NH1 1 
ATOM   583 N NH2 . ARG A 1 83  ? 6.531   -10.151 -13.225 1.00 65.54  ? 114 ARG A NH2 1 
ATOM   584 N N   . ARG A 1 84  ? -0.742  -5.837  -16.006 1.00 40.46  ? 115 ARG A N   1 
ATOM   585 C CA  . ARG A 1 84  ? -2.162  -5.663  -16.123 1.00 43.36  ? 115 ARG A CA  1 
ATOM   586 C C   . ARG A 1 84  ? -2.938  -6.288  -14.976 1.00 42.03  ? 115 ARG A C   1 
ATOM   587 O O   . ARG A 1 84  ? -3.906  -5.714  -14.503 1.00 40.51  ? 115 ARG A O   1 
ATOM   588 C CB  . ARG A 1 84  ? -2.658  -6.167  -17.464 1.00 47.04  ? 115 ARG A CB  1 
ATOM   589 C CG  . ARG A 1 84  ? -2.883  -5.023  -18.418 1.00 50.15  ? 115 ARG A CG  1 
ATOM   590 C CD  . ARG A 1 84  ? -2.371  -5.403  -19.746 1.00 55.49  ? 115 ARG A CD  1 
ATOM   591 N NE  . ARG A 1 84  ? -3.416  -5.926  -20.605 1.00 61.23  ? 115 ARG A NE  1 
ATOM   592 C CZ  . ARG A 1 84  ? -3.163  -6.481  -21.785 1.00 65.46  ? 115 ARG A CZ  1 
ATOM   593 N NH1 . ARG A 1 84  ? -1.904  -6.593  -22.190 1.00 67.21  ? 115 ARG A NH1 1 
ATOM   594 N NH2 . ARG A 1 84  ? -4.152  -6.932  -22.542 1.00 68.28  ? 115 ARG A NH2 1 
ATOM   595 N N   . ASN A 1 85  ? -2.524  -7.460  -14.527 1.00 43.32  ? 116 ASN A N   1 
ATOM   596 C CA  . ASN A 1 85  ? -3.245  -8.077  -13.439 1.00 45.06  ? 116 ASN A CA  1 
ATOM   597 C C   . ASN A 1 85  ? -2.786  -7.586  -12.073 1.00 41.68  ? 116 ASN A C   1 
ATOM   598 O O   . ASN A 1 85  ? -3.095  -8.206  -11.065 1.00 43.19  ? 116 ASN A O   1 
ATOM   599 C CB  . ASN A 1 85  ? -3.218  -9.606  -13.538 1.00 52.54  ? 116 ASN A CB  1 
ATOM   600 C CG  . ASN A 1 85  ? -1.857  -10.186 -13.253 1.00 56.21  ? 116 ASN A CG  1 
ATOM   601 O OD1 . ASN A 1 85  ? -0.929  -9.477  -12.873 1.00 57.40  ? 116 ASN A OD1 1 
ATOM   602 N ND2 . ASN A 1 85  ? -1.731  -11.482 -13.432 1.00 60.48  ? 116 ASN A ND2 1 
ATOM   603 N N   . ASP A 1 86  ? -2.056  -6.474  -12.037 1.00 37.31  ? 117 ASP A N   1 
ATOM   604 C CA  . ASP A 1 86  ? -1.876  -5.745  -10.769 1.00 34.07  ? 117 ASP A CA  1 
ATOM   605 C C   . ASP A 1 86  ? -3.072  -4.829  -10.492 1.00 32.99  ? 117 ASP A C   1 
ATOM   606 O O   . ASP A 1 86  ? -3.206  -4.310  -9.381  1.00 30.07  ? 117 ASP A O   1 
ATOM   607 C CB  . ASP A 1 86  ? -0.601  -4.891  -10.770 1.00 33.93  ? 117 ASP A CB  1 
ATOM   608 C CG  . ASP A 1 86  ? 0.660   -5.732  -10.702 1.00 36.69  ? 117 ASP A CG  1 
ATOM   609 O OD1 . ASP A 1 86  ? 0.655   -6.769  -10.006 1.00 40.62  ? 117 ASP A OD1 1 
ATOM   610 O OD2 . ASP A 1 86  ? 1.672   -5.357  -11.322 1.00 38.02  ? 117 ASP A OD2 1 
ATOM   611 N N   . SER A 1 87  ? -3.923  -4.602  -11.493 1.00 31.82  ? 118 SER A N   1 
ATOM   612 C CA  . SER A 1 87  ? -5.090  -3.720  -11.302 1.00 31.22  ? 118 SER A CA  1 
ATOM   613 C C   . SER A 1 87  ? -5.945  -4.252  -10.145 1.00 33.53  ? 118 SER A C   1 
ATOM   614 O O   . SER A 1 87  ? -6.140  -5.471  -10.010 1.00 34.32  ? 118 SER A O   1 
ATOM   615 C CB  . SER A 1 87  ? -5.940  -3.647  -12.575 1.00 34.12  ? 118 SER A CB  1 
ATOM   616 O OG  . SER A 1 87  ? -5.191  -3.197  -13.696 1.00 32.36  ? 118 SER A OG  1 
ATOM   617 N N   . GLY A 1 88  ? -6.445  -3.364  -9.290  1.00 30.40  ? 119 GLY A N   1 
ATOM   618 C CA  . GLY A 1 88  ? -7.343  -3.824  -8.225  1.00 33.32  ? 119 GLY A CA  1 
ATOM   619 C C   . GLY A 1 88  ? -7.296  -2.788  -7.141  1.00 30.28  ? 119 GLY A C   1 
ATOM   620 O O   . GLY A 1 88  ? -6.913  -1.674  -7.411  1.00 28.25  ? 119 GLY A O   1 
ATOM   621 N N   . THR A 1 89  ? -7.702  -3.142  -5.931  1.00 30.05  ? 120 THR A N   1 
ATOM   622 C CA  . THR A 1 89  ? -7.713  -2.181  -4.838  1.00 30.53  ? 120 THR A CA  1 
ATOM   623 C C   . THR A 1 89  ? -6.824  -2.694  -3.717  1.00 29.37  ? 120 THR A C   1 
ATOM   624 O O   . THR A 1 89  ? -6.592  -3.887  -3.595  1.00 32.74  ? 120 THR A O   1 
ATOM   625 C CB  . THR A 1 89  ? -9.120  -1.899  -4.333  1.00 32.22  ? 120 THR A CB  1 
ATOM   626 O OG1 . THR A 1 89  ? -9.662  -3.109  -3.815  1.00 37.69  ? 120 THR A OG1 1 
ATOM   627 C CG2 . THR A 1 89  ? -10.012 -1.418  -5.482  1.00 34.13  ? 120 THR A CG2 1 
ATOM   628 N N   . TYR A 1 90  ? -6.330  -1.775  -2.910  1.00 25.63  ? 121 TYR A N   1 
ATOM   629 C CA  . TYR A 1 90  ? -5.225  -2.036  -2.045  1.00 26.89  ? 121 TYR A CA  1 
ATOM   630 C C   . TYR A 1 90  ? -5.461  -1.203  -0.805  1.00 29.54  ? 121 TYR A C   1 
ATOM   631 O O   . TYR A 1 90  ? -6.146  -0.168  -0.876  1.00 26.84  ? 121 TYR A O   1 
ATOM   632 C CB  . TYR A 1 90  ? -3.950  -1.498  -2.721  1.00 27.70  ? 121 TYR A CB  1 
ATOM   633 C CG  . TYR A 1 90  ? -3.476  -2.334  -3.904  1.00 28.84  ? 121 TYR A CG  1 
ATOM   634 C CD1 . TYR A 1 90  ? -3.940  -2.084  -5.209  1.00 26.87  ? 121 TYR A CD1 1 
ATOM   635 C CD2 . TYR A 1 90  ? -2.557  -3.353  -3.717  1.00 31.03  ? 121 TYR A CD2 1 
ATOM   636 C CE1 . TYR A 1 90  ? -3.504  -2.857  -6.292  1.00 29.33  ? 121 TYR A CE1 1 
ATOM   637 C CE2 . TYR A 1 90  ? -2.104  -4.133  -4.795  1.00 32.49  ? 121 TYR A CE2 1 
ATOM   638 C CZ  . TYR A 1 90  ? -2.578  -3.875  -6.067  1.00 31.82  ? 121 TYR A CZ  1 
ATOM   639 O OH  . TYR A 1 90  ? -2.131  -4.644  -7.111  1.00 36.16  ? 121 TYR A OH  1 
ATOM   640 N N   . LEU A 1 91  ? -4.893  -1.600  0.334   1.00 25.95  ? 122 LEU A N   1 
ATOM   641 C CA  . LEU A 1 91  ? -4.897  -0.654  1.455   1.00 28.70  ? 122 LEU A CA  1 
ATOM   642 C C   . LEU A 1 91  ? -3.658  -0.784  2.301   1.00 29.24  ? 122 LEU A C   1 
ATOM   643 O O   . LEU A 1 91  ? -2.858  -1.700  2.095   1.00 28.06  ? 122 LEU A O   1 
ATOM   644 C CB  . LEU A 1 91  ? -6.175  -0.758  2.305   1.00 31.43  ? 122 LEU A CB  1 
ATOM   645 C CG  . LEU A 1 91  ? -6.527  -2.055  3.045   1.00 34.50  ? 122 LEU A CG  1 
ATOM   646 C CD1 . LEU A 1 91  ? -5.658  -2.287  4.298   1.00 36.97  ? 122 LEU A CD1 1 
ATOM   647 C CD2 . LEU A 1 91  ? -7.988  -2.013  3.460   1.00 34.13  ? 122 LEU A CD2 1 
ATOM   648 N N   . CYS A 1 92  ? -3.454  0.161   3.213   1.00 29.43  ? 123 CYS A N   1 
ATOM   649 C CA  . CYS A 1 92  ? -2.385  -0.015  4.179   1.00 30.91  ? 123 CYS A CA  1 
ATOM   650 C C   . CYS A 1 92  ? -3.016  -0.140  5.561   1.00 33.66  ? 123 CYS A C   1 
ATOM   651 O O   . CYS A 1 92  ? -4.056  0.463   5.846   1.00 34.55  ? 123 CYS A O   1 
ATOM   652 C CB  . CYS A 1 92  ? -1.268  1.061   4.071   1.00 33.46  ? 123 CYS A CB  1 
ATOM   653 S SG  . CYS A 1 92  ? -1.732  2.707   4.615   1.00 38.47  ? 123 CYS A SG  1 
ATOM   654 N N   . GLY A 1 93  ? -2.445  -0.999  6.392   1.00 35.45  ? 124 GLY A N   1 
ATOM   655 C CA  . GLY A 1 93  ? -3.005  -1.246  7.724   1.00 37.82  ? 124 GLY A CA  1 
ATOM   656 C C   . GLY A 1 93  ? -1.862  -1.167  8.718   1.00 40.85  ? 124 GLY A C   1 
ATOM   657 O O   . GLY A 1 93  ? -0.759  -1.651  8.446   1.00 41.34  ? 124 GLY A O   1 
ATOM   658 N N   . ALA A 1 94  ? -2.095  -0.512  9.844   1.00 41.94  ? 125 ALA A N   1 
ATOM   659 C CA  . ALA A 1 94  ? -1.091  -0.443  10.890  1.00 43.46  ? 125 ALA A CA  1 
ATOM   660 C C   . ALA A 1 94  ? -1.516  -1.346  12.046  1.00 46.03  ? 125 ALA A C   1 
ATOM   661 O O   . ALA A 1 94  ? -2.690  -1.386  12.409  1.00 44.51  ? 125 ALA A O   1 
ATOM   662 C CB  . ALA A 1 94  ? -0.940  0.975   11.360  1.00 44.33  ? 125 ALA A CB  1 
ATOM   663 N N   . ILE A 1 95  ? -0.557  -2.074  12.607  1.00 49.34  ? 126 ILE A N   1 
ATOM   664 C CA  . ILE A 1 95  ? -0.816  -2.978  13.721  1.00 54.52  ? 126 ILE A CA  1 
ATOM   665 C C   . ILE A 1 95  ? -0.046  -2.431  14.920  1.00 59.24  ? 126 ILE A C   1 
ATOM   666 O O   . ILE A 1 95  ? 1.152   -2.152  14.819  1.00 60.51  ? 126 ILE A O   1 
ATOM   667 C CB  . ILE A 1 95  ? -0.301  -4.412  13.434  1.00 56.50  ? 126 ILE A CB  1 
ATOM   668 C CG1 . ILE A 1 95  ? -0.652  -4.861  12.013  1.00 54.89  ? 126 ILE A CG1 1 
ATOM   669 C CG2 . ILE A 1 95  ? -0.869  -5.400  14.436  1.00 57.56  ? 126 ILE A CG2 1 
ATOM   670 C CD1 . ILE A 1 95  ? -1.890  -5.726  11.975  1.00 57.17  ? 126 ILE A CD1 1 
ATOM   671 N N   . SER A 1 96  ? -0.725  -2.261  16.036  1.00 62.21  ? 127 SER A N   1 
ATOM   672 C CA  . SER A 1 96  ? -0.065  -1.823  17.251  1.00 70.64  ? 127 SER A CA  1 
ATOM   673 C C   . SER A 1 96  ? -0.195  -2.921  18.300  1.00 77.29  ? 127 SER A C   1 
ATOM   674 O O   . SER A 1 96  ? -1.206  -3.627  18.348  1.00 74.56  ? 127 SER A O   1 
ATOM   675 C CB  . SER A 1 96  ? -0.734  -0.560  17.764  1.00 72.14  ? 127 SER A CB  1 
ATOM   676 O OG  . SER A 1 96  ? -2.145  -0.755  17.826  1.00 74.60  ? 127 SER A OG  1 
ATOM   677 N N   . LEU A 1 97  ? 0.830   -3.049  19.139  1.00 85.88  ? 128 LEU A N   1 
ATOM   678 C CA  . LEU A 1 97  ? 0.826   -4.011  20.233  1.00 94.80  ? 128 LEU A CA  1 
ATOM   679 C C   . LEU A 1 97  ? 0.629   -3.289  21.567  1.00 101.30 ? 128 LEU A C   1 
ATOM   680 O O   . LEU A 1 97  ? -0.085  -3.792  22.434  1.00 104.34 ? 128 LEU A O   1 
ATOM   681 C CB  . LEU A 1 97  ? 2.131   -4.810  20.266  1.00 97.65  ? 128 LEU A CB  1 
ATOM   682 C CG  . LEU A 1 97  ? 2.705   -5.313  18.941  1.00 96.32  ? 128 LEU A CG  1 
ATOM   683 C CD1 . LEU A 1 97  ? 4.033   -6.013  19.206  1.00 100.29 ? 128 LEU A CD1 1 
ATOM   684 C CD2 . LEU A 1 97  ? 1.728   -6.250  18.252  1.00 95.18  ? 128 LEU A CD2 1 
ATOM   685 N N   . ALA A 1 98  ? 1.269   -2.122  21.721  1.00 103.85 ? 129 ALA A N   1 
ATOM   686 C CA  . ALA A 1 98  ? 1.155   -1.294  22.941  1.00 108.84 ? 129 ALA A CA  1 
ATOM   687 C C   . ALA A 1 98  ? -0.299  -1.240  23.418  1.00 111.23 ? 129 ALA A C   1 
ATOM   688 O O   . ALA A 1 98  ? -1.226  -1.154  22.591  1.00 108.91 ? 129 ALA A O   1 
ATOM   689 C CB  . ALA A 1 98  ? 1.713   0.123   22.707  1.00 106.13 ? 129 ALA A CB  1 
ATOM   690 N N   . PRO A 1 99  ? -0.502  -1.288  24.749  1.00 116.65 ? 130 PRO A N   1 
ATOM   691 C CA  . PRO A 1 99  ? -1.822  -1.573  25.338  1.00 119.13 ? 130 PRO A CA  1 
ATOM   692 C C   . PRO A 1 99  ? -3.050  -1.156  24.480  1.00 114.72 ? 130 PRO A C   1 
ATOM   693 O O   . PRO A 1 99  ? -3.484  -0.002  24.531  1.00 114.79 ? 130 PRO A O   1 
ATOM   694 C CB  . PRO A 1 99  ? -1.764  -0.827  26.681  1.00 123.64 ? 130 PRO A CB  1 
ATOM   695 C CG  . PRO A 1 99  ? -0.301  -0.913  27.085  1.00 125.57 ? 130 PRO A CG  1 
ATOM   696 C CD  . PRO A 1 99  ? 0.514   -1.007  25.789  1.00 120.73 ? 130 PRO A CD  1 
ATOM   697 N N   . LYS A 1 100 ? -3.600  -2.091  23.697  1.00 110.37 ? 131 LYS A N   1 
ATOM   698 C CA  . LYS A 1 100 ? -3.052  -3.444  23.574  1.00 108.78 ? 131 LYS A CA  1 
ATOM   699 C C   . LYS A 1 100 ? -3.549  -4.100  22.302  1.00 103.11 ? 131 LYS A C   1 
ATOM   700 O O   . LYS A 1 100 ? -4.623  -4.698  22.289  1.00 105.26 ? 131 LYS A O   1 
ATOM   701 C CB  . LYS A 1 100 ? -3.408  -4.322  24.782  1.00 113.65 ? 131 LYS A CB  1 
ATOM   702 C CG  . LYS A 1 100 ? -2.655  -5.651  24.831  1.00 115.34 ? 131 LYS A CG  1 
ATOM   703 N N   . LEU A 1 101 ? -2.769  -3.972  21.235  1.00 95.27  ? 132 LEU A N   1 
ATOM   704 C CA  . LEU A 1 101 ? -3.036  -4.698  20.002  1.00 90.07  ? 132 LEU A CA  1 
ATOM   705 C C   . LEU A 1 101 ? -4.327  -4.312  19.274  1.00 85.10  ? 132 LEU A C   1 
ATOM   706 O O   . LEU A 1 101 ? -5.432  -4.550  19.782  1.00 85.71  ? 132 LEU A O   1 
ATOM   707 C CB  . LEU A 1 101 ? -3.034  -6.216  20.242  1.00 93.49  ? 132 LEU A CB  1 
ATOM   708 C CG  . LEU A 1 101 ? -3.176  -7.046  18.954  1.00 90.76  ? 132 LEU A CG  1 
ATOM   709 C CD1 . LEU A 1 101 ? -1.828  -7.246  18.270  1.00 87.85  ? 132 LEU A CD1 1 
ATOM   710 C CD2 . LEU A 1 101 ? -3.808  -8.378  19.258  1.00 94.34  ? 132 LEU A CD2 1 
ATOM   711 N N   A GLN A 1 102 ? -4.168  -3.745  18.079  0.50 78.04  ? 133 GLN A N   1 
ATOM   712 N N   B GLN A 1 102 ? -4.170  -3.712  18.092  0.50 77.96  ? 133 GLN A N   1 
ATOM   713 C CA  A GLN A 1 102 ? -5.284  -3.484  17.169  0.50 74.40  ? 133 GLN A CA  1 
ATOM   714 C CA  B GLN A 1 102 ? -5.289  -3.405  17.191  0.50 74.24  ? 133 GLN A CA  1 
ATOM   715 C C   A GLN A 1 102 ? -4.755  -3.123  15.783  0.50 68.83  ? 133 GLN A C   1 
ATOM   716 C C   B GLN A 1 102 ? -4.776  -3.055  15.790  0.50 68.72  ? 133 GLN A C   1 
ATOM   717 O O   A GLN A 1 102 ? -3.611  -2.697  15.645  0.50 66.87  ? 133 GLN A O   1 
ATOM   718 O O   B GLN A 1 102 ? -3.653  -2.581  15.648  0.50 66.88  ? 133 GLN A O   1 
ATOM   719 C CB  A GLN A 1 102 ? -6.181  -2.364  17.706  0.50 75.34  ? 133 GLN A CB  1 
ATOM   720 C CB  B GLN A 1 102 ? -6.171  -2.277  17.756  0.50 75.07  ? 133 GLN A CB  1 
ATOM   721 C CG  A GLN A 1 102 ? -7.307  -1.962  16.763  0.50 72.22  ? 133 GLN A CG  1 
ATOM   722 C CG  B GLN A 1 102 ? -5.425  -1.053  18.294  0.50 74.21  ? 133 GLN A CG  1 
ATOM   723 C CD  A GLN A 1 102 ? -8.213  -3.121  16.394  0.50 73.31  ? 133 GLN A CD  1 
ATOM   724 C CD  B GLN A 1 102 ? -6.349  -0.084  19.022  0.50 75.65  ? 133 GLN A CD  1 
ATOM   725 O OE1 A GLN A 1 102 ? -8.616  -3.907  17.247  0.50 77.84  ? 133 GLN A OE1 1 
ATOM   726 O OE1 B GLN A 1 102 ? -7.571  -0.158  18.896  0.50 75.13  ? 133 GLN A OE1 1 
ATOM   727 N NE2 A GLN A 1 102 ? -8.549  -3.223  15.114  0.50 71.43  ? 133 GLN A NE2 1 
ATOM   728 N NE2 B GLN A 1 102 ? -5.766  0.830   19.784  0.50 76.82  ? 133 GLN A NE2 1 
ATOM   729 N N   . ILE A 1 103 ? -5.580  -3.314  14.762  1.00 65.16  ? 134 ILE A N   1 
ATOM   730 C CA  . ILE A 1 103 ? -5.229  -2.928  13.408  1.00 64.09  ? 134 ILE A CA  1 
ATOM   731 C C   . ILE A 1 103 ? -6.109  -1.753  12.973  1.00 61.39  ? 134 ILE A C   1 
ATOM   732 O O   . ILE A 1 103 ? -7.314  -1.767  13.200  1.00 64.58  ? 134 ILE A O   1 
ATOM   733 C CB  . ILE A 1 103 ? -5.380  -4.126  12.431  1.00 64.91  ? 134 ILE A CB  1 
ATOM   734 C CG1 . ILE A 1 103 ? -5.775  -3.673  11.025  1.00 61.27  ? 134 ILE A CG1 1 
ATOM   735 C CG2 . ILE A 1 103 ? -6.429  -5.053  12.938  1.00 69.52  ? 134 ILE A CG2 1 
ATOM   736 C CD1 . ILE A 1 103 ? -4.709  -3.916  9.935   1.00 57.81  ? 134 ILE A CD1 1 
ATOM   737 N N   . LYS A 1 104 ? -5.506  -0.720  12.401  1.00 55.49  ? 135 LYS A N   1 
ATOM   738 C CA  . LYS A 1 104 ? -6.256  0.414   11.868  1.00 52.77  ? 135 LYS A CA  1 
ATOM   739 C C   . LYS A 1 104 ? -5.916  0.531   10.406  1.00 48.91  ? 135 LYS A C   1 
ATOM   740 O O   . LYS A 1 104 ? -4.759  0.711   10.043  1.00 47.82  ? 135 LYS A O   1 
ATOM   741 C CB  . LYS A 1 104 ? -5.894  1.716   12.577  1.00 55.31  ? 135 LYS A CB  1 
ATOM   742 C CG  . LYS A 1 104 ? -6.518  1.867   13.960  1.00 62.31  ? 135 LYS A CG  1 
ATOM   743 C CD  . LYS A 1 104 ? -5.520  2.536   14.900  1.00 68.69  ? 135 LYS A CD  1 
ATOM   744 C CE  . LYS A 1 104 ? -4.069  2.083   14.589  1.00 70.75  ? 135 LYS A CE  1 
ATOM   745 N NZ  . LYS A 1 104 ? -3.187  1.978   15.812  1.00 74.71  ? 135 LYS A NZ  1 
ATOM   746 N N   . GLU A 1 105 ? -6.924  0.408   9.564   1.00 45.54  ? 136 GLU A N   1 
ATOM   747 C CA  . GLU A 1 105 ? -6.696  0.407   8.131   1.00 43.23  ? 136 GLU A CA  1 
ATOM   748 C C   . GLU A 1 105 ? -7.086  1.739   7.494   1.00 38.32  ? 136 GLU A C   1 
ATOM   749 O O   . GLU A 1 105 ? -7.982  2.454   7.987   1.00 38.45  ? 136 GLU A O   1 
ATOM   750 C CB  . GLU A 1 105 ? -7.547  -0.684  7.500   1.00 45.61  ? 136 GLU A CB  1 
ATOM   751 C CG  . GLU A 1 105 ? -8.985  -0.305  7.506   1.00 51.46  ? 136 GLU A CG  1 
ATOM   752 C CD  . GLU A 1 105 ? -9.891  -1.491  7.523   1.00 56.77  ? 136 GLU A CD  1 
ATOM   753 O OE1 . GLU A 1 105 ? -10.326 -1.861  8.629   1.00 59.32  ? 136 GLU A OE1 1 
ATOM   754 O OE2 . GLU A 1 105 ? -10.136 -2.065  6.435   1.00 58.12  ? 136 GLU A OE2 1 
ATOM   755 N N   . SER A 1 106 ? -6.426  2.049   6.387   1.00 32.87  ? 137 SER A N   1 
ATOM   756 C CA  . SER A 1 106 ? -6.787  3.189   5.585   1.00 30.67  ? 137 SER A CA  1 
ATOM   757 C C   . SER A 1 106 ? -8.026  2.852   4.762   1.00 31.78  ? 137 SER A C   1 
ATOM   758 O O   . SER A 1 106 ? -8.419  1.702   4.679   1.00 32.84  ? 137 SER A O   1 
ATOM   759 C CB  . SER A 1 106 ? -5.641  3.469   4.641   1.00 28.68  ? 137 SER A CB  1 
ATOM   760 O OG  . SER A 1 106 ? -5.511  2.384   3.739   1.00 27.64  ? 137 SER A OG  1 
ATOM   761 N N   . LEU A 1 107 ? -8.648  3.850   4.149   1.00 31.16  ? 138 LEU A N   1 
ATOM   762 C CA  . LEU A 1 107 ? -9.570  3.582   3.040   1.00 30.54  ? 138 LEU A CA  1 
ATOM   763 C C   . LEU A 1 107 ? -8.791  2.949   1.883   1.00 26.89  ? 138 LEU A C   1 
ATOM   764 O O   . LEU A 1 107 ? -7.559  3.085   1.809   1.00 27.03  ? 138 LEU A O   1 
ATOM   765 C CB  . LEU A 1 107 ? -10.266 4.874   2.596   1.00 30.78  ? 138 LEU A CB  1 
ATOM   766 C CG  . LEU A 1 107 ? -11.145 5.484   3.701   1.00 33.06  ? 138 LEU A CG  1 
ATOM   767 C CD1 . LEU A 1 107 ? -11.933 6.589   3.052   1.00 38.24  ? 138 LEU A CD1 1 
ATOM   768 C CD2 . LEU A 1 107 ? -12.085 4.485   4.367   1.00 34.63  ? 138 LEU A CD2 1 
ATOM   769 N N   . ARG A 1 108 ? -9.469  2.218   1.001   1.00 27.41  ? 139 ARG A N   1 
ATOM   770 C CA  . ARG A 1 108 ? -8.731  1.592   -0.107  1.00 26.78  ? 139 ARG A CA  1 
ATOM   771 C C   . ARG A 1 108 ? -8.329  2.637   -1.129  1.00 26.45  ? 139 ARG A C   1 
ATOM   772 O O   . ARG A 1 108 ? -8.908  3.720   -1.173  1.00 25.16  ? 139 ARG A O   1 
ATOM   773 C CB  . ARG A 1 108 ? -9.550  0.510   -0.812  1.00 26.93  ? 139 ARG A CB  1 
ATOM   774 C CG  . ARG A 1 108 ? -10.034 -0.593  0.112   1.00 30.35  ? 139 ARG A CG  1 
ATOM   775 C CD  . ARG A 1 108 ? -10.470 -1.761  -0.713  1.00 30.60  ? 139 ARG A CD  1 
ATOM   776 N NE  . ARG A 1 108 ? -11.142 -2.775  0.062   1.00 38.26  ? 139 ARG A NE  1 
ATOM   777 C CZ  . ARG A 1 108 ? -11.732 -3.822  -0.510  1.00 41.07  ? 139 ARG A CZ  1 
ATOM   778 N NH1 . ARG A 1 108 ? -11.686 -3.956  -1.846  1.00 39.02  ? 139 ARG A NH1 1 
ATOM   779 N NH2 . ARG A 1 108 ? -12.360 -4.720  0.235   1.00 42.27  ? 139 ARG A NH2 1 
ATOM   780 N N   . ALA A 1 109 ? -7.304  2.325   -1.920  1.00 24.93  ? 140 ALA A N   1 
ATOM   781 C CA  . ALA A 1 109 ? -6.989  3.075   -3.126  1.00 24.58  ? 140 ALA A CA  1 
ATOM   782 C C   . ALA A 1 109 ? -7.050  2.075   -4.279  1.00 27.21  ? 140 ALA A C   1 
ATOM   783 O O   . ALA A 1 109 ? -6.811  0.893   -4.084  1.00 30.69  ? 140 ALA A O   1 
ATOM   784 C CB  . ALA A 1 109 ? -5.590  3.626   -3.026  1.00 22.02  ? 140 ALA A CB  1 
ATOM   785 N N   . GLU A 1 110 ? -7.325  2.561   -5.484  1.00 28.85  ? 141 GLU A N   1 
ATOM   786 C CA  . GLU A 1 110 ? -7.435  1.712   -6.659  1.00 29.01  ? 141 GLU A CA  1 
ATOM   787 C C   . GLU A 1 110 ? -6.235  1.934   -7.585  1.00 28.28  ? 141 GLU A C   1 
ATOM   788 O O   . GLU A 1 110 ? -5.796  3.078   -7.816  1.00 24.59  ? 141 GLU A O   1 
ATOM   789 C CB  . GLU A 1 110 ? -8.716  2.030   -7.445  1.00 28.77  ? 141 GLU A CB  1 
ATOM   790 C CG  . GLU A 1 110 ? -8.870  1.169   -8.726  1.00 29.53  ? 141 GLU A CG  1 
ATOM   791 C CD  . GLU A 1 110 ? -10.125 1.472   -9.518  1.00 32.18  ? 141 GLU A CD  1 
ATOM   792 O OE1 . GLU A 1 110 ? -10.939 2.352   -9.109  1.00 32.45  ? 141 GLU A OE1 1 
ATOM   793 O OE2 . GLU A 1 110 ? -10.323 0.792   -10.553 1.00 34.13  ? 141 GLU A OE2 1 
ATOM   794 N N   . LEU A 1 111 ? -5.717  0.832   -8.120  1.00 28.93  ? 142 LEU A N   1 
ATOM   795 C CA  . LEU A 1 111 ? -4.670  0.885   -9.150  1.00 27.92  ? 142 LEU A CA  1 
ATOM   796 C C   . LEU A 1 111 ? -5.321  0.390   -10.424 1.00 30.52  ? 142 LEU A C   1 
ATOM   797 O O   . LEU A 1 111 ? -5.911  -0.698  -10.430 1.00 30.64  ? 142 LEU A O   1 
ATOM   798 C CB  . LEU A 1 111 ? -3.524  -0.068  -8.809  1.00 25.44  ? 142 LEU A CB  1 
ATOM   799 C CG  . LEU A 1 111 ? -2.416  -0.186  -9.864  1.00 25.27  ? 142 LEU A CG  1 
ATOM   800 C CD1 . LEU A 1 111 ? -1.725  1.154   -10.100 1.00 21.84  ? 142 LEU A CD1 1 
ATOM   801 C CD2 . LEU A 1 111 ? -1.381  -1.191  -9.373  1.00 27.79  ? 142 LEU A CD2 1 
ATOM   802 N N   . ARG A 1 112 ? -5.235  1.189   -11.482 1.00 28.67  ? 143 ARG A N   1 
ATOM   803 C CA  . ARG A 1 112 ? -5.577  0.757   -12.853 1.00 30.81  ? 143 ARG A CA  1 
ATOM   804 C C   . ARG A 1 112 ? -4.332  0.672   -13.700 1.00 31.08  ? 143 ARG A C   1 
ATOM   805 O O   . ARG A 1 112 ? -3.579  1.676   -13.861 1.00 26.31  ? 143 ARG A O   1 
ATOM   806 C CB  . ARG A 1 112 ? -6.518  1.768   -13.521 1.00 34.08  ? 143 ARG A CB  1 
ATOM   807 C CG  . ARG A 1 112 ? -7.863  1.839   -12.881 1.00 31.39  ? 143 ARG A CG  1 
ATOM   808 C CD  . ARG A 1 112 ? -8.915  2.599   -13.690 1.00 33.09  ? 143 ARG A CD  1 
ATOM   809 N NE  . ARG A 1 112 ? -10.035 2.818   -12.783 1.00 29.84  ? 143 ARG A NE  1 
ATOM   810 C CZ  . ARG A 1 112 ? -10.900 3.817   -12.850 1.00 32.33  ? 143 ARG A CZ  1 
ATOM   811 N NH1 . ARG A 1 112 ? -10.843 4.723   -13.838 1.00 28.49  ? 143 ARG A NH1 1 
ATOM   812 N NH2 . ARG A 1 112 ? -11.859 3.890   -11.926 1.00 31.50  ? 143 ARG A NH2 1 
ATOM   813 N N   . VAL A 1 113 ? -4.071  -0.518  -14.210 1.00 27.90  ? 144 VAL A N   1 
ATOM   814 C CA  . VAL A 1 113 ? -2.906  -0.682  -15.065 1.00 31.03  ? 144 VAL A CA  1 
ATOM   815 C C   . VAL A 1 113 ? -3.335  -0.800  -16.531 1.00 33.29  ? 144 VAL A C   1 
ATOM   816 O O   . VAL A 1 113 ? -3.861  -1.825  -16.943 1.00 36.37  ? 144 VAL A O   1 
ATOM   817 C CB  . VAL A 1 113 ? -2.078  -1.915  -14.669 1.00 32.14  ? 144 VAL A CB  1 
ATOM   818 C CG1 . VAL A 1 113 ? -0.848  -2.019  -15.563 1.00 32.64  ? 144 VAL A CG1 1 
ATOM   819 C CG2 . VAL A 1 113 ? -1.658  -1.815  -13.197 1.00 30.32  ? 144 VAL A CG2 1 
ATOM   820 N N   . THR A 1 114 ? -3.071  0.244   -17.303 1.00 33.11  ? 145 THR A N   1 
ATOM   821 C CA  . THR A 1 114 ? -3.524  0.396   -18.694 1.00 37.01  ? 145 THR A CA  1 
ATOM   822 C C   . THR A 1 114 ? -2.691  -0.467  -19.618 1.00 38.84  ? 145 THR A C   1 
ATOM   823 O O   . THR A 1 114 ? -1.460  -0.365  -19.610 1.00 38.28  ? 145 THR A O   1 
ATOM   824 C CB  . THR A 1 114 ? -3.246  1.857   -19.156 1.00 37.51  ? 145 THR A CB  1 
ATOM   825 O OG1 . THR A 1 114 ? -4.025  2.777   -18.390 1.00 39.16  ? 145 THR A OG1 1 
ATOM   826 C CG2 . THR A 1 114 ? -3.523  2.061   -20.638 1.00 43.95  ? 145 THR A CG2 1 
ATOM   827 N N   . GLU A 1 115 ? -3.340  -1.279  -20.441 1.00 38.17  ? 146 GLU A N   1 
ATOM   828 C CA  A GLU A 1 115 ? -2.689  -2.039  -21.504 0.50 41.61  ? 146 GLU A CA  1 
ATOM   829 C CA  B GLU A 1 115 ? -2.608  -2.057  -21.419 0.50 41.36  ? 146 GLU A CA  1 
ATOM   830 C C   . GLU A 1 115 ? -1.808  -1.152  -22.364 1.00 43.57  ? 146 GLU A C   1 
ATOM   831 O O   . GLU A 1 115 ? -2.196  -0.024  -22.657 1.00 43.12  ? 146 GLU A O   1 
ATOM   832 C CB  A GLU A 1 115 ? -3.750  -2.624  -22.453 0.50 41.38  ? 146 GLU A CB  1 
ATOM   833 C CB  B GLU A 1 115 ? -3.561  -2.958  -22.222 0.50 41.98  ? 146 GLU A CB  1 
ATOM   834 C CG  A GLU A 1 115 ? -4.941  -3.254  -21.797 0.50 39.29  ? 146 GLU A CG  1 
ATOM   835 C CG  B GLU A 1 115 ? -4.365  -2.238  -23.265 0.50 40.19  ? 146 GLU A CG  1 
ATOM   836 C CD  A GLU A 1 115 ? -6.090  -2.287  -21.551 0.50 36.30  ? 146 GLU A CD  1 
ATOM   837 C CD  B GLU A 1 115 ? -5.148  -3.170  -24.169 0.50 43.83  ? 146 GLU A CD  1 
ATOM   838 O OE1 A GLU A 1 115 ? -5.995  -1.515  -20.582 0.50 33.63  ? 146 GLU A OE1 1 
ATOM   839 O OE1 B GLU A 1 115 ? -4.570  -3.751  -25.118 0.50 45.26  ? 146 GLU A OE1 1 
ATOM   840 O OE2 A GLU A 1 115 ? -7.101  -2.342  -22.306 0.50 38.32  ? 146 GLU A OE2 1 
ATOM   841 O OE2 B GLU A 1 115 ? -6.365  -3.291  -23.941 0.50 45.06  ? 146 GLU A OE2 1 
ATOM   842 N N   . ARG A 1 116 ? -0.668  -1.662  -22.832 1.00 49.70  ? 147 ARG A N   1 
ATOM   843 C CA  . ARG A 1 116 ? 0.114   -0.972  -23.871 1.00 54.34  ? 147 ARG A CA  1 
ATOM   844 C C   . ARG A 1 116 ? -0.367  -1.439  -25.232 1.00 57.92  ? 147 ARG A C   1 
ATOM   845 O O   . ARG A 1 116 ? 0.226   -2.351  -25.790 1.00 63.67  ? 147 ARG A O   1 
ATOM   846 C CB  . ARG A 1 116 ? 1.603   -1.321  -23.784 1.00 59.95  ? 147 ARG A CB  1 
ATOM   847 C CG  . ARG A 1 116 ? 2.432   -0.412  -22.879 1.00 64.03  ? 147 ARG A CG  1 
ATOM   848 C CD  . ARG A 1 116 ? 3.962   -0.614  -23.069 1.00 68.74  ? 147 ARG A CD  1 
ATOM   849 N NE  . ARG A 1 116 ? 4.681   -0.338  -21.822 1.00 69.23  ? 147 ARG A NE  1 
ATOM   850 C CZ  . ARG A 1 116 ? 5.980   -0.559  -21.629 1.00 72.97  ? 147 ARG A CZ  1 
ATOM   851 N NH1 . ARG A 1 116 ? 6.730   -1.053  -22.609 1.00 77.25  ? 147 ARG A NH1 1 
ATOM   852 N NH2 . ARG A 1 116 ? 6.537   -0.274  -20.456 1.00 72.15  ? 147 ARG A NH2 1 
ATOM   853 N N   . ARG A 1 117 ? -1.416  -0.819  -25.775 1.00 55.44  ? 148 ARG A N   1 
ATOM   854 C CA  . ARG A 1 117 ? -2.038  -1.245  -27.033 1.00 56.27  ? 148 ARG A CA  1 
ATOM   855 C C   . ARG A 1 117 ? -1.221  -0.723  -28.224 1.00 60.70  ? 148 ARG A C   1 
ATOM   856 O O   . ARG A 1 117 ? -1.085  0.479   -28.394 1.00 61.39  ? 148 ARG A O   1 
ATOM   857 C CB  . ARG A 1 117 ? -3.487  -0.747  -27.073 1.00 51.33  ? 148 ARG A CB  1 
ATOM   858 C CG  . ARG A 1 117 ? -4.349  -1.340  -28.179 1.00 54.99  ? 148 ARG A CG  1 
ATOM   859 C CD  . ARG A 1 117 ? -5.829  -0.947  -28.028 1.00 50.67  ? 148 ARG A CD  1 
ATOM   860 N NE  . ARG A 1 117 ? -6.399  -1.424  -26.771 1.00 47.22  ? 148 ARG A NE  1 
ATOM   861 C CZ  . ARG A 1 117 ? -7.556  -1.021  -26.250 1.00 46.15  ? 148 ARG A CZ  1 
ATOM   862 N NH1 . ARG A 1 117 ? -7.959  -1.537  -25.101 1.00 44.10  ? 148 ARG A NH1 1 
ATOM   863 N NH2 . ARG A 1 117 ? -8.313  -0.117  -26.862 1.00 47.48  ? 148 ARG A NH2 1 
ATOM   864 N N   . ALA A 1 118 ? -0.676  -1.617  -29.044 1.00 65.21  ? 149 ALA A N   1 
ATOM   865 C CA  . ALA A 1 118 ? 0.329   -1.221  -30.044 1.00 68.89  ? 149 ALA A CA  1 
ATOM   866 C C   . ALA A 1 118 ? -0.251  -0.573  -31.307 1.00 71.48  ? 149 ALA A C   1 
ATOM   867 O O   . ALA A 1 118 ? -1.405  -0.824  -31.656 1.00 73.02  ? 149 ALA A O   1 
ATOM   868 C CB  . ALA A 1 118 ? 1.188   -2.415  -30.423 1.00 73.70  ? 149 ALA A CB  1 
HETATM 869 O O   . HOH B 2 .   ? -2.309  4.969   -18.523 1.00 39.59  ? 1   HOH A O   1 
HETATM 870 O O   . HOH B 2 .   ? -6.987  10.113  -6.539  1.00 38.96  ? 2   HOH A O   1 
HETATM 871 O O   . HOH B 2 .   ? -3.307  8.421   -11.814 1.00 39.93  ? 3   HOH A O   1 
HETATM 872 O O   . HOH B 2 .   ? -1.345  9.141   2.225   1.00 43.23  ? 4   HOH A O   1 
HETATM 873 O O   . HOH B 2 .   ? 2.043   8.372   -3.892  1.00 33.18  ? 5   HOH A O   1 
HETATM 874 O O   . HOH B 2 .   ? 12.689  -0.222  0.881   1.00 43.78  ? 6   HOH A O   1 
HETATM 875 O O   . HOH B 2 .   ? 0.839   -9.704  9.081   0.50 49.98  ? 7   HOH A O   1 
HETATM 876 O O   . HOH B 2 .   ? -6.943  6.460   2.747   1.00 44.88  ? 8   HOH A O   1 
HETATM 877 O O   . HOH B 2 .   ? 12.159  2.039   4.920   1.00 48.29  ? 9   HOH A O   1 
HETATM 878 O O   . HOH B 2 .   ? -7.686  6.137   -0.150  1.00 33.69  ? 10  HOH A O   1 
HETATM 879 O O   . HOH B 2 .   ? 4.771   -5.030  -16.897 1.00 46.41  ? 11  HOH A O   1 
HETATM 880 O O   . HOH B 2 .   ? -7.032  -7.265  -11.940 1.00 52.41  ? 12  HOH A O   1 
HETATM 881 O O   . HOH B 2 .   ? -11.138 0.282   3.964   1.00 50.20  ? 13  HOH A O   1 
HETATM 882 O O   . HOH B 2 .   ? 6.773   5.780   -9.024  1.00 48.11  ? 14  HOH A O   1 
HETATM 883 O O   . HOH B 2 .   ? 9.848   12.632  4.162   1.00 48.42  ? 15  HOH A O   1 
HETATM 884 O O   . HOH B 2 .   ? -11.461 4.302   -1.125  1.00 44.47  ? 16  HOH A O   1 
HETATM 885 O O   . HOH B 2 .   ? 13.898  5.265   5.582   1.00 44.39  ? 17  HOH A O   1 
HETATM 886 O O   . HOH B 2 .   ? 13.496  2.482   7.222   1.00 55.49  ? 18  HOH A O   1 
HETATM 887 O O   . HOH B 2 .   ? 4.461   9.550   -4.702  1.00 61.55  ? 19  HOH A O   1 
HETATM 888 O O   . HOH B 2 .   ? 10.607  5.851   -1.586  1.00 36.53  ? 20  HOH A O   1 
HETATM 889 O O   . HOH B 2 .   ? -12.409 1.746   1.336   1.00 37.36  ? 21  HOH A O   1 
HETATM 890 O O   . HOH B 2 .   ? -8.657  -1.179  -11.069 1.00 28.32  ? 22  HOH A O   1 
HETATM 891 O O   . HOH B 2 .   ? -6.000  11.008  -3.575  1.00 41.93  ? 23  HOH A O   1 
HETATM 892 O O   . HOH B 2 .   ? -7.836  6.486   5.343   1.00 45.21  ? 24  HOH A O   1 
HETATM 893 O O   . HOH B 2 .   ? -6.440  9.846   -0.453  1.00 39.93  ? 25  HOH A O   1 
HETATM 894 O O   . HOH B 2 .   ? -12.583 0.378   -11.791 1.00 48.64  ? 26  HOH A O   1 
HETATM 895 O O   . HOH B 2 .   ? 13.278  7.153   2.435   1.00 44.71  ? 27  HOH A O   1 
HETATM 896 O O   . HOH B 2 .   ? 3.013   6.300   -9.429  1.00 38.30  ? 28  HOH A O   1 
HETATM 897 O O   . HOH B 2 .   ? 7.326   4.808   -14.122 1.00 47.90  ? 29  HOH A O   1 
HETATM 898 O O   . HOH B 2 .   ? -11.595 -2.425  2.869   1.00 46.40  ? 30  HOH A O   1 
HETATM 899 O O   . HOH B 2 .   ? 13.412  2.418   -1.760  1.00 42.35  ? 31  HOH A O   1 
HETATM 900 O O   . HOH B 2 .   ? -10.475 4.517   -4.739  1.00 31.35  ? 161 HOH A O   1 
HETATM 901 O O   . HOH B 2 .   ? 11.710  0.558   -11.959 1.00 52.36  ? 162 HOH A O   1 
HETATM 902 O O   . HOH B 2 .   ? -13.433 -6.165  -3.015  1.00 53.47  ? 163 HOH A O   1 
HETATM 903 O O   . HOH B 2 .   ? -11.182 1.767   -4.307  1.00 28.24  ? 164 HOH A O   1 
# 
loop_
_atom_site_anisotrop.id 
_atom_site_anisotrop.type_symbol 
_atom_site_anisotrop.pdbx_label_atom_id 
_atom_site_anisotrop.pdbx_label_alt_id 
_atom_site_anisotrop.pdbx_label_comp_id 
_atom_site_anisotrop.pdbx_label_asym_id 
_atom_site_anisotrop.pdbx_label_seq_id 
_atom_site_anisotrop.pdbx_PDB_ins_code 
_atom_site_anisotrop.U[1][1] 
_atom_site_anisotrop.U[2][2] 
_atom_site_anisotrop.U[3][3] 
_atom_site_anisotrop.U[1][2] 
_atom_site_anisotrop.U[1][3] 
_atom_site_anisotrop.U[2][3] 
_atom_site_anisotrop.pdbx_auth_seq_id 
_atom_site_anisotrop.pdbx_auth_comp_id 
_atom_site_anisotrop.pdbx_auth_asym_id 
_atom_site_anisotrop.pdbx_auth_atom_id 
1   N N   . ASN A 2   ? 0.6851 1.2477 0.5576 -0.0592 0.1265  -0.1342 33  ASN A N   
2   C CA  . ASN A 2   ? 0.6527 1.1663 0.5735 -0.0512 0.1236  -0.1294 33  ASN A CA  
3   C C   . ASN A 2   ? 0.5982 1.0774 0.5228 -0.0496 0.1089  -0.0894 33  ASN A C   
4   O O   . ASN A 2   ? 0.6028 1.0803 0.5090 -0.0488 0.0928  -0.0762 33  ASN A O   
5   C CB  . ASN A 2   ? 0.6677 1.1573 0.6182 -0.0456 0.1182  -0.1655 33  ASN A CB  
6   C CG  . ASN A 2   ? 0.7253 1.2342 0.6831 -0.0428 0.1352  -0.2084 33  ASN A CG  
7   O OD1 . ASN A 2   ? 0.7677 1.2999 0.7311 -0.0402 0.1537  -0.2113 33  ASN A OD1 
8   N ND2 . ASN A 2   ? 0.7469 1.2478 0.7063 -0.0438 0.1299  -0.2439 33  ASN A ND2 
9   N N   . PRO A 3   ? 0.5347 0.9893 0.4850 -0.0487 0.1142  -0.0724 34  PRO A N   
10  C CA  . PRO A 3   ? 0.4688 0.8865 0.4244 -0.0474 0.1027  -0.0396 34  PRO A CA  
11  C C   . PRO A 3   ? 0.4108 0.7984 0.3888 -0.0398 0.0877  -0.0489 34  PRO A C   
12  O O   . PRO A 3   ? 0.4089 0.7946 0.4076 -0.0373 0.0885  -0.0776 34  PRO A O   
13  C CB  . PRO A 3   ? 0.4778 0.8857 0.4583 -0.0516 0.1142  -0.0305 34  PRO A CB  
14  C CG  . PRO A 3   ? 0.4893 0.9221 0.4928 -0.0485 0.1278  -0.0633 34  PRO A CG  
15  C CD  . PRO A 3   ? 0.5312 0.9990 0.5054 -0.0493 0.1327  -0.0847 34  PRO A CD  
16  N N   . PRO A 4   ? 0.3607 0.7243 0.3348 -0.0362 0.0750  -0.0248 35  PRO A N   
17  C CA  . PRO A 4   ? 0.3104 0.6477 0.3070 -0.0308 0.0633  -0.0291 35  PRO A CA  
18  C C   . PRO A 4   ? 0.3125 0.6251 0.3432 -0.0307 0.0679  -0.0371 35  PRO A C   
19  O O   . PRO A 4   ? 0.3236 0.6350 0.3623 -0.0338 0.0773  -0.0301 35  PRO A O   
20  C CB  . PRO A 4   ? 0.3010 0.6195 0.2858 -0.0254 0.0540  0.0010  35  PRO A CB  
21  C CG  . PRO A 4   ? 0.3400 0.6618 0.3012 -0.0296 0.0615  0.0232  35  PRO A CG  
22  C CD  . PRO A 4   ? 0.3664 0.7262 0.3130 -0.0368 0.0724  0.0088  35  PRO A CD  
23  N N   . THR A 5   ? 0.3083 0.6052 0.3597 -0.0284 0.0610  -0.0503 36  THR A N   
24  C CA  . THR A 5   ? 0.3244 0.5960 0.4043 -0.0268 0.0614  -0.0493 36  THR A CA  
25  C C   . THR A 5   ? 0.2997 0.5497 0.3803 -0.0256 0.0508  -0.0335 36  THR A C   
26  O O   . THR A 5   ? 0.2907 0.5479 0.3585 -0.0243 0.0437  -0.0312 36  THR A O   
27  C CB  . THR A 5   ? 0.3567 0.6209 0.4592 -0.0250 0.0625  -0.0735 36  THR A CB  
28  O OG1 . THR A 5   ? 0.4006 0.6630 0.4974 -0.0287 0.0542  -0.0831 36  THR A OG1 
29  C CG2 . THR A 5   ? 0.3905 0.6775 0.4936 -0.0230 0.0750  -0.0945 36  THR A CG2 
30  N N   . PHE A 6   ? 0.2469 0.4762 0.3424 -0.0256 0.0497  -0.0236 37  PHE A N   
31  C CA  . PHE A 6   ? 0.2487 0.4595 0.3413 -0.0245 0.0424  -0.0100 37  PHE A CA  
32  C C   . PHE A 6   ? 0.2346 0.4299 0.3486 -0.0260 0.0393  -0.0123 37  PHE A C   
33  O O   . PHE A 6   ? 0.2261 0.4203 0.3539 -0.0271 0.0421  -0.0119 37  PHE A O   
34  C CB  . PHE A 6   ? 0.2488 0.4501 0.3274 -0.0258 0.0448  0.0076  37  PHE A CB  
35  C CG  . PHE A 6   ? 0.2656 0.4474 0.3348 -0.0210 0.0388  0.0189  37  PHE A CG  
36  C CD1 . PHE A 6   ? 0.2869 0.4451 0.3548 -0.0246 0.0392  0.0280  37  PHE A CD1 
37  C CD2 . PHE A 6   ? 0.2757 0.4657 0.3380 -0.0128 0.0331  0.0183  37  PHE A CD2 
38  C CE1 . PHE A 6   ? 0.2939 0.4314 0.3528 -0.0179 0.0353  0.0342  37  PHE A CE1 
39  C CE2 . PHE A 6   ? 0.2996 0.4755 0.3559 -0.0043 0.0292  0.0269  37  PHE A CE2 
40  C CZ  . PHE A 6   ? 0.3236 0.4705 0.3776 -0.0059 0.0310  0.0336  37  PHE A CZ  
41  N N   . SER A 7   ? 0.2122 0.4007 0.3297 -0.0265 0.0333  -0.0141 38  SER A N   
42  C CA  . SER A 7   ? 0.2580 0.4323 0.3922 -0.0288 0.0298  -0.0135 38  SER A CA  
43  C C   . SER A 7   ? 0.2554 0.4241 0.3843 -0.0313 0.0251  -0.0061 38  SER A C   
44  O O   . SER A 7   ? 0.2963 0.4750 0.4142 -0.0295 0.0246  -0.0061 38  SER A O   
45  C CB  . SER A 7   ? 0.2862 0.4570 0.4345 -0.0301 0.0302  -0.0270 38  SER A CB  
46  O OG  . SER A 7   ? 0.3817 0.5599 0.5232 -0.0352 0.0284  -0.0345 38  SER A OG  
47  N N   . PRO A 8   ? 0.2550 0.4121 0.3917 -0.0346 0.0215  0.0005  39  PRO A N   
48  C CA  . PRO A 8   ? 0.2030 0.3528 0.3555 -0.0330 0.0197  0.0030  39  PRO A CA  
49  C C   . PRO A 8   ? 0.2190 0.3747 0.3710 -0.0320 0.0208  0.0074  39  PRO A C   
50  O O   . PRO A 8   ? 0.2747 0.4291 0.4114 -0.0345 0.0215  0.0114  39  PRO A O   
51  C CB  . PRO A 8   ? 0.2428 0.3826 0.3969 -0.0378 0.0134  0.0137  39  PRO A CB  
52  C CG  . PRO A 8   ? 0.2593 0.4046 0.3951 -0.0415 0.0140  0.0166  39  PRO A CG  
53  C CD  . PRO A 8   ? 0.2282 0.3838 0.3583 -0.0388 0.0187  0.0071  39  PRO A CD  
54  N N   . ALA A 9   ? 0.1567 0.3193 0.3270 -0.0284 0.0213  0.0059  40  ALA A N   
55  C CA  . ALA A 9   ? 0.1657 0.3410 0.3391 -0.0314 0.0230  0.0094  40  ALA A CA  
56  C C   . ALA A 9   ? 0.2069 0.3773 0.3721 -0.0391 0.0156  0.0188  40  ALA A C   
57  O O   . ALA A 9   ? 0.2079 0.3820 0.3677 -0.0469 0.0171  0.0205  40  ALA A O   
58  C CB  . ALA A 9   ? 0.2002 0.3937 0.4019 -0.0244 0.0249  0.0051  40  ALA A CB  
59  N N   . LEU A 10  ? 0.1745 0.3372 0.3380 -0.0390 0.0079  0.0244  41  LEU A N   
60  C CA  . LEU A 10  ? 0.2113 0.3736 0.3626 -0.0469 0.0011  0.0303  41  LEU A CA  
61  C C   . LEU A 10  ? 0.2085 0.3603 0.3443 -0.0477 0.0002  0.0327  41  LEU A C   
62  O O   . LEU A 10  ? 0.2228 0.3712 0.3664 -0.0453 -0.0027 0.0383  41  LEU A O   
63  C CB  . LEU A 10  ? 0.2087 0.3869 0.3768 -0.0474 -0.0092 0.0383  41  LEU A CB  
64  C CG  . LEU A 10  ? 0.2048 0.3875 0.3565 -0.0572 -0.0187 0.0438  41  LEU A CG  
65  C CD1 . LEU A 10  ? 0.1546 0.3311 0.2865 -0.0685 -0.0148 0.0344  41  LEU A CD1 
66  C CD2 . LEU A 10  ? 0.2090 0.4158 0.3801 -0.0561 -0.0312 0.0532  41  LEU A CD2 
67  N N   . LEU A 11  ? 0.1976 0.3437 0.3136 -0.0506 0.0038  0.0282  42  LEU A N   
68  C CA  . LEU A 11  ? 0.1827 0.3281 0.2853 -0.0516 0.0052  0.0285  42  LEU A CA  
69  C C   . LEU A 11  ? 0.2274 0.3744 0.3119 -0.0581 0.0025  0.0272  42  LEU A C   
70  O O   . LEU A 11  ? 0.2183 0.3575 0.2940 -0.0600 0.0038  0.0198  42  LEU A O   
71  C CB  . LEU A 11  ? 0.2068 0.3501 0.3037 -0.0451 0.0128  0.0211  42  LEU A CB  
72  C CG  . LEU A 11  ? 0.2435 0.3948 0.3299 -0.0440 0.0166  0.0182  42  LEU A CG  
73  C CD1 . LEU A 11  ? 0.2316 0.3926 0.3250 -0.0509 0.0153  0.0245  42  LEU A CD1 
74  C CD2 . LEU A 11  ? 0.2735 0.4268 0.3599 -0.0340 0.0213  0.0124  42  LEU A CD2 
75  N N   . VAL A 12  ? 0.2477 0.4034 0.3245 -0.0634 -0.0015 0.0344  43  VAL A N   
76  C CA  . VAL A 12  ? 0.2887 0.4515 0.3443 -0.0710 -0.0042 0.0311  43  VAL A CA  
77  C C   . VAL A 12  ? 0.3157 0.4868 0.3570 -0.0711 0.0037  0.0284  43  VAL A C   
78  O O   . VAL A 12  ? 0.2743 0.4518 0.3216 -0.0731 0.0047  0.0389  43  VAL A O   
79  C CB  . VAL A 12  ? 0.3183 0.4939 0.3745 -0.0779 -0.0165 0.0458  43  VAL A CB  
80  C CG1 . VAL A 12  ? 0.3157 0.5054 0.3442 -0.0882 -0.0202 0.0421  43  VAL A CG1 
81  C CG2 . VAL A 12  ? 0.2537 0.4311 0.3317 -0.0759 -0.0240 0.0483  43  VAL A CG2 
82  N N   . VAL A 13  ? 0.2835 0.4547 0.3073 -0.0693 0.0102  0.0135  44  VAL A N   
83  C CA  . VAL A 13  ? 0.2841 0.4731 0.2956 -0.0690 0.0190  0.0091  44  VAL A CA  
84  C C   . VAL A 13  ? 0.3320 0.5249 0.3174 -0.0729 0.0211  -0.0060 44  VAL A C   
85  O O   . VAL A 13  ? 0.3171 0.4945 0.2967 -0.0761 0.0155  -0.0140 44  VAL A O   
86  C CB  . VAL A 13  ? 0.2969 0.4860 0.3195 -0.0552 0.0287  0.0001  44  VAL A CB  
87  C CG1 . VAL A 13  ? 0.2758 0.4606 0.3217 -0.0526 0.0259  0.0099  44  VAL A CG1 
88  C CG2 . VAL A 13  ? 0.3153 0.4822 0.3322 -0.0438 0.0317  -0.0155 44  VAL A CG2 
89  N N   . THR A 14  ? 0.3020 0.5185 0.2722 -0.0745 0.0300  -0.0114 45  THR A N   
90  C CA  . THR A 14  ? 0.3807 0.6066 0.3225 -0.0782 0.0344  -0.0297 45  THR A CA  
91  C C   . THR A 14  ? 0.3834 0.5973 0.3266 -0.0605 0.0467  -0.0537 45  THR A C   
92  O O   . THR A 14  ? 0.3524 0.5721 0.3149 -0.0471 0.0536  -0.0519 45  THR A O   
93  C CB  . THR A 14  ? 0.4260 0.6895 0.3509 -0.0887 0.0400  -0.0216 45  THR A CB  
94  O OG1 . THR A 14  ? 0.4762 0.7438 0.4007 -0.1026 0.0269  0.0054  45  THR A OG1 
95  C CG2 . THR A 14  ? 0.4717 0.7522 0.3628 -0.0929 0.0469  -0.0441 45  THR A CG2 
96  N N   . GLU A 15  ? 0.3807 0.5769 0.3053 -0.0596 0.0485  -0.0764 46  GLU A N   
97  C CA  . GLU A 15  ? 0.4289 0.6040 0.3558 -0.0389 0.0598  -0.0993 46  GLU A CA  
98  C C   . GLU A 15  ? 0.4281 0.6414 0.3588 -0.0260 0.0743  -0.1053 46  GLU A C   
99  O O   . GLU A 15  ? 0.4279 0.6811 0.3434 -0.0375 0.0795  -0.1042 46  GLU A O   
100 C CB  . GLU A 15  ? 0.4670 0.6140 0.3695 -0.0426 0.0609  -0.1272 46  GLU A CB  
101 C CG  . GLU A 15  ? 0.5696 0.7480 0.4420 -0.0522 0.0670  -0.1449 46  GLU A CG  
102 C CD  . GLU A 15  ? 0.6483 0.7963 0.4951 -0.0591 0.0667  -0.1764 46  GLU A CD  
103 O OE1 . GLU A 15  ? 0.6865 0.8595 0.5039 -0.0777 0.0636  -0.1865 46  GLU A OE1 
104 O OE2 . GLU A 15  ? 0.7048 0.8029 0.5597 -0.0472 0.0692  -0.1905 46  GLU A OE2 
105 N N   . GLY A 16  ? 0.4432 0.6497 0.3951 -0.0026 0.0808  -0.1093 47  GLY A N   
106 C CA  . GLY A 16  ? 0.3936 0.6460 0.3567 0.0105  0.0940  -0.1145 47  GLY A CA  
107 C C   . GLY A 16  ? 0.3776 0.6560 0.3670 0.0073  0.0900  -0.0906 47  GLY A C   
108 O O   . GLY A 16  ? 0.3489 0.6586 0.3585 0.0229  0.0977  -0.0935 47  GLY A O   
109 N N   . ASP A 17  ? 0.3094 0.5768 0.3001 -0.0122 0.0779  -0.0689 48  ASP A N   
110 C CA  . ASP A 17  ? 0.3503 0.6358 0.3640 -0.0176 0.0740  -0.0497 48  ASP A CA  
111 C C   . ASP A 17  ? 0.3387 0.6016 0.3721 -0.0011 0.0682  -0.0471 48  ASP A C   
112 O O   . ASP A 17  ? 0.3740 0.6004 0.4020 0.0118  0.0659  -0.0546 48  ASP A O   
113 C CB  . ASP A 17  ? 0.4014 0.6818 0.4103 -0.0421 0.0643  -0.0288 48  ASP A CB  
114 C CG  . ASP A 17  ? 0.4781 0.7905 0.4685 -0.0599 0.0701  -0.0235 48  ASP A CG  
115 O OD1 . ASP A 17  ? 0.5245 0.8318 0.5059 -0.0779 0.0618  -0.0049 48  ASP A OD1 
116 O OD2 . ASP A 17  ? 0.5522 0.8974 0.5369 -0.0544 0.0835  -0.0378 48  ASP A OD2 
117 N N   . ASN A 18  ? 0.3213 0.6063 0.3756 -0.0032 0.0658  -0.0363 49  ASN A N   
118 C CA  . ASN A 18  ? 0.3088 0.5775 0.3772 0.0095  0.0589  -0.0318 49  ASN A CA  
119 C C   . ASN A 18  ? 0.3295 0.5688 0.3957 -0.0054 0.0491  -0.0194 49  ASN A C   
120 O O   . ASN A 18  ? 0.2941 0.5342 0.3558 -0.0239 0.0469  -0.0116 49  ASN A O   
121 C CB  . ASN A 18  ? 0.3040 0.6147 0.3952 0.0126  0.0596  -0.0291 49  ASN A CB  
122 C CG  . ASN A 18  ? 0.3261 0.6803 0.4264 0.0265  0.0698  -0.0408 49  ASN A CG  
123 O OD1 . ASN A 18  ? 0.3368 0.6810 0.4328 0.0498  0.0745  -0.0525 49  ASN A OD1 
124 N ND2 . ASN A 18  ? 0.3081 0.7113 0.4230 0.0125  0.0744  -0.0387 49  ASN A ND2 
125 N N   . ALA A 19  ? 0.2937 0.5090 0.3633 0.0038  0.0438  -0.0162 50  ALA A N   
126 C CA  . ALA A 19  ? 0.2922 0.4856 0.3623 -0.0078 0.0367  -0.0071 50  ALA A CA  
127 C C   . ALA A 19  ? 0.2830 0.4827 0.3647 -0.0013 0.0334  -0.0030 50  ALA A C   
128 O O   . ALA A 19  ? 0.2943 0.4889 0.3741 0.0150  0.0334  -0.0036 50  ALA A O   
129 C CB  . ALA A 19  ? 0.2924 0.4510 0.3497 -0.0074 0.0350  -0.0089 50  ALA A CB  
130 N N   . THR A 20  ? 0.2613 0.4704 0.3530 -0.0134 0.0301  0.0009  51  THR A N   
131 C CA  . THR A 20  ? 0.2177 0.4388 0.3172 -0.0092 0.0270  0.0007  51  THR A CA  
132 C C   . THR A 20  ? 0.2528 0.4558 0.3532 -0.0169 0.0240  0.0031  51  THR A C   
133 O O   . THR A 20  ? 0.2260 0.4223 0.3330 -0.0293 0.0231  0.0040  51  THR A O   
134 C CB  . THR A 20  ? 0.2216 0.4795 0.3347 -0.0161 0.0273  -0.0034 51  THR A CB  
135 O OG1 . THR A 20  ? 0.2194 0.5025 0.3346 -0.0031 0.0310  -0.0068 51  THR A OG1 
136 C CG2 . THR A 20  ? 0.1747 0.4485 0.2946 -0.0172 0.0224  -0.0068 51  THR A CG2 
137 N N   . PHE A 21  ? 0.2249 0.4199 0.3189 -0.0087 0.0232  0.0054  52  PHE A N   
138 C CA  . PHE A 21  ? 0.2229 0.4137 0.3194 -0.0147 0.0226  0.0044  52  PHE A CA  
139 C C   . PHE A 21  ? 0.2008 0.4169 0.2989 -0.0135 0.0204  -0.0014 52  PHE A C   
140 O O   . PHE A 21  ? 0.2235 0.4600 0.3189 -0.0046 0.0178  -0.0003 52  PHE A O   
141 C CB  . PHE A 21  ? 0.2335 0.4059 0.3195 -0.0109 0.0246  0.0110  52  PHE A CB  
142 C CG  . PHE A 21  ? 0.2481 0.3981 0.3323 -0.0155 0.0256  0.0143  52  PHE A CG  
143 C CD1 . PHE A 21  ? 0.2831 0.4159 0.3563 -0.0097 0.0264  0.0170  52  PHE A CD1 
144 C CD2 . PHE A 21  ? 0.2560 0.4028 0.3504 -0.0249 0.0250  0.0136  52  PHE A CD2 
145 C CE1 . PHE A 21  ? 0.3505 0.4638 0.4202 -0.0175 0.0266  0.0164  52  PHE A CE1 
146 C CE2 . PHE A 21  ? 0.2933 0.4275 0.3868 -0.0308 0.0237  0.0160  52  PHE A CE2 
147 C CZ  . PHE A 21  ? 0.3209 0.4387 0.4008 -0.0293 0.0244  0.0165  52  PHE A CZ  
148 N N   . THR A 22  ? 0.2028 0.4197 0.3054 -0.0211 0.0210  -0.0087 53  THR A N   
149 C CA  . THR A 22  ? 0.2202 0.4610 0.3203 -0.0225 0.0189  -0.0180 53  THR A CA  
150 C C   . THR A 22  ? 0.2579 0.4980 0.3461 -0.0199 0.0222  -0.0181 53  THR A C   
151 O O   . THR A 22  ? 0.2365 0.4618 0.3302 -0.0234 0.0272  -0.0210 53  THR A O   
152 C CB  . THR A 22  ? 0.2379 0.4800 0.3523 -0.0364 0.0184  -0.0322 53  THR A CB  
153 O OG1 . THR A 22  ? 0.2646 0.5097 0.3885 -0.0424 0.0170  -0.0290 53  THR A OG1 
154 C CG2 . THR A 22  ? 0.2247 0.4948 0.3353 -0.0415 0.0155  -0.0476 53  THR A CG2 
155 N N   . CYS A 23  ? 0.2625 0.5233 0.3349 -0.0132 0.0194  -0.0135 54  CYS A N   
156 C CA  . CYS A 23  ? 0.3069 0.5747 0.3633 -0.0131 0.0234  -0.0123 54  CYS A CA  
157 C C   . CYS A 23  ? 0.3356 0.6344 0.3883 -0.0194 0.0207  -0.0310 54  CYS A C   
158 O O   . CYS A 23  ? 0.3327 0.6577 0.3834 -0.0180 0.0124  -0.0329 54  CYS A O   
159 C CB  . CYS A 23  ? 0.3072 0.5745 0.3430 -0.0018 0.0211  0.0092  54  CYS A CB  
160 S SG  . CYS A 23  ? 0.3454 0.6270 0.3540 -0.0041 0.0264  0.0174  54  CYS A SG  
161 N N   . SER A 24  ? 0.3252 0.6239 0.3791 -0.0264 0.0278  -0.0471 55  SER A N   
162 C CA  . SER A 24  ? 0.3527 0.6782 0.3998 -0.0339 0.0267  -0.0700 55  SER A CA  
163 C C   . SER A 24  ? 0.4113 0.7594 0.4334 -0.0327 0.0325  -0.0707 55  SER A C   
164 O O   . SER A 24  ? 0.4113 0.7490 0.4336 -0.0317 0.0435  -0.0689 55  SER A O   
165 C CB  . SER A 24  ? 0.3614 0.6675 0.4292 -0.0421 0.0314  -0.0940 55  SER A CB  
166 O OG  . SER A 24  ? 0.4236 0.7080 0.5113 -0.0452 0.0267  -0.0881 55  SER A OG  
167 N N   . PHE A 25  ? 0.4503 0.8352 0.4506 -0.0339 0.0249  -0.0728 56  PHE A N   
168 C CA  . PHE A 25  ? 0.4972 0.9105 0.4658 -0.0336 0.0290  -0.0689 56  PHE A CA  
169 C C   . PHE A 25  ? 0.5685 1.0265 0.5190 -0.0403 0.0197  -0.0868 56  PHE A C   
170 O O   . PHE A 25  ? 0.5202 0.9971 0.4726 -0.0376 0.0054  -0.0795 56  PHE A O   
171 C CB  . PHE A 25  ? 0.5015 0.9118 0.4521 -0.0231 0.0254  -0.0317 56  PHE A CB  
172 C CG  . PHE A 25  ? 0.5842 1.0223 0.4983 -0.0247 0.0297  -0.0208 56  PHE A CG  
173 C CD1 . PHE A 25  ? 0.6052 1.0436 0.5132 -0.0321 0.0465  -0.0279 56  PHE A CD1 
174 C CD2 . PHE A 25  ? 0.6233 1.0932 0.5093 -0.0188 0.0172  -0.0032 56  PHE A CD2 
175 C CE1 . PHE A 25  ? 0.6549 1.1243 0.5264 -0.0364 0.0527  -0.0173 56  PHE A CE1 
176 C CE2 . PHE A 25  ? 0.6754 1.1731 0.5227 -0.0217 0.0209  0.0102  56  PHE A CE2 
177 C CZ  . PHE A 25  ? 0.6876 1.1849 0.5260 -0.0321 0.0398  0.0032  56  PHE A CZ  
178 N N   . SER A 26  ? 0.6572 1.1378 0.5905 -0.0485 0.0275  -0.1115 57  SER A N   
179 C CA  . SER A 26  ? 0.7572 1.2885 0.6648 -0.0567 0.0175  -0.1286 57  SER A CA  
180 C C   . SER A 26  ? 0.8413 1.4107 0.7057 -0.0574 0.0233  -0.1226 57  SER A C   
181 O O   . SER A 26  ? 0.8413 1.4051 0.6999 -0.0595 0.0407  -0.1328 57  SER A O   
182 C CB  . SER A 26  ? 0.7541 1.2857 0.6776 -0.0720 0.0169  -0.1732 57  SER A CB  
183 O OG  . SER A 26  ? 0.7444 1.2441 0.6820 -0.0738 0.0339  -0.1982 57  SER A OG  
184 N N   . ASN A 27  ? 0.9318 1.5439 0.7667 -0.0547 0.0082  -0.1041 58  ASN A N   
185 C CA  . ASN A 27  ? 1.0374 1.6884 0.8254 -0.0558 0.0116  -0.0905 58  ASN A CA  
186 C C   . ASN A 27  ? 1.1032 1.8175 0.8586 -0.0603 -0.0069 -0.0952 58  ASN A C   
187 O O   . ASN A 27  ? 1.1124 1.8436 0.8664 -0.0496 -0.0263 -0.0675 58  ASN A O   
188 C CB  . ASN A 27  ? 1.0622 1.6893 0.8394 -0.0433 0.0141  -0.0401 58  ASN A CB  
189 C CG  . ASN A 27  ? 1.1263 1.7901 0.8524 -0.0463 0.0182  -0.0182 58  ASN A CG  
190 O OD1 . ASN A 27  ? 1.1638 1.8682 0.8633 -0.0585 0.0264  -0.0447 58  ASN A OD1 
191 N ND2 . ASN A 27  ? 1.1472 1.7941 0.8575 -0.0356 0.0133  0.0307  58  ASN A ND2 
192 N N   . THR A 28  ? 1.1715 1.9240 0.9012 -0.0750 -0.0010 -0.1315 59  THR A N   
193 C CA  . THR A 28  ? 1.2416 2.0619 0.9363 -0.0834 -0.0186 -0.1425 59  THR A CA  
194 C C   . THR A 28  ? 1.3055 2.1664 0.9488 -0.0761 -0.0246 -0.0999 59  THR A C   
195 O O   . THR A 28  ? 1.3511 2.2370 0.9549 -0.0844 -0.0105 -0.1062 59  THR A O   
196 C CB  . THR A 28  ? 1.2647 2.1100 0.9470 -0.1038 -0.0095 -0.2025 59  THR A CB  
197 N N   . SER A 29  ? 1.3180 2.1854 0.9618 -0.0597 -0.0450 -0.0564 60  SER A N   
198 C CA  . SER A 29  ? 1.3685 2.2656 0.9662 -0.0487 -0.0547 -0.0068 60  SER A CA  
199 C C   . SER A 29  ? 1.3690 2.2081 0.9650 -0.0383 -0.0390 0.0370  60  SER A C   
200 O O   . SER A 29  ? 1.3287 2.1132 0.9623 -0.0244 -0.0396 0.0560  60  SER A O   
201 C CB  . SER A 29  ? 1.4222 2.3880 0.9620 -0.0646 -0.0542 -0.0226 60  SER A CB  
202 N N   . SER A 31  ? 1.0095 1.7966 0.6415 0.0150  -0.0764 0.1289  62  SER A N   
203 C CA  . SER A 31  ? 0.9873 1.7236 0.6629 0.0363  -0.0817 0.1462  62  SER A CA  
204 C C   . SER A 31  ? 0.9588 1.6155 0.6504 0.0348  -0.0597 0.1576  62  SER A C   
205 O O   . SER A 31  ? 0.9934 1.6342 0.6587 0.0211  -0.0423 0.1664  62  SER A O   
206 C CB  . SER A 31  ? 1.0237 1.7741 0.6869 0.0650  -0.1049 0.1937  62  SER A CB  
207 O OG  . SER A 31  ? 1.0208 1.8336 0.7023 0.0735  -0.1278 0.1782  62  SER A OG  
208 N N   . PHE A 32  ? 0.9078 1.5200 0.6423 0.0478  -0.0605 0.1570  63  PHE A N   
209 C CA  . PHE A 32  ? 0.8638 1.4036 0.6152 0.0458  -0.0425 0.1656  63  PHE A CA  
210 C C   . PHE A 32  ? 0.8109 1.3037 0.5946 0.0688  -0.0490 0.1820  63  PHE A C   
211 O O   . PHE A 32  ? 0.7749 1.2924 0.5834 0.0831  -0.0631 0.1721  63  PHE A O   
212 C CB  . PHE A 32  ? 0.8546 1.3843 0.6278 0.0234  -0.0237 0.1236  63  PHE A CB  
213 C CG  . PHE A 32  ? 0.8459 1.3878 0.6584 0.0217  -0.0292 0.0863  63  PHE A CG  
214 C CD1 . PHE A 32  ? 0.8082 1.3142 0.6573 0.0335  -0.0316 0.0879  63  PHE A CD1 
215 C CD2 . PHE A 32  ? 0.8549 1.4422 0.6661 0.0060  -0.0303 0.0486  63  PHE A CD2 
216 C CE1 . PHE A 32  ? 0.7907 1.3093 0.6736 0.0287  -0.0352 0.0572  63  PHE A CE1 
217 C CE2 . PHE A 32  ? 0.8322 1.4251 0.6790 0.0006  -0.0345 0.0166  63  PHE A CE2 
218 C CZ  . PHE A 32  ? 0.7856 1.3455 0.6678 0.0113  -0.0368 0.0232  63  PHE A CZ  
219 N N   . VAL A 33  ? 0.7694 1.1973 0.5518 0.0708  -0.0380 0.2054  64  VAL A N   
220 C CA  . VAL A 33  ? 0.7009 1.0749 0.5154 0.0868  -0.0379 0.2097  64  VAL A CA  
221 C C   . VAL A 33  ? 0.6473 0.9893 0.4869 0.0668  -0.0202 0.1812  64  VAL A C   
222 O O   . VAL A 33  ? 0.6055 0.9388 0.4325 0.0458  -0.0055 0.1782  64  VAL A O   
223 C CB  . VAL A 33  ? 0.7635 1.0785 0.5599 0.1017  -0.0383 0.2533  64  VAL A CB  
224 C CG1 . VAL A 33  ? 0.7295 0.9885 0.5583 0.1181  -0.0371 0.2503  64  VAL A CG1 
225 C CG2 . VAL A 33  ? 0.8379 1.1818 0.6057 0.1242  -0.0572 0.2890  64  VAL A CG2 
226 N N   . LEU A 34  ? 0.5821 0.9112 0.4573 0.0740  -0.0216 0.1616  65  LEU A N   
227 C CA  . LEU A 34  ? 0.5741 0.8800 0.4742 0.0574  -0.0085 0.1352  65  LEU A CA  
228 C C   . LEU A 34  ? 0.5830 0.8318 0.4988 0.0673  -0.0053 0.1439  65  LEU A C   
229 O O   . LEU A 34  ? 0.5849 0.8350 0.5198 0.0849  -0.0128 0.1396  65  LEU A O   
230 C CB  . LEU A 34  ? 0.5562 0.9007 0.4819 0.0530  -0.0128 0.1023  65  LEU A CB  
231 C CG  . LEU A 34  ? 0.5741 0.9225 0.5115 0.0307  -0.0015 0.0730  65  LEU A CG  
232 C CD1 . LEU A 34  ? 0.5294 0.8785 0.4997 0.0278  -0.0027 0.0491  65  LEU A CD1 
233 C CD2 . LEU A 34  ? 0.5803 0.8883 0.5152 0.0202  0.0129  0.0796  65  LEU A CD2 
234 N N   . ASN A 35  ? 0.5522 0.7559 0.4611 0.0545  0.0065  0.1533  66  ASN A N   
235 C CA  . ASN A 35  ? 0.5162 0.6612 0.4346 0.0602  0.0098  0.1607  66  ASN A CA  
236 C C   . ASN A 35  ? 0.4543 0.5825 0.3970 0.0453  0.0184  0.1360  66  ASN A C   
237 O O   . ASN A 35  ? 0.4251 0.5715 0.3735 0.0262  0.0257  0.1220  66  ASN A O   
238 C CB  . ASN A 35  ? 0.5925 0.6947 0.4851 0.0540  0.0151  0.1909  66  ASN A CB  
239 C CG  . ASN A 35  ? 0.7039 0.8074 0.5717 0.0753  0.0039  0.2226  66  ASN A CG  
240 O OD1 . ASN A 35  ? 0.7146 0.8525 0.5891 0.0979  -0.0091 0.2204  66  ASN A OD1 
241 N ND2 . ASN A 35  ? 0.7591 0.8268 0.5992 0.0679  0.0083  0.2543  66  ASN A ND2 
242 N N   . TRP A 36  ? 0.3954 0.4910 0.3521 0.0555  0.0173  0.1308  67  TRP A N   
243 C CA  . TRP A 36  ? 0.4122 0.4950 0.3884 0.0425  0.0233  0.1097  67  TRP A CA  
244 C C   . TRP A 36  ? 0.4610 0.4851 0.4292 0.0365  0.0286  0.1200  67  TRP A C   
245 O O   . TRP A 36  ? 0.4957 0.4834 0.4574 0.0541  0.0257  0.1303  67  TRP A O   
246 C CB  . TRP A 36  ? 0.3961 0.4964 0.3922 0.0560  0.0185  0.0920  67  TRP A CB  
247 C CG  . TRP A 36  ? 0.3448 0.4341 0.3572 0.0445  0.0232  0.0728  67  TRP A CG  
248 C CD1 . TRP A 36  ? 0.3460 0.4264 0.3625 0.0233  0.0287  0.0663  67  TRP A CD1 
249 C CD2 . TRP A 36  ? 0.3549 0.4490 0.3808 0.0540  0.0222  0.0590  67  TRP A CD2 
250 N NE1 . TRP A 36  ? 0.3701 0.4469 0.3992 0.0194  0.0293  0.0515  67  TRP A NE1 
251 C CE2 . TRP A 36  ? 0.3440 0.4285 0.3770 0.0368  0.0265  0.0465  67  TRP A CE2 
252 C CE3 . TRP A 36  ? 0.3796 0.4904 0.4128 0.0761  0.0186  0.0564  67  TRP A CE3 
253 C CZ2 . TRP A 36  ? 0.3258 0.4145 0.3677 0.0388  0.0275  0.0328  67  TRP A CZ2 
254 C CZ3 . TRP A 36  ? 0.3412 0.4587 0.3866 0.0781  0.0217  0.0404  67  TRP A CZ3 
255 C CH2 . TRP A 36  ? 0.3462 0.4517 0.3934 0.0585  0.0264  0.0293  67  TRP A CH2 
256 N N   . TYR A 37  ? 0.4126 0.4283 0.3825 0.0121  0.0365  0.1169  68  TYR A N   
257 C CA  . TYR A 37  ? 0.4414 0.4049 0.4043 -0.0006 0.0416  0.1249  68  TYR A CA  
258 C C   . TYR A 37  ? 0.4412 0.3983 0.4220 -0.0138 0.0435  0.1027  68  TYR A C   
259 O O   . TYR A 37  ? 0.3898 0.3850 0.3865 -0.0215 0.0437  0.0881  68  TYR A O   
260 C CB  . TYR A 37  ? 0.4649 0.4305 0.4153 -0.0227 0.0494  0.1418  68  TYR A CB  
261 C CG  . TYR A 37  ? 0.5212 0.4925 0.4470 -0.0128 0.0477  0.1680  68  TYR A CG  
262 C CD1 . TYR A 37  ? 0.5890 0.5088 0.4950 -0.0027 0.0452  0.1932  68  TYR A CD1 
263 C CD2 . TYR A 37  ? 0.5237 0.5504 0.4441 -0.0132 0.0480  0.1674  68  TYR A CD2 
264 C CE1 . TYR A 37  ? 0.6416 0.5679 0.5218 0.0073  0.0417  0.2226  68  TYR A CE1 
265 C CE2 . TYR A 37  ? 0.5614 0.5996 0.4544 -0.0052 0.0452  0.1924  68  TYR A CE2 
266 C CZ  . TYR A 37  ? 0.6174 0.6066 0.4899 0.0052  0.0413  0.2221  68  TYR A CZ  
267 O OH  . TYR A 37  ? 0.6840 0.6854 0.5271 0.0142  0.0365  0.2514  68  TYR A OH  
268 N N   . ARG A 38  ? 0.4760 0.3835 0.4527 -0.0160 0.0443  0.1000  69  ARG A N   
269 C CA  . ARG A 38  ? 0.5088 0.4087 0.4963 -0.0362 0.0460  0.0823  69  ARG A CA  
270 C C   . ARG A 38  ? 0.5611 0.4450 0.5452 -0.0657 0.0521  0.0925  69  ARG A C   
271 O O   . ARG A 38  ? 0.5786 0.4188 0.5462 -0.0698 0.0554  0.1101  69  ARG A O   
272 C CB  . ARG A 38  ? 0.5732 0.4299 0.5561 -0.0262 0.0444  0.0691  69  ARG A CB  
273 C CG  . ARG A 38  ? 0.6028 0.4570 0.5928 -0.0473 0.0443  0.0492  69  ARG A CG  
274 C CD  . ARG A 38  ? 0.6211 0.4474 0.6055 -0.0353 0.0434  0.0296  69  ARG A CD  
275 N NE  . ARG A 38  ? 0.6005 0.4358 0.5887 -0.0573 0.0416  0.0100  69  ARG A NE  
276 C CZ  . ARG A 38  ? 0.6488 0.4675 0.6296 -0.0536 0.0414  -0.0119 69  ARG A CZ  
277 N NH1 . ARG A 38  ? 0.6527 0.4442 0.6259 -0.0266 0.0447  -0.0181 69  ARG A NH1 
278 N NH2 . ARG A 38  ? 0.6298 0.4634 0.6111 -0.0755 0.0379  -0.0283 69  ARG A NH2 
279 N N   . MET A 39  ? 0.5382 0.4583 0.5393 -0.0863 0.0536  0.0830  70  MET A N   
280 C CA  . MET A 39  ? 0.5875 0.5083 0.5905 -0.1152 0.0607  0.0932  70  MET A CA  
281 C C   . MET A 39  ? 0.6057 0.5090 0.6170 -0.1396 0.0594  0.0798  70  MET A C   
282 O O   . MET A 39  ? 0.6890 0.5847 0.7016 -0.1667 0.0649  0.0872  70  MET A O   
283 C CB  . MET A 39  ? 0.5445 0.5280 0.5643 -0.1212 0.0649  0.0929  70  MET A CB  
284 C CG  . MET A 39  ? 0.5209 0.5303 0.5322 -0.1010 0.0660  0.1006  70  MET A CG  
285 S SD  . MET A 39  ? 0.5892 0.5681 0.5685 -0.1016 0.0719  0.1310  70  MET A SD  
286 C CE  . MET A 39  ? 0.6066 0.6025 0.5902 -0.1387 0.0854  0.1419  70  MET A CE  
287 N N   . SER A 40  ? 0.6262 0.5294 0.6432 -0.1325 0.0520  0.0598  71  SER A N   
288 C CA  . SER A 40  ? 0.6481 0.5407 0.6703 -0.1563 0.0486  0.0440  71  SER A CA  
289 C C   . SER A 40  ? 0.6710 0.5446 0.6848 -0.1407 0.0423  0.0244  71  SER A C   
290 O O   . SER A 40  ? 0.6234 0.5175 0.6380 -0.1155 0.0399  0.0221  71  SER A O   
291 C CB  . SER A 40  ? 0.6013 0.5556 0.6500 -0.1745 0.0458  0.0389  71  SER A CB  
292 O OG  . SER A 40  ? 0.5654 0.5568 0.6256 -0.1591 0.0376  0.0272  71  SER A OG  
293 N N   . PRO A 41  ? 0.7261 0.5631 0.7309 -0.1579 0.0405  0.0085  72  PRO A N   
294 C CA  . PRO A 41  ? 0.7978 0.6139 0.8040 -0.1938 0.0426  0.0085  72  PRO A CA  
295 C C   . PRO A 41  ? 0.8915 0.6537 0.8846 -0.1993 0.0515  0.0297  72  PRO A C   
296 O O   . PRO A 41  ? 0.9024 0.6292 0.8808 -0.1719 0.0542  0.0401  72  PRO A O   
297 C CB  . PRO A 41  ? 0.8175 0.6016 0.8120 -0.2049 0.0377  -0.0191 72  PRO A CB  
298 C CG  . PRO A 41  ? 0.7777 0.5969 0.7720 -0.1807 0.0316  -0.0322 72  PRO A CG  
299 C CD  . PRO A 41  ? 0.7362 0.5626 0.7311 -0.1472 0.0358  -0.0148 72  PRO A CD  
300 N N   . SER A 42  ? 0.9662 0.7261 0.9656 -0.2352 0.0558  0.0374  73  SER A N   
301 C CA  . SER A 42  ? 1.0741 0.7935 1.0617 -0.2480 0.0656  0.0644  73  SER A CA  
302 C C   . SER A 42  ? 1.1573 0.7856 1.1184 -0.2331 0.0678  0.0706  73  SER A C   
303 O O   . SER A 42  ? 1.1940 0.7914 1.1407 -0.2236 0.0733  0.0990  73  SER A O   
304 C CB  . SER A 42  ? 1.1221 0.8493 1.1214 -0.2963 0.0700  0.0661  73  SER A CB  
305 O OG  . SER A 42  ? 1.1046 0.9201 1.1331 -0.3070 0.0681  0.0613  73  SER A OG  
306 N N   . ASN A 43  ? 1.1965 0.7831 1.1509 -0.2307 0.0633  0.0436  74  ASN A N   
307 C CA  . ASN A 43  ? 1.2744 0.7723 1.2072 -0.2126 0.0654  0.0429  74  ASN A CA  
308 C C   . ASN A 43  ? 1.2357 0.7417 1.1642 -0.1621 0.0633  0.0497  74  ASN A C   
309 O O   . ASN A 43  ? 1.2878 0.7361 1.2021 -0.1388 0.0655  0.0667  74  ASN A O   
310 C CB  . ASN A 43  ? 1.3354 0.7971 1.2634 -0.2249 0.0621  0.0047  74  ASN A CB  
311 C CG  . ASN A 43  ? 1.2895 0.8231 1.2287 -0.2171 0.0545  -0.0224 74  ASN A CG  
312 O OD1 . ASN A 43  ? 1.2850 0.8197 1.2184 -0.1837 0.0529  -0.0371 74  ASN A OD1 
313 N ND2 . ASN A 43  ? 1.2472 0.8450 1.2038 -0.2472 0.0498  -0.0266 74  ASN A ND2 
314 N N   . GLN A 44  ? 1.1372 0.7161 1.0791 -0.1458 0.0584  0.0380  75  GLN A N   
315 C CA  . GLN A 44  ? 1.1015 0.6968 1.0426 -0.1020 0.0561  0.0381  75  GLN A CA  
316 C C   . GLN A 44  ? 1.0552 0.6911 0.9995 -0.0845 0.0560  0.0670  75  GLN A C   
317 O O   . GLN A 44  ? 1.0300 0.6921 0.9772 -0.0516 0.0528  0.0675  75  GLN A O   
318 C CB  . GLN A 44  ? 1.0534 0.7003 1.0046 -0.0947 0.0515  0.0101  75  GLN A CB  
319 C CG  . GLN A 44  ? 1.1138 0.7293 1.0574 -0.1096 0.0509  -0.0218 75  GLN A CG  
320 C CD  . GLN A 44  ? 1.1090 0.7396 1.0498 -0.0818 0.0504  -0.0456 75  GLN A CD  
321 O OE1 . GLN A 44  ? 1.1300 0.7388 1.0674 -0.0475 0.0536  -0.0432 75  GLN A OE1 
322 N NE2 . GLN A 44  ? 1.0831 0.7556 1.0255 -0.0961 0.0462  -0.0677 75  GLN A NE2 
323 N N   . THR A 45  ? 1.0314 0.6775 0.9749 -0.1080 0.0597  0.0896  76  THR A N   
324 C CA  . THR A 45  ? 0.9746 0.6657 0.9181 -0.0941 0.0601  0.1127  76  THR A CA  
325 C C   . THR A 45  ? 0.9950 0.6477 0.9223 -0.0602 0.0576  0.1314  76  THR A C   
326 O O   . THR A 45  ? 1.0768 0.6567 0.9904 -0.0572 0.0589  0.1389  76  THR A O   
327 C CB  . THR A 45  ? 0.9567 0.6692 0.8997 -0.1250 0.0670  0.1327  76  THR A CB  
328 O OG1 . THR A 45  ? 1.0490 0.6985 0.9706 -0.1337 0.0718  0.1594  76  THR A OG1 
329 C CG2 . THR A 45  ? 0.9256 0.6630 0.8869 -0.1594 0.0687  0.1140  76  THR A CG2 
330 N N   . ASP A 46  ? 0.9373 0.6387 0.8677 -0.0341 0.0531  0.1375  77  ASP A N   
331 C CA  . ASP A 46  ? 0.9431 0.6241 0.8635 0.0025  0.0480  0.1527  77  ASP A CA  
332 C C   . ASP A 46  ? 0.8561 0.6101 0.7821 0.0195  0.0428  0.1578  77  ASP A C   
333 O O   . ASP A 46  ? 0.7601 0.5701 0.7014 0.0099  0.0430  0.1397  77  ASP A O   
334 C CB  . ASP A 46  ? 0.9775 0.6275 0.9052 0.0262  0.0458  0.1285  77  ASP A CB  
335 C CG  . ASP A 46  ? 1.0535 0.6567 0.9721 0.0632  0.0419  0.1454  77  ASP A CG  
336 O OD1 . ASP A 46  ? 1.1196 0.6578 1.0209 0.0599  0.0434  0.1700  77  ASP A OD1 
337 O OD2 . ASP A 46  ? 1.0458 0.6775 0.9762 0.0961  0.0374  0.1343  77  ASP A OD2 
338 N N   . LYS A 47  ? 0.8305 0.5831 0.7437 0.0440  0.0371  0.1826  78  LYS A N   
339 C CA  . LYS A 47  ? 0.7843 0.6050 0.7044 0.0637  0.0298  0.1814  78  LYS A CA  
340 C C   . LYS A 47  ? 0.7745 0.6027 0.7127 0.0924  0.0249  0.1603  78  LYS A C   
341 O O   . LYS A 47  ? 0.8415 0.6223 0.7776 0.1160  0.0232  0.1648  78  LYS A O   
342 C CB  . LYS A 47  ? 0.8025 0.6315 0.7016 0.0791  0.0233  0.2155  78  LYS A CB  
343 C CG  . LYS A 47  ? 0.7562 0.6538 0.6645 0.1028  0.0130  0.2100  78  LYS A CG  
344 C CD  . LYS A 47  ? 0.7853 0.7060 0.6702 0.1135  0.0049  0.2421  78  LYS A CD  
345 C CE  . LYS A 47  ? 0.8654 0.7387 0.7404 0.1460  -0.0037 0.2700  78  LYS A CE  
346 N NZ  . LYS A 47  ? 0.9115 0.8056 0.7580 0.1534  -0.0124 0.3070  78  LYS A NZ  
347 N N   . LEU A 48  ? 0.6986 0.5854 0.6551 0.0904  0.0238  0.1376  79  LEU A N   
348 C CA  . LEU A 48  ? 0.6970 0.6004 0.6719 0.1110  0.0221  0.1158  79  LEU A CA  
349 C C   . LEU A 48  ? 0.7143 0.6610 0.6965 0.1415  0.0130  0.1236  79  LEU A C   
350 O O   . LEU A 48  ? 0.7196 0.6578 0.7115 0.1706  0.0111  0.1195  79  LEU A O   
351 C CB  . LEU A 48  ? 0.6038 0.5486 0.5942 0.0915  0.0252  0.0908  79  LEU A CB  
352 C CG  . LEU A 48  ? 0.6146 0.5311 0.6019 0.0619  0.0318  0.0813  79  LEU A CG  
353 C CD1 . LEU A 48  ? 0.5626 0.5234 0.5651 0.0477  0.0324  0.0624  79  LEU A CD1 
354 C CD2 . LEU A 48  ? 0.6532 0.5108 0.6352 0.0656  0.0356  0.0716  79  LEU A CD2 
355 N N   . ALA A 49  ? 0.7021 0.7004 0.6819 0.1347  0.0077  0.1320  80  ALA A N   
356 C CA  . ALA A 49  ? 0.7060 0.7647 0.6974 0.1556  -0.0019 0.1321  80  ALA A CA  
357 C C   . ALA A 49  ? 0.7131 0.8139 0.6913 0.1425  -0.0074 0.1438  80  ALA A C   
358 O O   . ALA A 49  ? 0.7392 0.8314 0.7054 0.1162  -0.0010 0.1442  80  ALA A O   
359 C CB  . ALA A 49  ? 0.6556 0.7562 0.6727 0.1523  0.0007  0.1032  80  ALA A CB  
360 N N   . ALA A 50  ? 0.7083 0.8593 0.6892 0.1610  -0.0192 0.1514  81  ALA A N   
361 C CA  . ALA A 50  ? 0.7078 0.8994 0.6700 0.1510  -0.0257 0.1630  81  ALA A CA  
362 C C   . ALA A 50  ? 0.7004 0.9691 0.6770 0.1586  -0.0375 0.1519  81  ALA A C   
363 O O   . ALA A 50  ? 0.7022 0.9967 0.7041 0.1781  -0.0426 0.1429  81  ALA A O   
364 C CB  . ALA A 50  ? 0.7402 0.9011 0.6727 0.1632  -0.0307 0.1999  81  ALA A CB  
365 N N   . PHE A 51  ? 0.6751 0.9837 0.6362 0.1409  -0.0408 0.1501  82  PHE A N   
366 C CA  . PHE A 51  ? 0.6463 1.0285 0.6142 0.1439  -0.0540 0.1414  82  PHE A CA  
367 C C   . PHE A 51  ? 0.6876 1.0921 0.6203 0.1458  -0.0634 0.1653  82  PHE A C   
368 O O   . PHE A 51  ? 0.6377 1.0208 0.5444 0.1267  -0.0544 0.1708  82  PHE A O   
369 C CB  . PHE A 51  ? 0.5904 1.0028 0.5733 0.1155  -0.0483 0.1076  82  PHE A CB  
370 C CG  . PHE A 51  ? 0.5797 1.0647 0.5652 0.1110  -0.0613 0.0959  82  PHE A CG  
371 C CD1 . PHE A 51  ? 0.5638 1.0944 0.5803 0.1172  -0.0688 0.0821  82  PHE A CD1 
372 C CD2 . PHE A 51  ? 0.6031 1.1163 0.5593 0.0990  -0.0659 0.0979  82  PHE A CD2 
373 C CE1 . PHE A 51  ? 0.5709 1.1744 0.5915 0.1094  -0.0823 0.0699  82  PHE A CE1 
374 C CE2 . PHE A 51  ? 0.6064 1.1902 0.5631 0.0924  -0.0794 0.0841  82  PHE A CE2 
375 C CZ  . PHE A 51  ? 0.5769 1.2052 0.5667 0.0967  -0.0883 0.0699  82  PHE A CZ  
376 N N   . PRO A 52  ? 0.7425 1.1942 0.6743 0.1697  -0.0815 0.1811  83  PRO A N   
377 C CA  . PRO A 52  ? 0.7692 1.2520 0.7370 0.1940  -0.0905 0.1741  83  PRO A CA  
378 C C   . PRO A 52  ? 0.8521 1.2824 0.8265 0.2291  -0.0908 0.1983  83  PRO A C   
379 O O   . PRO A 52  ? 0.9228 1.3313 0.8730 0.2489  -0.0991 0.2330  83  PRO A O   
380 C CB  . PRO A 52  ? 0.7615 1.3284 0.7248 0.2023  -0.1116 0.1799  83  PRO A CB  
381 C CG  . PRO A 52  ? 0.8031 1.3595 0.7197 0.1998  -0.1161 0.2089  83  PRO A CG  
382 C CD  . PRO A 52  ? 0.7795 1.2672 0.6763 0.1743  -0.0949 0.2060  83  PRO A CD  
383 N N   . GLU A 53  ? 0.8751 1.2823 0.8798 0.2361  -0.0811 0.1800  84  GLU A N   
384 C CA  . GLU A 53  ? 0.9599 1.3284 0.9780 0.2737  -0.0817 0.1941  84  GLU A CA  
385 C C   . GLU A 53  ? 0.9369 1.3061 0.9906 0.2771  -0.0707 0.1646  84  GLU A C   
386 O O   . GLU A 53  ? 0.9451 1.3604 1.0285 0.3045  -0.0770 0.1595  84  GLU A O   
387 C CB  . GLU A 53  ? 1.0321 1.3082 1.0213 0.2770  -0.0745 0.2195  84  GLU A CB  
388 C CG  . GLU A 53  ? 1.1321 1.3704 1.1270 0.3226  -0.0815 0.2436  84  GLU A CG  
389 C CD  . GLU A 53  ? 1.2206 1.3811 1.1787 0.3259  -0.0814 0.2812  84  GLU A CD  
390 O OE1 . GLU A 53  ? 1.2904 1.4323 1.2449 0.3638  -0.0935 0.3120  84  GLU A OE1 
391 O OE2 . GLU A 53  ? 1.2330 1.3523 1.1674 0.2905  -0.0694 0.2811  84  GLU A OE2 
392 N N   . CYS A 62  ? 0.8669 0.9565 0.9786 0.3252  0.0240  0.0275  93  CYS A N   
393 C CA  . CYS A 62  ? 0.8413 0.9014 0.9442 0.3056  0.0385  -0.0003 93  CYS A CA  
394 C C   . CYS A 62  ? 0.7242 0.8311 0.8254 0.2636  0.0411  -0.0088 93  CYS A C   
395 O O   . CYS A 62  ? 0.6494 0.8276 0.7677 0.2583  0.0362  -0.0053 93  CYS A O   
396 C CB  . CYS A 62  ? 0.9303 0.8904 1.0053 0.2962  0.0417  0.0022  93  CYS A CB  
397 S SG  . CYS A 62  ? 0.9637 0.8808 1.0116 0.2609  0.0326  0.0337  93  CYS A SG  
398 N N   . ARG A 63  ? 0.6628 0.7279 0.7440 0.2337  0.0474  -0.0193 94  ARG A N   
399 C CA  . ARG A 63  ? 0.5766 0.6767 0.6555 0.1974  0.0505  -0.0283 94  ARG A CA  
400 C C   . ARG A 63  ? 0.5124 0.6230 0.5862 0.1703  0.0416  -0.0095 94  ARG A C   
401 O O   . ARG A 63  ? 0.4910 0.6227 0.5637 0.1424  0.0430  -0.0145 94  ARG A O   
402 C CB  . ARG A 63  ? 0.5923 0.6489 0.6518 0.1780  0.0591  -0.0471 94  ARG A CB  
403 C CG  . ARG A 63  ? 0.6275 0.6851 0.6887 0.1969  0.0712  -0.0746 94  ARG A CG  
404 C CD  . ARG A 63  ? 0.6335 0.6558 0.6711 0.1718  0.0777  -0.0945 94  ARG A CD  
405 N NE  . ARG A 63  ? 0.6296 0.5871 0.6496 0.1532  0.0713  -0.0843 94  ARG A NE  
406 C CZ  . ARG A 63  ? 0.5924 0.5492 0.6020 0.1181  0.0664  -0.0778 94  ARG A CZ  
407 N NH1 . ARG A 63  ? 0.5527 0.5614 0.5653 0.0991  0.0663  -0.0794 94  ARG A NH1 
408 N NH2 . ARG A 63  ? 0.6056 0.5101 0.6034 0.1024  0.0617  -0.0691 94  ARG A NH2 
409 N N   . PHE A 64  ? 0.5114 0.6054 0.5804 0.1787  0.0328  0.0120  95  PHE A N   
410 C CA  . PHE A 64  ? 0.4925 0.5989 0.5550 0.1533  0.0264  0.0259  95  PHE A CA  
411 C C   . PHE A 64  ? 0.4630 0.6248 0.5380 0.1653  0.0174  0.0365  95  PHE A C   
412 O O   . PHE A 64  ? 0.5011 0.6626 0.5778 0.1933  0.0112  0.0493  95  PHE A O   
413 C CB  . PHE A 64  ? 0.5436 0.5909 0.5849 0.1445  0.0250  0.0420  95  PHE A CB  
414 C CG  . PHE A 64  ? 0.5870 0.5808 0.6167 0.1304  0.0322  0.0307  95  PHE A CG  
415 C CD1 . PHE A 64  ? 0.6795 0.6140 0.6995 0.1461  0.0350  0.0311  95  PHE A CD1 
416 C CD2 . PHE A 64  ? 0.5835 0.5866 0.6126 0.1017  0.0353  0.0189  95  PHE A CD2 
417 C CE1 . PHE A 64  ? 0.7225 0.6087 0.7312 0.1296  0.0411  0.0168  95  PHE A CE1 
418 C CE2 . PHE A 64  ? 0.6195 0.5816 0.6379 0.0870  0.0400  0.0073  95  PHE A CE2 
419 C CZ  . PHE A 64  ? 0.6960 0.6004 0.7036 0.0990  0.0431  0.0045  95  PHE A CZ  
420 N N   . ARG A 65  ? 0.3850 0.5937 0.4687 0.1443  0.0154  0.0313  96  ARG A N   
421 C CA  . ARG A 65  ? 0.3789 0.6475 0.4758 0.1512  0.0062  0.0362  96  ARG A CA  
422 C C   . ARG A 65  ? 0.3280 0.6064 0.4151 0.1261  0.0014  0.0408  96  ARG A C   
423 O O   . ARG A 65  ? 0.2886 0.5498 0.3715 0.1009  0.0070  0.0333  96  ARG A O   
424 C CB  . ARG A 65  ? 0.3798 0.7056 0.5018 0.1495  0.0098  0.0196  96  ARG A CB  
425 C CG  . ARG A 65  ? 0.4933 0.8121 0.6244 0.1721  0.0187  0.0089  96  ARG A CG  
426 C CD  . ARG A 65  ? 0.5117 0.8884 0.6650 0.1642  0.0267  -0.0082 96  ARG A CD  
427 N NE  . ARG A 65  ? 0.5580 1.0059 0.7385 0.1821  0.0211  -0.0085 96  ARG A NE  
428 C CZ  . ARG A 65  ? 0.5508 1.0527 0.7442 0.1642  0.0134  -0.0071 96  ARG A CZ  
429 N NH1 . ARG A 65  ? 0.5499 1.0353 0.7305 0.1306  0.0115  -0.0063 96  ARG A NH1 
430 N NH2 . ARG A 65  ? 0.5495 1.1224 0.7699 0.1803  0.0069  -0.0080 96  ARG A NH2 
431 N N   . VAL A 66  ? 0.2956 0.6036 0.3788 0.1342  -0.0090 0.0524  97  VAL A N   
432 C CA  . VAL A 66  ? 0.2812 0.6061 0.3549 0.1107  -0.0124 0.0512  97  VAL A CA  
433 C C   . VAL A 66  ? 0.2312 0.6253 0.3202 0.1101  -0.0219 0.0438  97  VAL A C   
434 O O   . VAL A 66  ? 0.2409 0.6679 0.3337 0.1331  -0.0320 0.0542  97  VAL A O   
435 C CB  . VAL A 66  ? 0.3410 0.6401 0.3874 0.1141  -0.0159 0.0712  97  VAL A CB  
436 C CG1 . VAL A 66  ? 0.3135 0.6416 0.3505 0.0932  -0.0187 0.0655  97  VAL A CG1 
437 C CG2 . VAL A 66  ? 0.3588 0.5906 0.3916 0.1081  -0.0060 0.0777  97  VAL A CG2 
438 N N   . THR A 67  ? 0.1882 0.6058 0.2880 0.0841  -0.0197 0.0260  98  THR A N   
439 C CA  . THR A 67  ? 0.1813 0.6657 0.2972 0.0779  -0.0288 0.0161  98  THR A CA  
440 C C   . THR A 67  ? 0.1997 0.6941 0.3059 0.0518  -0.0314 0.0043  98  THR A C   
441 O O   . THR A 67  ? 0.1744 0.6367 0.2793 0.0311  -0.0229 -0.0063 98  THR A O   
442 C CB  . THR A 67  ? 0.1622 0.6752 0.3062 0.0696  -0.0234 0.0024  98  THR A CB  
443 O OG1 . THR A 67  ? 0.1791 0.6840 0.3313 0.0961  -0.0189 0.0094  98  THR A OG1 
444 C CG2 . THR A 67  ? 0.1592 0.7514 0.3243 0.0615  -0.0340 -0.0078 98  THR A CG2 
445 N N   . GLN A 68  ? 0.2032 0.7440 0.3028 0.0538  -0.0436 0.0047  99  GLN A N   
446 C CA  . GLN A 68  ? 0.2001 0.7529 0.2882 0.0291  -0.0457 -0.0116 99  GLN A CA  
447 C C   . GLN A 68  ? 0.2071 0.7881 0.3203 0.0034  -0.0452 -0.0353 99  GLN A C   
448 O O   . GLN A 68  ? 0.1773 0.8113 0.3119 0.0057  -0.0524 -0.0378 99  GLN A O   
449 C CB  . GLN A 68  ? 0.2395 0.8404 0.3091 0.0379  -0.0605 -0.0046 99  GLN A CB  
450 C CG  . GLN A 68  ? 0.2741 0.8965 0.3306 0.0115  -0.0629 -0.0277 99  GLN A CG  
451 C CD  . GLN A 68  ? 0.3407 1.0095 0.3703 0.0188  -0.0769 -0.0197 99  GLN A CD  
452 O OE1 . GLN A 68  ? 0.3419 1.0623 0.3775 0.0351  -0.0919 -0.0077 99  GLN A OE1 
453 N NE2 . GLN A 68  ? 0.3788 1.0334 0.3783 0.0078  -0.0721 -0.0260 99  GLN A NE2 
454 N N   . LEU A 69  ? 0.1917 0.7395 0.3041 -0.0210 -0.0369 -0.0520 100 LEU A N   
455 C CA  . LEU A 69  ? 0.1821 0.7486 0.3169 -0.0486 -0.0363 -0.0725 100 LEU A CA  
456 C C   . LEU A 69  ? 0.1914 0.8099 0.3231 -0.0642 -0.0480 -0.0912 100 LEU A C   
457 O O   . LEU A 69  ? 0.2485 0.8796 0.3559 -0.0552 -0.0544 -0.0894 100 LEU A O   
458 C CB  . LEU A 69  ? 0.1967 0.7040 0.3333 -0.0668 -0.0245 -0.0818 100 LEU A CB  
459 C CG  . LEU A 69  ? 0.2019 0.6662 0.3411 -0.0535 -0.0149 -0.0638 100 LEU A CG  
460 C CD1 . LEU A 69  ? 0.2505 0.6622 0.3927 -0.0690 -0.0059 -0.0692 100 LEU A CD1 
461 C CD2 . LEU A 69  ? 0.1995 0.6953 0.3581 -0.0483 -0.0147 -0.0563 100 LEU A CD2 
462 N N   . PRO A 70  ? 0.2053 0.8567 0.3598 -0.0901 -0.0510 -0.1092 101 PRO A N   
463 C CA  . PRO A 70  ? 0.2228 0.9326 0.3761 -0.1076 -0.0642 -0.1294 101 PRO A CA  
464 C C   . PRO A 70  ? 0.2613 0.9464 0.3883 -0.1216 -0.0635 -0.1511 101 PRO A C   
465 O O   . PRO A 70  ? 0.2624 0.9963 0.3748 -0.1261 -0.0756 -0.1629 101 PRO A O   
466 C CB  . PRO A 70  ? 0.2292 0.9657 0.4151 -0.1384 -0.0636 -0.1444 101 PRO A CB  
467 C CG  . PRO A 70  ? 0.2135 0.9355 0.4187 -0.1250 -0.0534 -0.1233 101 PRO A CG  
468 C CD  . PRO A 70  ? 0.2096 0.8563 0.3922 -0.1041 -0.0431 -0.1085 101 PRO A CD  
469 N N   . ASN A 71  ? 0.3136 0.9281 0.4338 -0.1267 -0.0497 -0.1569 102 ASN A N   
470 C CA  . ASN A 71  ? 0.4007 0.9964 0.4975 -0.1365 -0.0472 -0.1810 102 ASN A CA  
471 C C   . ASN A 71  ? 0.4146 1.0282 0.4784 -0.1134 -0.0504 -0.1681 102 ASN A C   
472 O O   . ASN A 71  ? 0.4332 1.0556 0.4729 -0.1203 -0.0504 -0.1879 102 ASN A O   
473 C CB  . ASN A 71  ? 0.4228 0.9431 0.5249 -0.1447 -0.0322 -0.1921 102 ASN A CB  
474 C CG  . ASN A 71  ? 0.3802 0.8558 0.4794 -0.1203 -0.0221 -0.1654 102 ASN A CG  
475 O OD1 . ASN A 71  ? 0.3675 0.8590 0.4527 -0.0981 -0.0244 -0.1430 102 ASN A OD1 
476 N ND2 . ASN A 71  ? 0.4102 0.8286 0.5232 -0.1251 -0.0120 -0.1664 102 ASN A ND2 
477 N N   . GLY A 72  ? 0.3996 1.0179 0.4613 -0.0868 -0.0523 -0.1348 103 GLY A N   
478 C CA  . GLY A 72  ? 0.4053 1.0426 0.4358 -0.0658 -0.0570 -0.1157 103 GLY A CA  
479 C C   . GLY A 72  ? 0.3833 0.9656 0.3962 -0.0563 -0.0422 -0.1062 103 GLY A C   
480 O O   . GLY A 72  ? 0.3778 0.9628 0.3673 -0.0388 -0.0429 -0.0824 103 GLY A O   
481 N N   . ARG A 73  ? 0.3586 0.8917 0.3846 -0.0678 -0.0290 -0.1223 104 ARG A N   
482 C CA  A ARG A 73  ? 0.3632 0.8530 0.3782 -0.0605 -0.0149 -0.1171 104 ARG A CA  
483 C CA  B ARG A 73  ? 0.3561 0.8466 0.3704 -0.0598 -0.0150 -0.1159 104 ARG A CA  
484 C C   . ARG A 73  ? 0.3254 0.7682 0.3588 -0.0500 -0.0075 -0.0960 104 ARG A C   
485 O O   . ARG A 73  ? 0.3268 0.7434 0.3516 -0.0406 0.0012  -0.0823 104 ARG A O   
486 C CB  A ARG A 73  ? 0.3931 0.8647 0.4090 -0.0764 -0.0055 -0.1513 104 ARG A CB  
487 C CB  B ARG A 73  ? 0.3739 0.8492 0.3854 -0.0746 -0.0055 -0.1494 104 ARG A CB  
488 C CG  A ARG A 73  ? 0.4529 0.9700 0.4502 -0.0913 -0.0126 -0.1802 104 ARG A CG  
489 C CG  B ARG A 73  ? 0.3846 0.8224 0.4259 -0.0884 -0.0015 -0.1681 104 ARG A CG  
490 C CD  A ARG A 73  ? 0.4872 0.9772 0.4874 -0.1050 -0.0014 -0.2184 104 ARG A CD  
491 C CD  B ARG A 73  ? 0.4093 0.8298 0.4485 -0.1003 0.0070  -0.2042 104 ARG A CD  
492 N NE  A ARG A 73  ? 0.4806 0.9228 0.5145 -0.1143 0.0019  -0.2269 104 ARG A NE  
493 N NE  B ARG A 73  ? 0.4211 0.7957 0.4894 -0.1116 0.0101  -0.2158 104 ARG A NE  
494 C CZ  A ARG A 73  ? 0.4858 0.9290 0.5341 -0.1363 -0.0043 -0.2502 104 ARG A CZ  
495 C CZ  B ARG A 73  ? 0.4251 0.7554 0.5121 -0.1021 0.0166  -0.1978 104 ARG A CZ  
496 N NH1 A ARG A 73  ? 0.5008 0.9949 0.5342 -0.1518 -0.0150 -0.2711 104 ARG A NH1 
497 N NH1 B ARG A 73  ? 0.3803 0.7083 0.4611 -0.0837 0.0206  -0.1720 104 ARG A NH1 
498 N NH2 A ARG A 73  ? 0.4743 0.8688 0.5506 -0.1448 -0.0002 -0.2514 104 ARG A NH2 
499 N NH2 B ARG A 73  ? 0.4371 0.7258 0.5474 -0.1126 0.0181  -0.2043 104 ARG A NH2 
500 N N   . ASP A 74  ? 0.2848 0.7215 0.3429 -0.0542 -0.0107 -0.0948 105 ASP A N   
501 C CA  . ASP A 74  ? 0.2931 0.6922 0.3659 -0.0457 -0.0050 -0.0766 105 ASP A CA  
502 C C   . ASP A 74  ? 0.2577 0.6749 0.3308 -0.0285 -0.0115 -0.0538 105 ASP A C   
503 O O   . ASP A 74  ? 0.2657 0.7274 0.3430 -0.0270 -0.0214 -0.0548 105 ASP A O   
504 C CB  . ASP A 74  ? 0.2881 0.6633 0.3851 -0.0613 -0.0016 -0.0884 105 ASP A CB  
505 C CG  . ASP A 74  ? 0.3803 0.7270 0.4794 -0.0733 0.0051  -0.1102 105 ASP A CG  
506 O OD1 . ASP A 74  ? 0.4311 0.7661 0.5180 -0.0653 0.0115  -0.1120 105 ASP A OD1 
507 O OD2 . ASP A 74  ? 0.3967 0.7320 0.5114 -0.0905 0.0049  -0.1258 105 ASP A OD2 
508 N N   . PHE A 75  ? 0.2252 0.6084 0.2956 -0.0152 -0.0058 -0.0351 106 PHE A N   
509 C CA  . PHE A 75  ? 0.2696 0.6556 0.3417 0.0035  -0.0093 -0.0160 106 PHE A CA  
510 C C   . PHE A 75  ? 0.2354 0.5847 0.3202 0.0030  -0.0016 -0.0125 106 PHE A C   
511 O O   . PHE A 75  ? 0.2488 0.5628 0.3311 -0.0032 0.0054  -0.0128 106 PHE A O   
512 C CB  . PHE A 75  ? 0.2594 0.6334 0.3076 0.0195  -0.0100 0.0042  106 PHE A CB  
513 C CG  . PHE A 75  ? 0.2885 0.6990 0.3168 0.0193  -0.0171 0.0041  106 PHE A CG  
514 C CD1 . PHE A 75  ? 0.2826 0.6966 0.2999 0.0033  -0.0123 -0.0120 106 PHE A CD1 
515 C CD2 . PHE A 75  ? 0.3176 0.7648 0.3392 0.0358  -0.0294 0.0178  106 PHE A CD2 
516 C CE1 . PHE A 75  ? 0.3173 0.7710 0.3122 0.0011  -0.0187 -0.0153 106 PHE A CE1 
517 C CE2 . PHE A 75  ? 0.3241 0.8114 0.3234 0.0346  -0.0381 0.0188  106 PHE A CE2 
518 C CZ  . PHE A 75  ? 0.3359 0.8274 0.3201 0.0156  -0.0324 0.0012  106 PHE A CZ  
519 N N   . HIS A 76  ? 0.2203 0.5825 0.3182 0.0108  -0.0029 -0.0092 107 HIS A N   
520 C CA  . HIS A 76  ? 0.2296 0.5600 0.3330 0.0124  0.0044  -0.0050 107 HIS A CA  
521 C C   . HIS A 76  ? 0.2178 0.5241 0.3095 0.0331  0.0055  0.0092  107 HIS A C   
522 O O   . HIS A 76  ? 0.2323 0.5579 0.3234 0.0521  0.0005  0.0164  107 HIS A O   
523 C CB  . HIS A 76  ? 0.2461 0.6044 0.3688 0.0080  0.0056  -0.0113 107 HIS A CB  
524 C CG  . HIS A 76  ? 0.2673 0.6257 0.4012 -0.0174 0.0080  -0.0218 107 HIS A CG  
525 N ND1 . HIS A 76  ? 0.2786 0.6673 0.4295 -0.0300 0.0094  -0.0273 107 HIS A ND1 
526 C CD2 . HIS A 76  ? 0.2775 0.6079 0.4086 -0.0322 0.0095  -0.0272 107 HIS A CD2 
527 C CE1 . HIS A 76  ? 0.3182 0.6901 0.4741 -0.0532 0.0112  -0.0335 107 HIS A CE1 
528 N NE2 . HIS A 76  ? 0.2969 0.6326 0.4418 -0.0525 0.0109  -0.0345 107 HIS A NE2 
529 N N   . MET A 77  ? 0.2122 0.4757 0.2962 0.0294  0.0115  0.0128  108 MET A N   
530 C CA  . MET A 77  ? 0.2217 0.4528 0.2951 0.0439  0.0138  0.0231  108 MET A CA  
531 C C   . MET A 77  ? 0.2293 0.4478 0.3096 0.0410  0.0191  0.0159  108 MET A C   
532 O O   . MET A 77  ? 0.2616 0.4636 0.3422 0.0254  0.0221  0.0123  108 MET A O   
533 C CB  . MET A 77  ? 0.2299 0.4273 0.2891 0.0355  0.0168  0.0305  108 MET A CB  
534 C CG  . MET A 77  ? 0.3558 0.5562 0.3995 0.0433  0.0136  0.0437  108 MET A CG  
535 S SD  . MET A 77  ? 0.4384 0.6839 0.4823 0.0336  0.0095  0.0352  108 MET A SD  
536 C CE  . MET A 77  ? 0.4217 0.6613 0.4373 0.0395  0.0086  0.0558  108 MET A CE  
537 N N   . SER A 78  ? 0.2545 0.4849 0.3404 0.0572  0.0202  0.0133  109 SER A N   
538 C CA  . SER A 78  ? 0.2313 0.4602 0.3214 0.0534  0.0267  0.0037  109 SER A CA  
539 C C   . SER A 78  ? 0.2676 0.4635 0.3479 0.0702  0.0309  0.0021  109 SER A C   
540 O O   . SER A 78  ? 0.3111 0.5053 0.3921 0.0938  0.0290  0.0065  109 SER A O   
541 C CB  . SER A 78  ? 0.2168 0.4980 0.3250 0.0569  0.0279  -0.0034 109 SER A CB  
542 O OG  . SER A 78  ? 0.2340 0.5403 0.3514 0.0362  0.0250  -0.0051 109 SER A OG  
543 N N   . VAL A 79  ? 0.2819 0.4531 0.3536 0.0589  0.0358  -0.0050 110 VAL A N   
544 C CA  . VAL A 79  ? 0.3213 0.4650 0.3837 0.0712  0.0416  -0.0145 110 VAL A CA  
545 C C   . VAL A 79  ? 0.3454 0.5268 0.4156 0.0758  0.0486  -0.0281 110 VAL A C   
546 O O   . VAL A 79  ? 0.3196 0.5251 0.3910 0.0559  0.0505  -0.0304 110 VAL A O   
547 C CB  . VAL A 79  ? 0.3472 0.4532 0.3943 0.0519  0.0424  -0.0182 110 VAL A CB  
548 C CG1 . VAL A 79  ? 0.4299 0.4986 0.4642 0.0627  0.0479  -0.0314 110 VAL A CG1 
549 C CG2 . VAL A 79  ? 0.3861 0.4689 0.4298 0.0412  0.0371  -0.0051 110 VAL A CG2 
550 N N   . VAL A 80  ? 0.3738 0.5607 0.4492 0.1021  0.0533  -0.0364 111 VAL A N   
551 C CA  . VAL A 80  ? 0.3719 0.6030 0.4565 0.1071  0.0626  -0.0509 111 VAL A CA  
552 C C   . VAL A 80  ? 0.3989 0.6030 0.4643 0.1033  0.0711  -0.0682 111 VAL A C   
553 O O   . VAL A 80  ? 0.4119 0.5688 0.4666 0.1177  0.0727  -0.0760 111 VAL A O   
554 C CB  . VAL A 80  ? 0.4059 0.6668 0.5100 0.1402  0.0643  -0.0540 111 VAL A CB  
555 C CG1 . VAL A 80  ? 0.3970 0.7071 0.5118 0.1468  0.0770  -0.0720 111 VAL A CG1 
556 C CG2 . VAL A 80  ? 0.4007 0.6986 0.5222 0.1405  0.0538  -0.0383 111 VAL A CG2 
557 N N   . ARG A 81  ? 0.3793 0.6120 0.4383 0.0823  0.0765  -0.0739 112 ARG A N   
558 C CA  . ARG A 81  ? 0.4551 0.6711 0.4915 0.0762  0.0840  -0.0920 112 ARG A CA  
559 C C   . ARG A 81  ? 0.4267 0.5802 0.4437 0.0669  0.0774  -0.0931 112 ARG A C   
560 O O   . ARG A 81  ? 0.4608 0.5729 0.4682 0.0811  0.0807  -0.1078 112 ARG A O   
561 C CB  . ARG A 81  ? 0.5109 0.7466 0.5509 0.1023  0.0977  -0.1152 112 ARG A CB  
562 C CG  . ARG A 81  ? 0.5683 0.8798 0.6226 0.0990  0.1077  -0.1176 112 ARG A CG  
563 C CD  . ARG A 81  ? 0.6540 0.9931 0.7216 0.1324  0.1213  -0.1398 112 ARG A CD  
564 N NE  . ARG A 81  ? 0.7474 1.0416 0.8252 0.1652  0.1156  -0.1402 112 ARG A NE  
565 C CZ  . ARG A 81  ? 0.7749 1.0962 0.8820 0.1930  0.1125  -0.1327 112 ARG A CZ  
566 N NH1 . ARG A 81  ? 0.7534 1.1519 0.8858 0.1903  0.1154  -0.1282 112 ARG A NH1 
567 N NH2 . ARG A 81  ? 0.8136 1.0863 0.9249 0.2223  0.1058  -0.1284 112 ARG A NH2 
568 N N   . ALA A 82  ? 0.3651 0.5138 0.3780 0.0421  0.0683  -0.0780 113 ALA A N   
569 C CA  . ALA A 82  ? 0.3769 0.4793 0.3782 0.0288  0.0605  -0.0747 113 ALA A CA  
570 C C   . ALA A 82  ? 0.4284 0.5080 0.4066 0.0215  0.0640  -0.0963 113 ALA A C   
571 O O   . ALA A 82  ? 0.4512 0.5603 0.4175 0.0161  0.0699  -0.1085 113 ALA A O   
572 C CB  . ALA A 82  ? 0.3208 0.4375 0.3266 0.0057  0.0513  -0.0566 113 ALA A CB  
573 N N   . ARG A 83  ? 0.4566 0.4848 0.4269 0.0187  0.0608  -0.1011 114 ARG A N   
574 C CA  . ARG A 83  ? 0.5064 0.5056 0.4542 0.0087  0.0629  -0.1249 114 ARG A CA  
575 C C   . ARG A 83  ? 0.5126 0.4999 0.4555 -0.0195 0.0520  -0.1169 114 ARG A C   
576 O O   . ARG A 83  ? 0.4380 0.4263 0.3962 -0.0257 0.0450  -0.0946 114 ARG A O   
577 C CB  . ARG A 83  ? 0.5642 0.5061 0.5092 0.0279  0.0686  -0.1387 114 ARG A CB  
578 C CG  . ARG A 83  ? 0.6271 0.5828 0.5798 0.0607  0.0797  -0.1500 114 ARG A CG  
579 C CD  . ARG A 83  ? 0.7033 0.6021 0.6622 0.0854  0.0814  -0.1491 114 ARG A CD  
580 N NE  . ARG A 83  ? 0.7545 0.6716 0.7260 0.1222  0.0911  -0.1596 114 ARG A NE  
581 C CZ  . ARG A 83  ? 0.8334 0.7054 0.8127 0.1530  0.0931  -0.1592 114 ARG A CZ  
582 N NH1 . ARG A 83  ? 0.8846 0.6879 0.8563 0.1466  0.0869  -0.1473 114 ARG A NH1 
583 N NH2 . ARG A 83  ? 0.8657 0.7630 0.8613 0.1899  0.1014  -0.1689 114 ARG A NH2 
584 N N   . ARG A 84  ? 0.5453 0.5247 0.4672 -0.0370 0.0505  -0.1371 115 ARG A N   
585 C CA  . ARG A 84  ? 0.5830 0.5615 0.5030 -0.0650 0.0386  -0.1309 115 ARG A CA  
586 C C   . ARG A 84  ? 0.5760 0.5121 0.5086 -0.0703 0.0356  -0.1201 115 ARG A C   
587 O O   . ARG A 84  ? 0.5473 0.4989 0.4930 -0.0858 0.0272  -0.1024 115 ARG A O   
588 C CB  . ARG A 84  ? 0.6381 0.6173 0.5317 -0.0841 0.0363  -0.1576 115 ARG A CB  
589 C CG  . ARG A 84  ? 0.6609 0.6985 0.5457 -0.0974 0.0286  -0.1496 115 ARG A CG  
590 C CD  . ARG A 84  ? 0.7342 0.7857 0.5883 -0.0996 0.0350  -0.1779 115 ARG A CD  
591 N NE  . ARG A 84  ? 0.8150 0.8638 0.6474 -0.1261 0.0254  -0.1973 115 ARG A NE  
592 C CZ  . ARG A 84  ? 0.8774 0.9324 0.6774 -0.1324 0.0303  -0.2294 115 ARG A CZ  
593 N NH1 . ARG A 84  ? 0.9003 0.9643 0.6890 -0.1118 0.0465  -0.2445 115 ARG A NH1 
594 N NH2 . ARG A 84  ? 0.9193 0.9760 0.6989 -0.1596 0.0196  -0.2483 115 ARG A NH2 
595 N N   . ASN A 85  ? 0.6113 0.4943 0.5401 -0.0571 0.0432  -0.1296 116 ASN A N   
596 C CA  . ASN A 85  ? 0.6445 0.4857 0.5816 -0.0650 0.0413  -0.1155 116 ASN A CA  
597 C C   . ASN A 85  ? 0.5928 0.4428 0.5481 -0.0466 0.0423  -0.0873 116 ASN A C   
598 O O   . ASN A 85  ? 0.6230 0.4364 0.5815 -0.0469 0.0432  -0.0735 116 ASN A O   
599 C CB  . ASN A 85  ? 0.7678 0.5375 0.6907 -0.0642 0.0472  -0.1348 116 ASN A CB  
600 C CG  . ASN A 85  ? 0.8239 0.5653 0.7464 -0.0267 0.0567  -0.1393 116 ASN A CG  
601 O OD1 . ASN A 85  ? 0.8222 0.6017 0.7569 -0.0032 0.0584  -0.1264 116 ASN A OD1 
602 N ND2 . ASN A 85  ? 0.9043 0.5788 0.8147 -0.0209 0.0625  -0.1580 116 ASN A ND2 
603 N N   . ASP A 86  ? 0.5177 0.4171 0.4829 -0.0330 0.0419  -0.0786 117 ASP A N   
604 C CA  . ASP A 86  ? 0.4641 0.3836 0.4465 -0.0239 0.0402  -0.0535 117 ASP A CA  
605 C C   . ASP A 86  ? 0.4377 0.3847 0.4310 -0.0462 0.0330  -0.0404 117 ASP A C   
606 O O   . ASP A 86  ? 0.3925 0.3518 0.3982 -0.0433 0.0322  -0.0229 117 ASP A O   
607 C CB  . ASP A 86  ? 0.4458 0.4062 0.4369 -0.0036 0.0425  -0.0510 117 ASP A CB  
608 C CG  . ASP A 86  ? 0.4872 0.4305 0.4763 0.0249  0.0496  -0.0595 117 ASP A CG  
609 O OD1 . ASP A 86  ? 0.5533 0.4510 0.5390 0.0356  0.0508  -0.0549 117 ASP A OD1 
610 O OD2 . ASP A 86  ? 0.4921 0.4686 0.4839 0.0375  0.0542  -0.0693 117 ASP A OD2 
611 N N   . SER A 87  ? 0.4192 0.3808 0.4087 -0.0667 0.0276  -0.0497 118 SER A N   
612 C CA  . SER A 87  ? 0.3962 0.3890 0.4009 -0.0838 0.0200  -0.0376 118 SER A CA  
613 C C   . SER A 87  ? 0.4291 0.4020 0.4425 -0.0934 0.0218  -0.0264 118 SER A C   
614 O O   . SER A 87  ? 0.4569 0.3871 0.4598 -0.1008 0.0254  -0.0318 118 SER A O   
615 C CB  . SER A 87  ? 0.4293 0.4399 0.4273 -0.1043 0.0118  -0.0489 118 SER A CB  
616 O OG  . SER A 87  ? 0.4045 0.4357 0.3891 -0.0983 0.0110  -0.0577 118 SER A OG  
617 N N   . GLY A 88  ? 0.3738 0.3755 0.4054 -0.0940 0.0205  -0.0112 119 GLY A N   
618 C CA  . GLY A 88  ? 0.4114 0.4039 0.4506 -0.1062 0.0240  -0.0006 119 GLY A CA  
619 C C   . GLY A 88  ? 0.3580 0.3806 0.4119 -0.0954 0.0262  0.0127  119 GLY A C   
620 O O   . GLY A 88  ? 0.3203 0.3703 0.3826 -0.0851 0.0227  0.0120  119 GLY A O   
621 N N   . THR A 89  ? 0.3563 0.3734 0.4119 -0.0997 0.0324  0.0242  120 THR A N   
622 C CA  . THR A 89  ? 0.3484 0.3963 0.4151 -0.0907 0.0357  0.0329  120 THR A CA  
623 C C   . THR A 89  ? 0.3459 0.3735 0.3962 -0.0779 0.0411  0.0436  120 THR A C   
624 O O   . THR A 89  ? 0.4073 0.3952 0.4414 -0.0793 0.0434  0.0494  120 THR A O   
625 C CB  . THR A 89  ? 0.3536 0.4316 0.4390 -0.1071 0.0388  0.0367  120 THR A CB  
626 O OG1 . THR A 89  ? 0.4341 0.4881 0.5097 -0.1245 0.0453  0.0448  120 THR A OG1 
627 C CG2 . THR A 89  ? 0.3630 0.4666 0.4671 -0.1175 0.0305  0.0280  120 THR A CG2 
628 N N   . TYR A 90  ? 0.2884 0.3426 0.3428 -0.0650 0.0420  0.0462  121 TYR A N   
629 C CA  . TYR A 90  ? 0.3120 0.3579 0.3515 -0.0488 0.0430  0.0543  121 TYR A CA  
630 C C   . TYR A 90  ? 0.3329 0.4131 0.3760 -0.0482 0.0467  0.0579  121 TYR A C   
631 O O   . TYR A 90  ? 0.2832 0.3922 0.3442 -0.0535 0.0477  0.0490  121 TYR A O   
632 C CB  . TYR A 90  ? 0.3192 0.3720 0.3611 -0.0320 0.0374  0.0449  121 TYR A CB  
633 C CG  . TYR A 90  ? 0.3459 0.3688 0.3808 -0.0282 0.0355  0.0381  121 TYR A CG  
634 C CD1 . TYR A 90  ? 0.3181 0.3432 0.3592 -0.0385 0.0329  0.0262  121 TYR A CD1 
635 C CD2 . TYR A 90  ? 0.3875 0.3821 0.4092 -0.0124 0.0360  0.0428  121 TYR A CD2 
636 C CE1 . TYR A 90  ? 0.3608 0.3615 0.3920 -0.0358 0.0325  0.0160  121 TYR A CE1 
637 C CE2 . TYR A 90  ? 0.4174 0.3839 0.4331 -0.0063 0.0362  0.0320  121 TYR A CE2 
638 C CZ  . TYR A 90  ? 0.4064 0.3769 0.4256 -0.0193 0.0352  0.0171  121 TYR A CZ  
639 O OH  . TYR A 90  ? 0.4727 0.4184 0.4827 -0.0139 0.0367  0.0028  121 TYR A OH  
640 N N   . LEU A 91  ? 0.2937 0.3730 0.3193 -0.0404 0.0485  0.0700  122 LEU A N   
641 C CA  . LEU A 91  ? 0.3155 0.4333 0.3416 -0.0382 0.0513  0.0676  122 LEU A CA  
642 C C   . LEU A 91  ? 0.3258 0.4505 0.3344 -0.0228 0.0466  0.0750  122 LEU A C   
643 O O   . LEU A 91  ? 0.3231 0.4220 0.3208 -0.0113 0.0419  0.0854  122 LEU A O   
644 C CB  . LEU A 91  ? 0.3452 0.4790 0.3699 -0.0543 0.0615  0.0737  122 LEU A CB  
645 C CG  . LEU A 91  ? 0.3988 0.5111 0.4007 -0.0643 0.0674  0.0966  122 LEU A CG  
646 C CD1 . LEU A 91  ? 0.4367 0.5566 0.4113 -0.0529 0.0661  0.1116  122 LEU A CD1 
647 C CD2 . LEU A 91  ? 0.3835 0.5188 0.3941 -0.0856 0.0792  0.0979  122 LEU A CD2 
648 N N   . CYS A 92  ? 0.3165 0.4778 0.3239 -0.0208 0.0472  0.0675  123 CYS A N   
649 C CA  . CYS A 92  ? 0.3364 0.5134 0.3246 -0.0088 0.0416  0.0760  123 CYS A CA  
650 C C   . CYS A 92  ? 0.3712 0.5691 0.3384 -0.0171 0.0486  0.0859  123 CYS A C   
651 O O   . CYS A 92  ? 0.3741 0.5902 0.3485 -0.0297 0.0583  0.0755  123 CYS A O   
652 C CB  . CYS A 92  ? 0.3555 0.5608 0.3550 -0.0003 0.0338  0.0582  123 CYS A CB  
653 S SG  . CYS A 92  ? 0.4034 0.6437 0.4143 -0.0107 0.0384  0.0327  123 CYS A SG  
654 N N   . GLY A 93  ? 0.4034 0.5989 0.3443 -0.0094 0.0444  0.1082  124 GLY A N   
655 C CA  . GLY A 93  ? 0.4357 0.6518 0.3495 -0.0187 0.0515  0.1227  124 GLY A CA  
656 C C   . GLY A 93  ? 0.4709 0.7185 0.3623 -0.0052 0.0406  0.1299  124 GLY A C   
657 O O   . GLY A 93  ? 0.4811 0.7174 0.3720 0.0129  0.0281  0.1400  124 GLY A O   
658 N N   . ALA A 94  ? 0.4756 0.7680 0.3498 -0.0132 0.0450  0.1220  125 ALA A N   
659 C CA  . ALA A 94  ? 0.4908 0.8212 0.3392 -0.0037 0.0336  0.1286  125 ALA A CA  
660 C C   . ALA A 94  ? 0.5350 0.8710 0.3427 -0.0094 0.0379  0.1615  125 ALA A C   
661 O O   . ALA A 94  ? 0.5177 0.8565 0.3169 -0.0274 0.0542  0.1633  125 ALA A O   
662 C CB  . ALA A 94  ? 0.4841 0.8626 0.3376 -0.0100 0.0344  0.0932  125 ALA A CB  
663 N N   . ILE A 95  ? 0.5835 0.9240 0.3670 0.0062  0.0234  0.1890  126 ILE A N   
664 C CA  . ILE A 95  ? 0.6627 1.0062 0.4026 0.0025  0.0248  0.2271  126 ILE A CA  
665 C C   . ILE A 95  ? 0.7097 1.1201 0.4207 0.0070  0.0133  0.2236  126 ILE A C   
666 O O   . ILE A 95  ? 0.7150 1.1481 0.4359 0.0246  -0.0048 0.2159  126 ILE A O   
667 C CB  . ILE A 95  ? 0.7089 0.9970 0.4407 0.0207  0.0144  0.2690  126 ILE A CB  
668 C CG1 . ILE A 95  ? 0.6987 0.9221 0.4648 0.0215  0.0201  0.2625  126 ILE A CG1 
669 C CG2 . ILE A 95  ? 0.7414 1.0164 0.4291 0.0106  0.0200  0.3127  126 ILE A CG2 
670 C CD1 . ILE A 95  ? 0.7468 0.9232 0.5020 0.0001  0.0358  0.2842  126 ILE A CD1 
671 N N   . SER A 96  ? 0.7467 1.1940 0.4226 -0.0103 0.0240  0.2275  127 SER A N   
672 C CA  . SER A 96  ? 0.8431 1.3570 0.4839 -0.0088 0.0132  0.2249  127 SER A CA  
673 C C   . SER A 96  ? 0.9435 1.4605 0.5322 -0.0101 0.0113  0.2761  127 SER A C   
674 O O   . SER A 96  ? 0.9245 1.4074 0.5009 -0.0246 0.0278  0.3007  127 SER A O   
675 C CB  . SER A 96  ? 0.8468 1.4093 0.4849 -0.0287 0.0285  0.1805  127 SER A CB  
676 O OG  . SER A 96  ? 0.8840 1.4317 0.5188 -0.0476 0.0532  0.1843  127 SER A OG  
677 N N   . LEU A 97  ? 1.0479 1.6085 0.6063 0.0037  -0.0095 0.2932  128 LEU A N   
678 C CA  . LEU A 97  ? 1.1760 1.7468 0.6792 0.0042  -0.0147 0.3452  128 LEU A CA  
679 C C   . LEU A 97  ? 1.2463 1.8991 0.7034 -0.0140 -0.0105 0.3302  128 LEU A C   
680 O O   . LEU A 97  ? 1.2965 1.9600 0.7078 -0.0300 0.0017  0.3601  128 LEU A O   
681 C CB  . LEU A 97  ? 1.2159 1.7796 0.7145 0.0368  -0.0438 0.3824  128 LEU A CB  
682 C CG  . LEU A 97  ? 1.2039 1.7035 0.7521 0.0619  -0.0523 0.3849  128 LEU A CG  
683 C CD1 . LEU A 97  ? 1.2525 1.7640 0.7939 0.0973  -0.0814 0.4199  128 LEU A CD1 
684 C CD2 . LEU A 97  ? 1.2157 1.6282 0.7723 0.0538  -0.0345 0.4078  128 LEU A CD2 
685 N N   . ALA A 98  ? 1.2558 1.9660 0.7239 -0.0135 -0.0197 0.2831  129 ALA A N   
686 C CA  . ALA A 98  ? 1.3063 2.0968 0.7324 -0.0311 -0.0161 0.2571  129 ALA A CA  
687 C C   . ALA A 98  ? 1.3433 2.1371 0.7459 -0.0572 0.0157  0.2534  129 ALA A C   
688 O O   . ALA A 98  ? 1.3169 2.0642 0.7566 -0.0651 0.0365  0.2394  129 ALA A O   
689 C CB  . ALA A 98  ? 1.2488 2.0779 0.7055 -0.0340 -0.0219 0.1930  129 ALA A CB  
690 N N   . PRO A 99  ? 1.4120 2.2669 0.7529 -0.0710 0.0195  0.2658  130 PRO A N   
691 C CA  . PRO A 99  ? 1.4512 2.3142 0.7606 -0.0951 0.0494  0.2789  130 PRO A CA  
692 C C   . PRO A 99  ? 1.3915 2.2173 0.7499 -0.1078 0.0791  0.2465  130 PRO A C   
693 O O   . PRO A 99  ? 1.3754 2.2353 0.7507 -0.1161 0.0939  0.1897  130 PRO A O   
694 C CB  . PRO A 99  ? 1.4956 2.4514 0.7507 -0.1093 0.0523  0.2522  130 PRO A CB  
695 C CG  . PRO A 99  ? 1.5161 2.5056 0.7494 -0.0911 0.0154  0.2663  130 PRO A CG  
696 C CD  . PRO A 99  ? 1.4534 2.3831 0.7505 -0.0665 -0.0041 0.2646  130 PRO A CD  
697 N N   . LYS A 100 ? 1.3515 2.1084 0.7335 -0.1085 0.0865  0.2817  131 LYS A N   
698 C CA  . LYS A 100 ? 1.3541 2.0592 0.7196 -0.0960 0.0687  0.3458  131 LYS A CA  
699 C C   . LYS A 100 ? 1.2949 1.9145 0.7083 -0.0944 0.0757  0.3588  131 LYS A C   
700 O O   . LYS A 100 ? 1.3319 1.9267 0.7407 -0.1156 0.0969  0.3805  131 LYS A O   
701 C CB  . LYS A 100 ? 1.4307 2.1594 0.7280 -0.1116 0.0750  0.3998  131 LYS A CB  
702 C CG  . LYS A 100 ? 1.4768 2.1550 0.7506 -0.0936 0.0519  0.4681  131 LYS A CG  
703 N N   . LEU A 101 ? 1.1938 1.7734 0.6526 -0.0716 0.0583  0.3435  132 LEU A N   
704 C CA  . LEU A 101 ? 1.1419 1.6391 0.6410 -0.0668 0.0604  0.3575  132 LEU A CA  
705 C C   . LEU A 101 ? 1.0719 1.5525 0.6089 -0.0879 0.0857  0.3280  132 LEU A C   
706 O O   . LEU A 101 ? 1.0810 1.5756 0.5999 -0.1134 0.1080  0.3394  132 LEU A O   
707 C CB  . LEU A 101 ? 1.2139 1.6563 0.6818 -0.0657 0.0559  0.4231  132 LEU A CB  
708 C CG  . LEU A 101 ? 1.1969 1.5478 0.7038 -0.0593 0.0557  0.4352  132 LEU A CG  
709 C CD1 . LEU A 101 ? 1.1619 1.4835 0.6921 -0.0224 0.0294  0.4359  132 LEU A CD1 
710 C CD2 . LEU A 101 ? 1.2706 1.5664 0.7475 -0.0754 0.0646  0.4908  132 LEU A CD2 
711 N N   A GLN A 102 ? 0.9736 1.4281 0.5632 -0.0773 0.0820  0.2926  133 GLN A N   
712 N N   B GLN A 102 ? 0.9720 1.4283 0.5616 -0.0774 0.0821  0.2915  133 GLN A N   
713 C CA  A GLN A 102 ? 0.9212 1.3527 0.5528 -0.0920 0.1005  0.2690  133 GLN A CA  
714 C CA  B GLN A 102 ? 0.9178 1.3530 0.5498 -0.0921 0.1009  0.2665  133 GLN A CA  
715 C C   A GLN A 102 ? 0.8472 1.2396 0.5285 -0.0745 0.0885  0.2436  133 GLN A C   
716 C C   B GLN A 102 ? 0.8445 1.2396 0.5268 -0.0748 0.0890  0.2412  133 GLN A C   
717 O O   A GLN A 102 ? 0.8174 1.2190 0.5043 -0.0542 0.0703  0.2311  133 GLN A O   
718 O O   B GLN A 102 ? 0.8155 1.2212 0.5041 -0.0550 0.0713  0.2269  133 GLN A O   
719 C CB  A GLN A 102 ? 0.9107 1.4055 0.5461 -0.1079 0.1210  0.2300  133 GLN A CB  
720 C CB  B GLN A 102 ? 0.9059 1.4055 0.5406 -0.1077 0.1212  0.2272  133 GLN A CB  
721 C CG  A GLN A 102 ? 0.8595 1.3408 0.5436 -0.1186 0.1377  0.2033  133 GLN A CG  
722 C CG  B GLN A 102 ? 0.8791 1.4331 0.5073 -0.0965 0.1128  0.1880  133 GLN A CG  
723 C CD  A GLN A 102 ? 0.8859 1.3257 0.5737 -0.1379 0.1489  0.2377  133 GLN A CD  
724 C CD  B GLN A 102 ? 0.8787 1.4935 0.5020 -0.1113 0.1355  0.1514  133 GLN A CD  
725 O OE1 A GLN A 102 ? 0.9531 1.4013 0.6029 -0.1555 0.1589  0.2728  133 GLN A OE1 
726 O OE1 B GLN A 102 ? 0.8657 1.4841 0.5043 -0.1266 0.1576  0.1488  133 GLN A OE1 
727 N NE2 A GLN A 102 ? 0.8619 1.2579 0.5940 -0.1373 0.1474  0.2276  133 GLN A NE2 
728 N NE2 B GLN A 102 ? 0.8833 1.5487 0.4868 -0.1067 0.1303  0.1208  133 GLN A NE2 
729 N N   . ILE A 103 ? 0.8020 1.1553 0.5182 -0.0841 0.0985  0.2369  134 ILE A N   
730 C CA  . ILE A 103 ? 0.7844 1.1054 0.5453 -0.0709 0.0897  0.2120  134 ILE A CA  
731 C C   . ILE A 103 ? 0.7290 1.0782 0.5250 -0.0801 0.1029  0.1705  134 ILE A C   
732 O O   . ILE A 103 ? 0.7626 1.1284 0.5624 -0.0993 0.1212  0.1692  134 ILE A O   
733 C CB  . ILE A 103 ? 0.8147 1.0637 0.5876 -0.0718 0.0873  0.2367  134 ILE A CB  
734 C CG1 . ILE A 103 ? 0.7605 0.9874 0.5800 -0.0728 0.0889  0.2073  134 ILE A CG1 
735 C CG2 . ILE A 103 ? 0.8849 1.1193 0.6370 -0.0969 0.1026  0.2673  134 ILE A CG2 
736 C CD1 . ILE A 103 ? 0.7247 0.9096 0.5620 -0.0507 0.0723  0.2036  134 ILE A CD1 
737 N N   . LYS A 104 ? 0.6429 1.0003 0.4650 -0.0664 0.0940  0.1377  135 LYS A N   
738 C CA  . LYS A 104 ? 0.5908 0.9648 0.4493 -0.0703 0.1037  0.1006  135 LYS A CA  
739 C C   . LYS A 104 ? 0.5438 0.8765 0.4380 -0.0608 0.0932  0.0919  135 LYS A C   
740 O O   . LYS A 104 ? 0.5328 0.8547 0.4294 -0.0465 0.0783  0.0881  135 LYS A O   
741 C CB  . LYS A 104 ? 0.6087 1.0294 0.4635 -0.0653 0.1039  0.0667  135 LYS A CB  
742 C CG  . LYS A 104 ? 0.6905 1.1628 0.5142 -0.0769 0.1194  0.0637  135 LYS A CG  
743 C CD  . LYS A 104 ? 0.7678 1.2780 0.5638 -0.0706 0.1102  0.0467  135 LYS A CD  
744 C CE  . LYS A 104 ? 0.8038 1.2921 0.5923 -0.0568 0.0858  0.0648  135 LYS A CE  
745 N NZ  . LYS A 104 ? 0.8546 1.3852 0.5985 -0.0546 0.0751  0.0736  135 LYS A NZ  
746 N N   . GLU A 105 ? 0.4980 0.8130 0.4194 -0.0699 0.1010  0.0892  136 GLU A N   
747 C CA  . GLU A 105 ? 0.4717 0.7489 0.4218 -0.0634 0.0917  0.0835  136 GLU A CA  
748 C C   . GLU A 105 ? 0.3925 0.6854 0.3777 -0.0598 0.0932  0.0518  136 GLU A C   
749 O O   . GLU A 105 ? 0.3794 0.7060 0.3753 -0.0647 0.1053  0.0355  136 GLU A O   
750 C CB  . GLU A 105 ? 0.5106 0.7552 0.4669 -0.0775 0.0966  0.1024  136 GLU A CB  
751 C CG  . GLU A 105 ? 0.5678 0.8414 0.5461 -0.0929 0.1110  0.0915  136 GLU A CG  
752 C CD  . GLU A 105 ? 0.6420 0.9001 0.6146 -0.1151 0.1197  0.1148  136 GLU A CD  
753 O OE1 . GLU A 105 ? 0.6742 0.9555 0.6240 -0.1280 0.1319  0.1295  136 GLU A OE1 
754 O OE2 . GLU A 105 ? 0.6657 0.8885 0.6540 -0.1216 0.1146  0.1182  136 GLU A OE2 
755 N N   . SER A 106 ? 0.3259 0.5938 0.3292 -0.0503 0.0817  0.0443  137 SER A N   
756 C CA  . SER A 106 ? 0.2859 0.5576 0.3217 -0.0470 0.0810  0.0215  137 SER A CA  
757 C C   . SER A 106 ? 0.2949 0.5592 0.3533 -0.0562 0.0858  0.0257  137 SER A C   
758 O O   . SER A 106 ? 0.3165 0.5659 0.3652 -0.0669 0.0883  0.0445  137 SER A O   
759 C CB  . SER A 106 ? 0.2662 0.5146 0.3088 -0.0374 0.0676  0.0178  137 SER A CB  
760 O OG  . SER A 106 ? 0.2645 0.4807 0.3049 -0.0385 0.0626  0.0348  137 SER A OG  
761 N N   . LEU A 107 ? 0.2735 0.5476 0.3627 -0.0525 0.0862  0.0089  138 LEU A N   
762 C CA  . LEU A 107 ? 0.2600 0.5269 0.3733 -0.0588 0.0842  0.0132  138 LEU A CA  
763 C C   . LEU A 107 ? 0.2289 0.4573 0.3353 -0.0586 0.0718  0.0231  138 LEU A C   
764 O O   . LEU A 107 ? 0.2403 0.4529 0.3336 -0.0494 0.0648  0.0224  138 LEU A O   
765 C CB  . LEU A 107 ? 0.2452 0.5308 0.3932 -0.0497 0.0842  -0.0046 138 LEU A CB  
766 C CG  . LEU A 107 ? 0.2569 0.5835 0.4158 -0.0473 0.0990  -0.0188 138 LEU A CG  
767 C CD1 . LEU A 107 ? 0.3051 0.6440 0.5035 -0.0350 0.0972  -0.0327 138 LEU A CD1 
768 C CD2 . LEU A 107 ? 0.2698 0.6234 0.4225 -0.0638 0.1119  -0.0072 138 LEU A CD2 
769 N N   . ARG A 108 ? 0.2365 0.4535 0.3513 -0.0693 0.0695  0.0307  139 ARG A N   
770 C CA  . ARG A 108 ? 0.2434 0.4249 0.3490 -0.0687 0.0593  0.0358  139 ARG A CA  
771 C C   . ARG A 108 ? 0.2342 0.4154 0.3551 -0.0587 0.0501  0.0258  139 ARG A C   
772 O O   . ARG A 108 ? 0.2033 0.4061 0.3463 -0.0541 0.0502  0.0173  139 ARG A O   
773 C CB  . ARG A 108 ? 0.2495 0.4166 0.3569 -0.0859 0.0587  0.0429  139 ARG A CB  
774 C CG  . ARG A 108 ? 0.2998 0.4608 0.3922 -0.1010 0.0685  0.0566  139 ARG A CG  
775 C CD  . ARG A 108 ? 0.3141 0.4451 0.4032 -0.1188 0.0658  0.0617  139 ARG A CD  
776 N NE  . ARG A 108 ? 0.4170 0.5407 0.4958 -0.1393 0.0758  0.0760  139 ARG A NE  
777 C CZ  . ARG A 108 ? 0.4615 0.5594 0.5392 -0.1616 0.0755  0.0797  139 ARG A CZ  
778 N NH1 . ARG A 108 ? 0.4391 0.5200 0.5232 -0.1636 0.0652  0.0673  139 ARG A NH1 
779 N NH2 . ARG A 108 ? 0.4828 0.5720 0.5510 -0.1839 0.0857  0.0951  139 ARG A NH2 
780 N N   . ALA A 109 ? 0.2271 0.3839 0.3359 -0.0541 0.0430  0.0273  140 ALA A N   
781 C CA  . ALA A 109 ? 0.2201 0.3747 0.3389 -0.0501 0.0347  0.0222  140 ALA A CA  
782 C C   . ALA A 109 ? 0.2630 0.3980 0.3728 -0.0581 0.0301  0.0249  140 ALA A C   
783 O O   . ALA A 109 ? 0.3198 0.4332 0.4129 -0.0614 0.0330  0.0288  140 ALA A O   
784 C CB  . ALA A 109 ? 0.1917 0.3422 0.3027 -0.0398 0.0326  0.0187  140 ALA A CB  
785 N N   . GLU A 110 ? 0.2789 0.4193 0.3976 -0.0605 0.0226  0.0226  141 GLU A N   
786 C CA  . GLU A 110 ? 0.2889 0.4160 0.3971 -0.0697 0.0176  0.0210  141 GLU A CA  
787 C C   . GLU A 110 ? 0.2869 0.4054 0.3821 -0.0626 0.0143  0.0179  141 GLU A C   
788 O O   . GLU A 110 ? 0.2337 0.3643 0.3362 -0.0564 0.0117  0.0197  141 GLU A O   
789 C CB  . GLU A 110 ? 0.2729 0.4220 0.3979 -0.0800 0.0101  0.0213  141 GLU A CB  
790 C CG  . GLU A 110 ? 0.2905 0.4300 0.4012 -0.0929 0.0036  0.0162  141 GLU A CG  
791 C CD  . GLU A 110 ? 0.3085 0.4784 0.4357 -0.1038 -0.0069 0.0173  141 GLU A CD  
792 O OE1 . GLU A 110 ? 0.2933 0.4923 0.4471 -0.0988 -0.0089 0.0230  141 GLU A OE1 
793 O OE2 . GLU A 110 ? 0.3385 0.5057 0.4526 -0.1170 -0.0133 0.0107  141 GLU A OE2 
794 N N   . LEU A 111 ? 0.3084 0.4054 0.3851 -0.0643 0.0157  0.0126  142 LEU A N   
795 C CA  . LEU A 111 ? 0.3004 0.3957 0.3643 -0.0590 0.0146  0.0069  142 LEU A CA  
796 C C   . LEU A 111 ? 0.3371 0.4311 0.3913 -0.0722 0.0092  -0.0001 142 LEU A C   
797 O O   . LEU A 111 ? 0.3472 0.4219 0.3949 -0.0818 0.0100  -0.0061 142 LEU A O   
798 C CB  . LEU A 111 ? 0.2808 0.3549 0.3310 -0.0469 0.0213  0.0021  142 LEU A CB  
799 C CG  . LEU A 111 ? 0.2813 0.3589 0.3198 -0.0401 0.0233  -0.0072 142 LEU A CG  
800 C CD1 . LEU A 111 ? 0.2250 0.3326 0.2720 -0.0380 0.0223  -0.0023 142 LEU A CD1 
801 C CD2 . LEU A 111 ? 0.3221 0.3804 0.3534 -0.0232 0.0296  -0.0117 142 LEU A CD2 
802 N N   . ARG A 112 ? 0.3077 0.4219 0.3597 -0.0748 0.0033  0.0014  143 ARG A N   
803 C CA  . ARG A 112 ? 0.3386 0.4579 0.3741 -0.0867 -0.0025 -0.0069 143 ARG A CA  
804 C C   . ARG A 112 ? 0.3482 0.4689 0.3637 -0.0809 0.0027  -0.0148 143 ARG A C   
805 O O   . ARG A 112 ? 0.2813 0.4189 0.2993 -0.0752 0.0040  -0.0058 143 ARG A O   
806 C CB  . ARG A 112 ? 0.3669 0.5159 0.4122 -0.0944 -0.0147 0.0045  143 ARG A CB  
807 C CG  . ARG A 112 ? 0.3215 0.4807 0.3902 -0.1000 -0.0200 0.0098  143 ARG A CG  
808 C CD  . ARG A 112 ? 0.3282 0.5207 0.4082 -0.1060 -0.0347 0.0196  143 ARG A CD  
809 N NE  . ARG A 112 ? 0.2720 0.4790 0.3825 -0.1054 -0.0360 0.0245  143 ARG A NE  
810 C CZ  . ARG A 112 ? 0.2855 0.5215 0.4212 -0.0993 -0.0456 0.0366  143 ARG A CZ  
811 N NH1 . ARG A 112 ? 0.2334 0.4835 0.3655 -0.0944 -0.0572 0.0492  143 ARG A NH1 
812 N NH2 . ARG A 112 ? 0.2598 0.5122 0.4246 -0.0976 -0.0431 0.0370  143 ARG A NH2 
813 N N   . VAL A 113 ? 0.3205 0.4225 0.3169 -0.0829 0.0072  -0.0327 144 VAL A N   
814 C CA  . VAL A 113 ? 0.3641 0.4729 0.3418 -0.0760 0.0145  -0.0442 144 VAL A CA  
815 C C   . VAL A 113 ? 0.3949 0.5206 0.3493 -0.0914 0.0089  -0.0545 144 VAL A C   
816 O O   . VAL A 113 ? 0.4443 0.5523 0.3850 -0.1008 0.0076  -0.0726 144 VAL A O   
817 C CB  . VAL A 113 ? 0.3907 0.4679 0.3622 -0.0613 0.0255  -0.0605 144 VAL A CB  
818 C CG1 . VAL A 113 ? 0.3964 0.4904 0.3533 -0.0515 0.0349  -0.0746 144 VAL A CG1 
819 C CG2 . VAL A 113 ? 0.3647 0.4310 0.3561 -0.0463 0.0287  -0.0477 144 VAL A CG2 
820 N N   . THR A 114 ? 0.3836 0.5425 0.3315 -0.0952 0.0057  -0.0428 145 THR A N   
821 C CA  . THR A 114 ? 0.4326 0.6176 0.3560 -0.1107 -0.0024 -0.0454 145 THR A CA  
822 C C   . THR A 114 ? 0.4651 0.6518 0.3588 -0.1102 0.0086  -0.0716 145 THR A C   
823 O O   . THR A 114 ? 0.4560 0.6500 0.3482 -0.0978 0.0219  -0.0749 145 THR A O   
824 C CB  . THR A 114 ? 0.4283 0.6445 0.3520 -0.1126 -0.0068 -0.0194 145 THR A CB  
825 O OG1 . THR A 114 ? 0.4407 0.6547 0.3924 -0.1107 -0.0170 0.0034  145 THR A OG1 
826 C CG2 . THR A 114 ? 0.5098 0.7576 0.4022 -0.1275 -0.0147 -0.0176 145 THR A CG2 
827 N N   . GLU A 115 ? 0.4647 0.6496 0.3357 -0.1240 0.0037  -0.0920 146 GLU A N   
828 C CA  A GLU A 115 ? 0.5173 0.7082 0.3553 -0.1257 0.0136  -0.1213 146 GLU A CA  
829 C CA  B GLU A 115 ? 0.5143 0.7030 0.3539 -0.1238 0.0148  -0.1213 146 GLU A CA  
830 C C   . GLU A 115 ? 0.5333 0.7684 0.3536 -0.1254 0.0197  -0.1110 146 GLU A C   
831 O O   . GLU A 115 ? 0.5180 0.7813 0.3387 -0.1348 0.0086  -0.0825 146 GLU A O   
832 C CB  A GLU A 115 ? 0.5207 0.7182 0.3332 -0.1485 0.0016  -0.1395 146 GLU A CB  
833 C CB  B GLU A 115 ? 0.5323 0.7148 0.3477 -0.1437 0.0063  -0.1466 146 GLU A CB  
834 C CG  A GLU A 115 ? 0.4983 0.6660 0.3283 -0.1595 -0.0089 -0.1433 146 GLU A CG  
835 C CG  B GLU A 115 ? 0.5005 0.7295 0.2967 -0.1643 -0.0105 -0.1342 146 GLU A CG  
836 C CD  A GLU A 115 ? 0.4440 0.6397 0.2954 -0.1697 -0.0275 -0.1127 146 GLU A CD  
837 C CD  B GLU A 115 ? 0.5554 0.7867 0.3232 -0.1860 -0.0186 -0.1646 146 GLU A CD  
838 O OE1 A GLU A 115 ? 0.4015 0.5939 0.2823 -0.1564 -0.0267 -0.0874 146 GLU A OE1 
839 O OE1 B GLU A 115 ? 0.5828 0.8214 0.3154 -0.1892 -0.0091 -0.1944 146 GLU A OE1 
840 O OE2 A GLU A 115 ? 0.4646 0.6867 0.3047 -0.1902 -0.0432 -0.1165 146 GLU A OE2 
841 O OE2 B GLU A 115 ? 0.5666 0.7974 0.3481 -0.2013 -0.0346 -0.1600 146 GLU A OE2 
842 N N   . ARG A 116 ? 0.6138 0.8564 0.4180 -0.1154 0.0374  -0.1338 147 ARG A N   
843 C CA  . ARG A 116 ? 0.6641 0.9560 0.4443 -0.1210 0.0453  -0.1283 147 ARG A CA  
844 C C   . ARG A 116 ? 0.7167 1.0307 0.4531 -0.1389 0.0416  -0.1499 147 ARG A C   
845 O O   . ARG A 116 ? 0.7965 1.1110 0.5117 -0.1336 0.0563  -0.1860 147 ARG A O   
846 C CB  . ARG A 116 ? 0.7303 1.0322 0.5154 -0.1015 0.0682  -0.1457 147 ARG A CB  
847 C CG  . ARG A 116 ? 0.7674 1.0796 0.5859 -0.0907 0.0735  -0.1191 147 ARG A CG  
848 C CD  . ARG A 116 ? 0.8152 1.1595 0.6371 -0.0754 0.0959  -0.1350 147 ARG A CD  
849 N NE  . ARG A 116 ? 0.8102 1.1480 0.6721 -0.0584 0.0993  -0.1226 147 ARG A NE  
850 C CZ  . ARG A 116 ? 0.8433 1.2077 0.7215 -0.0403 0.1159  -0.1343 147 ARG A CZ  
851 N NH1 . ARG A 116 ? 0.8921 1.2914 0.7514 -0.0353 0.1333  -0.1598 147 ARG A NH1 
852 N NH2 . ARG A 116 ? 0.8218 1.1837 0.7357 -0.0271 0.1152  -0.1216 147 ARG A NH2 
853 N N   . ARG A 117 ? 0.6828 1.0176 0.4058 -0.1587 0.0218  -0.1295 148 ARG A N   
854 C CA  . ARG A 117 ? 0.6990 1.0598 0.3791 -0.1788 0.0133  -0.1489 148 ARG A CA  
855 C C   . ARG A 117 ? 0.7502 1.1644 0.3914 -0.1862 0.0237  -0.1454 148 ARG A C   
856 O O   . ARG A 117 ? 0.7495 1.1918 0.3910 -0.1911 0.0187  -0.1059 148 ARG A O   
857 C CB  . ARG A 117 ? 0.6314 1.0012 0.3175 -0.1948 -0.0141 -0.1246 148 ARG A CB  
858 C CG  . ARG A 117 ? 0.6822 1.0769 0.3302 -0.2175 -0.0278 -0.1474 148 ARG A CG  
859 C CD  . ARG A 117 ? 0.6179 1.0239 0.2834 -0.2302 -0.0559 -0.1246 148 ARG A CD  
860 N NE  . ARG A 117 ? 0.5747 0.9354 0.2841 -0.2238 -0.0576 -0.1287 148 ARG A NE  
861 C CZ  . ARG A 117 ? 0.5490 0.9152 0.2894 -0.2281 -0.0767 -0.1066 148 ARG A CZ  
862 N NH1 . ARG A 117 ? 0.5241 0.8508 0.3006 -0.2236 -0.0738 -0.1126 148 ARG A NH1 
863 N NH2 . ARG A 117 ? 0.5513 0.9650 0.2875 -0.2359 -0.0983 -0.0777 148 ARG A NH2 
864 N N   . ALA A 118 ? 0.8145 1.2416 0.4214 -0.1874 0.0391  -0.1866 149 ALA A N   
865 C CA  . ALA A 118 ? 0.8547 1.3351 0.4275 -0.1915 0.0560  -0.1874 149 ALA A CA  
866 C C   . ALA A 118 ? 0.8857 1.4194 0.4108 -0.2176 0.0413  -0.1685 149 ALA A C   
867 O O   . ALA A 118 ? 0.9103 1.4438 0.4201 -0.2324 0.0197  -0.1728 149 ALA A O   
868 C CB  . ALA A 118 ? 0.9223 1.3999 0.4779 -0.1793 0.0806  -0.2415 149 ALA A CB  
869 O O   . HOH B .   ? 0.4379 0.6715 0.3946 -0.1068 -0.0082 0.0381  1   HOH A O   
870 O O   . HOH B .   ? 0.3783 0.5243 0.5774 -0.0229 0.0026  0.0260  2   HOH A O   
871 O O   . HOH B .   ? 0.4211 0.5726 0.5233 -0.0641 -0.0076 0.0585  3   HOH A O   
872 O O   . HOH B .   ? 0.4346 0.6642 0.5438 -0.0326 0.0348  -0.0563 4   HOH A O   
873 O O   . HOH B .   ? 0.3087 0.5151 0.4368 -0.0448 0.0201  -0.0101 5   HOH A O   
874 O O   . HOH B .   ? 0.3190 0.8625 0.4817 0.1659  -0.0342 0.0343  6   HOH A O   
875 O O   . HOH B .   ? 0.7231 0.6607 0.5151 0.0950  0.0006  0.3395  7   HOH A O   
876 O O   . HOH B .   ? 0.4461 0.6933 0.5657 -0.0295 0.0662  -0.0238 8   HOH A O   
877 O O   . HOH B .   ? 0.3637 0.9932 0.4776 0.1081  -0.0682 0.0323  9   HOH A O   
878 O O   . HOH B .   ? 0.3052 0.5185 0.4561 -0.0324 0.0512  -0.0061 10  HOH A O   
879 O O   . HOH B .   ? 0.5662 0.6837 0.5132 0.0492  0.0956  -0.1620 11  HOH A O   
880 O O   . HOH B .   ? 0.7120 0.5921 0.6871 -0.1372 0.0217  -0.0725 12  HOH A O   
881 O O   . HOH B .   ? 0.5236 0.7817 0.6019 -0.1061 0.1034  0.0613  13  HOH A O   
882 O O   . HOH B .   ? 0.4654 0.7790 0.5834 -0.0348 0.0428  -0.0058 14  HOH A O   
883 O O   . HOH B .   ? 0.3916 0.9017 0.5465 -0.1379 -0.0267 -0.1419 15  HOH A O   
884 O O   . HOH B .   ? 0.4126 0.6721 0.6048 -0.0607 0.0570  0.0115  16  HOH A O   
885 O O   . HOH B .   ? 0.2525 1.0258 0.4083 0.0336  -0.0819 -0.0284 17  HOH A O   
886 O O   . HOH B .   ? 0.4158 1.1728 0.5196 0.1073  -0.1017 0.0332  18  HOH A O   
887 O O   . HOH B .   ? 0.6496 0.8960 0.7928 -0.0677 0.0208  -0.0144 19  HOH A O   
888 O O   . HOH B .   ? 0.2394 0.7353 0.4130 0.0000  -0.0004 -0.0275 20  HOH A O   
889 O O   . HOH B .   ? 0.3289 0.6074 0.4830 -0.0986 0.0867  0.0331  21  HOH A O   
890 O O   . HOH B .   ? 0.3044 0.4029 0.3686 -0.1199 -0.0031 -0.0087 22  HOH A O   
891 O O   . HOH B .   ? 0.4167 0.5586 0.6177 -0.0174 0.0217  -0.0104 23  HOH A O   
892 O O   . HOH B .   ? 0.4386 0.7434 0.5357 -0.0335 0.0889  -0.0387 24  HOH A O   
893 O O   . HOH B .   ? 0.3822 0.5697 0.5650 -0.0155 0.0430  -0.0374 25  HOH A O   
894 O O   . HOH B .   ? 0.4965 0.7193 0.6323 -0.1489 -0.0329 0.0062  26  HOH A O   
895 O O   . HOH B .   ? 0.2728 0.9582 0.4676 -0.0211 -0.0433 -0.0555 27  HOH A O   
896 O O   . HOH B .   ? 0.3815 0.5969 0.4765 -0.0474 0.0297  0.0115  28  HOH A O   
897 O O   . HOH B .   ? 0.4667 0.8226 0.5307 -0.0499 0.0725  -0.0134 29  HOH A O   
898 O O   . HOH B .   ? 0.5073 0.6875 0.5678 -0.1426 0.0997  0.0941  30  HOH A O   
899 O O   . HOH B .   ? 0.2666 0.8671 0.4754 0.0967  -0.0074 -0.0118 31  HOH A O   
900 O O   . HOH B .   ? 0.2631 0.4771 0.4508 -0.0594 0.0234  0.0206  161 HOH A O   
901 O O   . HOH B .   ? 0.4608 0.9280 0.6005 0.0781  0.0927  -0.0713 162 HOH A O   
902 O O   . HOH B .   ? 0.6352 0.6737 0.7228 -0.2283 0.0650  0.0646  163 HOH A O   
903 O O   . HOH B .   ? 0.2368 0.4360 0.4000 -0.0930 0.0328  0.0269  164 HOH A O   
# 
